data_3NIR
# 
_entry.id   3NIR 
# 
_audit_conform.dict_name       mmcif_pdbx.dic 
_audit_conform.dict_version    5.399 
_audit_conform.dict_location   http://mmcif.pdb.org/dictionaries/ascii/mmcif_pdbx.dic 
# 
loop_
_database_2.database_id 
_database_2.database_code 
_database_2.pdbx_database_accession 
_database_2.pdbx_DOI 
PDB   3NIR         pdb_00003nir 10.2210/pdb3nir/pdb 
RCSB  RCSB059880   ?            ?                   
WWPDB D_1000059880 ?            ?                   
# 
loop_
_pdbx_audit_revision_history.ordinal 
_pdbx_audit_revision_history.data_content_type 
_pdbx_audit_revision_history.major_revision 
_pdbx_audit_revision_history.minor_revision 
_pdbx_audit_revision_history.revision_date 
1 'Structure model' 1 0 2011-05-18 
2 'Structure model' 1 1 2011-07-13 
3 'Structure model' 1 2 2016-03-02 
4 'Structure model' 1 3 2017-11-08 
5 'Structure model' 1 4 2018-01-24 
6 'Structure model' 1 5 2018-04-04 
7 'Structure model' 1 6 2023-09-06 
8 'Structure model' 1 7 2024-11-20 
# 
_pdbx_audit_revision_details.ordinal             1 
_pdbx_audit_revision_details.revision_ordinal    1 
_pdbx_audit_revision_details.data_content_type   'Structure model' 
_pdbx_audit_revision_details.provider            repository 
_pdbx_audit_revision_details.type                'Initial release' 
_pdbx_audit_revision_details.description         ? 
_pdbx_audit_revision_details.details             ? 
# 
loop_
_pdbx_audit_revision_group.ordinal 
_pdbx_audit_revision_group.revision_ordinal 
_pdbx_audit_revision_group.data_content_type 
_pdbx_audit_revision_group.group 
1  2 'Structure model' 'Version format compliance' 
2  3 'Structure model' 'Database references'       
3  4 'Structure model' 'Refinement description'    
4  5 'Structure model' 'Database references'       
5  6 'Structure model' 'Data collection'           
6  7 'Structure model' 'Data collection'           
7  7 'Structure model' 'Database references'       
8  7 'Structure model' 'Derived calculations'      
9  7 'Structure model' 'Refinement description'    
10 8 'Structure model' 'Structure summary'         
# 
loop_
_pdbx_audit_revision_category.ordinal 
_pdbx_audit_revision_category.revision_ordinal 
_pdbx_audit_revision_category.data_content_type 
_pdbx_audit_revision_category.category 
1  4 'Structure model' software                      
2  5 'Structure model' citation                      
3  6 'Structure model' diffrn_source                 
4  7 'Structure model' chem_comp_atom                
5  7 'Structure model' chem_comp_bond                
6  7 'Structure model' database_2                    
7  7 'Structure model' pdbx_initial_refinement_model 
8  7 'Structure model' struct_ref_seq_dif            
9  7 'Structure model' struct_site                   
10 8 'Structure model' pdbx_entry_details            
11 8 'Structure model' pdbx_modification_feature     
# 
loop_
_pdbx_audit_revision_item.ordinal 
_pdbx_audit_revision_item.revision_ordinal 
_pdbx_audit_revision_item.data_content_type 
_pdbx_audit_revision_item.item 
1  4 'Structure model' '_software.name'                       
2  5 'Structure model' '_citation.pdbx_database_id_DOI'       
3  5 'Structure model' '_citation.pdbx_database_id_PubMed'    
4  6 'Structure model' '_diffrn_source.pdbx_synchrotron_site' 
5  6 'Structure model' '_diffrn_source.type'                  
6  7 'Structure model' '_database_2.pdbx_DOI'                 
7  7 'Structure model' '_database_2.pdbx_database_accession'  
8  7 'Structure model' '_struct_ref_seq_dif.details'          
9  7 'Structure model' '_struct_site.pdbx_auth_asym_id'       
10 7 'Structure model' '_struct_site.pdbx_auth_comp_id'       
11 7 'Structure model' '_struct_site.pdbx_auth_seq_id'        
# 
_pdbx_database_status.status_code                     REL 
_pdbx_database_status.entry_id                        3NIR 
_pdbx_database_status.recvd_initial_deposition_date   2010-06-16 
_pdbx_database_status.deposit_site                    RCSB 
_pdbx_database_status.process_site                    RCSB 
_pdbx_database_status.status_code_sf                  REL 
_pdbx_database_status.status_code_mr                  ? 
_pdbx_database_status.SG_entry                        ? 
_pdbx_database_status.status_code_cs                  ? 
_pdbx_database_status.methods_development_category    ? 
_pdbx_database_status.pdb_format_compatible           Y 
_pdbx_database_status.status_code_nmr_data            ? 
# 
loop_
_pdbx_database_related.db_name 
_pdbx_database_related.db_id 
_pdbx_database_related.details 
_pdbx_database_related.content_type 
PDB 1EJG 'CRAMBIN TO 0.54 A RESOLUTION' unspecified 
PDB 1CRN 'CRAMBIN AT ROOM TEMPERATURE'  unspecified 
PDB 1CNR 'CRAMBIN, PURE P22/ L25 FORM'  unspecified 
PDB 1CBN 'CRAMBIN TO 0.83 A RESOLUTION' unspecified 
PDB 1AB1 'CRAMBIN, PURE S22 / I25 FORM' unspecified 
# 
loop_
_audit_author.name 
_audit_author.pdbx_ordinal 
_audit_author.identifier_ORCID 
'Schmidt, A.'  1 ? 
'Teeter, M.'   2 ? 
'Weckert, E.'  3 ? 
'Lamzin, V.S.' 4 ? 
# 
loop_
_citation.id 
_citation.title 
_citation.journal_abbrev 
_citation.journal_volume 
_citation.page_first 
_citation.page_last 
_citation.year 
_citation.journal_id_ASTM 
_citation.country 
_citation.journal_id_ISSN 
_citation.journal_id_CSD 
_citation.book_publisher 
_citation.pdbx_database_id_PubMed 
_citation.pdbx_database_id_DOI 
primary 'Crystal structure of small protein crambin at 0.48 A resolution'                                      
'Acta Crystallogr.,Sect.F' 67 424  429  2011 ?      DK 1744-3091 ?    ? 21505232 10.1107/S1744309110052607 
1       'Accurate protein crystallography at ultra-high resolution: valence electron distribution in crambin.' 
Proc.Natl.Acad.Sci.USA     97 3171 3176 2000 PNASA6 US 0027-8424 0040 ? 10737790 ?                         
# 
loop_
_citation_author.citation_id 
_citation_author.name 
_citation_author.ordinal 
_citation_author.identifier_ORCID 
primary 'Schmidt, A.'      1  ? 
primary 'Teeter, M.'       2  ? 
primary 'Weckert, E.'      3  ? 
primary 'Lamzin, V.S.'     4  ? 
1       'Jelsch, C.'       5  ? 
1       'Teeter, M.M.'     6  ? 
1       'Lamzin, V.S.'     7  ? 
1       'Pichon-Pesme, V.' 8  ? 
1       'Blessing, R.H.'   9  ? 
1       'Lecomte, C.'      10 ? 
# 
loop_
_entity.id 
_entity.type 
_entity.src_method 
_entity.pdbx_description 
_entity.formula_weight 
_entity.pdbx_number_of_molecules 
_entity.pdbx_ec 
_entity.pdbx_mutation 
_entity.pdbx_fragment 
_entity.details 
1 polymer     nat Crambin 4738.447 1  ? ? ? ? 
2 non-polymer syn ETHANOL 46.068   4  ? ? ? ? 
3 water       nat water   18.015   98 ? ? ? ? 
# 
_entity_poly.entity_id                      1 
_entity_poly.type                           'polypeptide(L)' 
_entity_poly.nstd_linkage                   no 
_entity_poly.nstd_monomer                   no 
_entity_poly.pdbx_seq_one_letter_code       TTCCPSIVARSNFNVCRLPGTPEALCATYTGCIIIPGATCPGDYAN 
_entity_poly.pdbx_seq_one_letter_code_can   TTCCPSIVARSNFNVCRLPGTPEALCATYTGCIIIPGATCPGDYAN 
_entity_poly.pdbx_strand_id                 A 
_entity_poly.pdbx_target_identifier         ? 
# 
loop_
_pdbx_entity_nonpoly.entity_id 
_pdbx_entity_nonpoly.name 
_pdbx_entity_nonpoly.comp_id 
2 ETHANOL EOH 
3 water   HOH 
# 
loop_
_entity_poly_seq.entity_id 
_entity_poly_seq.num 
_entity_poly_seq.mon_id 
_entity_poly_seq.hetero 
1 1  THR n 
1 2  THR n 
1 3  CYS n 
1 4  CYS n 
1 5  PRO n 
1 6  SER n 
1 7  ILE n 
1 8  VAL n 
1 9  ALA n 
1 10 ARG n 
1 11 SER n 
1 12 ASN n 
1 13 PHE n 
1 14 ASN n 
1 15 VAL n 
1 16 CYS n 
1 17 ARG n 
1 18 LEU n 
1 19 PRO n 
1 20 GLY n 
1 21 THR n 
1 22 PRO y 
1 22 SER y 
1 23 GLU n 
1 24 ALA n 
1 25 LEU y 
1 25 ILE y 
1 26 CYS n 
1 27 ALA n 
1 28 THR n 
1 29 TYR n 
1 30 THR n 
1 31 GLY n 
1 32 CYS n 
1 33 ILE n 
1 34 ILE n 
1 35 ILE n 
1 36 PRO n 
1 37 GLY n 
1 38 ALA n 
1 39 THR n 
1 40 CYS n 
1 41 PRO n 
1 42 GLY n 
1 43 ASP n 
1 44 TYR n 
1 45 ALA n 
1 46 ASN n 
# 
_entity_src_nat.entity_id                  1 
_entity_src_nat.pdbx_src_id                1 
_entity_src_nat.pdbx_alt_source_flag       sample 
_entity_src_nat.pdbx_beg_seq_num           ? 
_entity_src_nat.pdbx_end_seq_num           ? 
_entity_src_nat.common_name                'Abyssinian crambe, Abyssinian kale' 
_entity_src_nat.pdbx_organism_scientific   'Crambe hispanica' 
_entity_src_nat.pdbx_ncbi_taxonomy_id      3721 
_entity_src_nat.genus                      ? 
_entity_src_nat.species                    ? 
_entity_src_nat.strain                     'SUBSP. ABYSSINICA' 
_entity_src_nat.tissue                     ? 
_entity_src_nat.tissue_fraction            ? 
_entity_src_nat.pdbx_secretion             ? 
_entity_src_nat.pdbx_fragment              ? 
_entity_src_nat.pdbx_variant               ? 
_entity_src_nat.pdbx_cell_line             ? 
_entity_src_nat.pdbx_atcc                  ? 
_entity_src_nat.pdbx_cellular_location     ? 
_entity_src_nat.pdbx_organ                 ? 
_entity_src_nat.pdbx_organelle             ? 
_entity_src_nat.pdbx_cell                  ? 
_entity_src_nat.pdbx_plasmid_name          ? 
_entity_src_nat.pdbx_plasmid_details       ? 
_entity_src_nat.details                    ? 
# 
loop_
_chem_comp.id 
_chem_comp.type 
_chem_comp.mon_nstd_flag 
_chem_comp.name 
_chem_comp.pdbx_synonyms 
_chem_comp.formula 
_chem_comp.formula_weight 
ALA 'L-peptide linking' y ALANINE         ? 'C3 H7 N O2'     89.093  
ARG 'L-peptide linking' y ARGININE        ? 'C6 H15 N4 O2 1' 175.209 
ASN 'L-peptide linking' y ASPARAGINE      ? 'C4 H8 N2 O3'    132.118 
ASP 'L-peptide linking' y 'ASPARTIC ACID' ? 'C4 H7 N O4'     133.103 
CYS 'L-peptide linking' y CYSTEINE        ? 'C3 H7 N O2 S'   121.158 
EOH non-polymer         . ETHANOL         ? 'C2 H6 O'        46.068  
GLU 'L-peptide linking' y 'GLUTAMIC ACID' ? 'C5 H9 N O4'     147.129 
GLY 'peptide linking'   y GLYCINE         ? 'C2 H5 N O2'     75.067  
HOH non-polymer         . WATER           ? 'H2 O'           18.015  
ILE 'L-peptide linking' y ISOLEUCINE      ? 'C6 H13 N O2'    131.173 
LEU 'L-peptide linking' y LEUCINE         ? 'C6 H13 N O2'    131.173 
PHE 'L-peptide linking' y PHENYLALANINE   ? 'C9 H11 N O2'    165.189 
PRO 'L-peptide linking' y PROLINE         ? 'C5 H9 N O2'     115.130 
SER 'L-peptide linking' y SERINE          ? 'C3 H7 N O3'     105.093 
THR 'L-peptide linking' y THREONINE       ? 'C4 H9 N O3'     119.119 
TYR 'L-peptide linking' y TYROSINE        ? 'C9 H11 N O3'    181.189 
VAL 'L-peptide linking' y VALINE          ? 'C5 H11 N O2'    117.146 
# 
loop_
_pdbx_poly_seq_scheme.asym_id 
_pdbx_poly_seq_scheme.entity_id 
_pdbx_poly_seq_scheme.seq_id 
_pdbx_poly_seq_scheme.mon_id 
_pdbx_poly_seq_scheme.ndb_seq_num 
_pdbx_poly_seq_scheme.pdb_seq_num 
_pdbx_poly_seq_scheme.auth_seq_num 
_pdbx_poly_seq_scheme.pdb_mon_id 
_pdbx_poly_seq_scheme.auth_mon_id 
_pdbx_poly_seq_scheme.pdb_strand_id 
_pdbx_poly_seq_scheme.pdb_ins_code 
_pdbx_poly_seq_scheme.hetero 
A 1 1  THR 1  1  1  THR THR A . n 
A 1 2  THR 2  2  2  THR THR A . n 
A 1 3  CYS 3  3  3  CYS CYS A . n 
A 1 4  CYS 4  4  4  CYS CYS A . n 
A 1 5  PRO 5  5  5  PRO PRO A . n 
A 1 6  SER 6  6  6  SER SER A . n 
A 1 7  ILE 7  7  7  ILE ILE A . n 
A 1 8  VAL 8  8  8  VAL VAL A . n 
A 1 9  ALA 9  9  9  ALA ALA A . n 
A 1 10 ARG 10 10 10 ARG ARG A . n 
A 1 11 SER 11 11 11 SER SER A . n 
A 1 12 ASN 12 12 12 ASN ASN A . n 
A 1 13 PHE 13 13 13 PHE PHE A . n 
A 1 14 ASN 14 14 14 ASN ASN A . n 
A 1 15 VAL 15 15 15 VAL VAL A . n 
A 1 16 CYS 16 16 16 CYS CYS A . n 
A 1 17 ARG 17 17 17 ARG ARG A . n 
A 1 18 LEU 18 18 18 LEU LEU A . n 
A 1 19 PRO 19 19 19 PRO PRO A . n 
A 1 20 GLY 20 20 20 GLY GLY A . n 
A 1 21 THR 21 21 21 THR THR A . n 
A 1 22 PRO 22 22 22 PRO PRO A . y 
A 1 22 SER 22 22 22 SER SER A . y 
A 1 23 GLU 23 23 23 GLU GLU A . n 
A 1 24 ALA 24 24 24 ALA ALA A . n 
A 1 25 LEU 25 25 25 LEU LEU A . y 
A 1 25 ILE 25 25 25 ILE ILE A . y 
A 1 26 CYS 26 26 26 CYS CYS A . n 
A 1 27 ALA 27 27 27 ALA ALA A . n 
A 1 28 THR 28 28 28 THR THR A . n 
A 1 29 TYR 29 29 29 TYR TYR A . n 
A 1 30 THR 30 30 30 THR THR A . n 
A 1 31 GLY 31 31 31 GLY GLY A . n 
A 1 32 CYS 32 32 32 CYS CYS A . n 
A 1 33 ILE 33 33 33 ILE ILE A . n 
A 1 34 ILE 34 34 34 ILE ILE A . n 
A 1 35 ILE 35 35 35 ILE ILE A . n 
A 1 36 PRO 36 36 36 PRO PRO A . n 
A 1 37 GLY 37 37 37 GLY GLY A . n 
A 1 38 ALA 38 38 38 ALA ALA A . n 
A 1 39 THR 39 39 39 THR THR A . n 
A 1 40 CYS 40 40 40 CYS CYS A . n 
A 1 41 PRO 41 41 41 PRO PRO A . n 
A 1 42 GLY 42 42 42 GLY GLY A . n 
A 1 43 ASP 43 43 43 ASP ASP A . n 
A 1 44 TYR 44 44 44 TYR TYR A . n 
A 1 45 ALA 45 45 45 ALA ALA A . n 
A 1 46 ASN 46 46 46 ASN ASN A . n 
# 
loop_
_pdbx_nonpoly_scheme.asym_id 
_pdbx_nonpoly_scheme.entity_id 
_pdbx_nonpoly_scheme.mon_id 
_pdbx_nonpoly_scheme.ndb_seq_num 
_pdbx_nonpoly_scheme.pdb_seq_num 
_pdbx_nonpoly_scheme.auth_seq_num 
_pdbx_nonpoly_scheme.pdb_mon_id 
_pdbx_nonpoly_scheme.auth_mon_id 
_pdbx_nonpoly_scheme.pdb_strand_id 
_pdbx_nonpoly_scheme.pdb_ins_code 
B 2 EOH 1  2001 2001 EOH EOH A . 
C 2 EOH 1  2002 2002 EOH EOH A . 
D 2 EOH 1  2003 2003 EOH EOH A . 
E 2 EOH 1  2004 2004 EOH EOH A . 
F 3 HOH 1  3001 3001 HOH HOH A . 
F 3 HOH 2  3002 3002 HOH HOH A . 
F 3 HOH 3  3003 3003 HOH HOH A . 
F 3 HOH 4  3004 3004 HOH HOH A . 
F 3 HOH 5  3005 3005 HOH HOH A . 
F 3 HOH 6  3006 3006 HOH HOH A . 
F 3 HOH 7  3007 3007 HOH HOH A . 
F 3 HOH 8  3008 3008 HOH HOH A . 
F 3 HOH 9  3009 3009 HOH HOH A . 
F 3 HOH 10 3010 3010 HOH HOH A . 
F 3 HOH 11 3011 3011 HOH HOH A . 
F 3 HOH 12 3013 3013 HOH HOH A . 
F 3 HOH 13 3014 3014 HOH HOH A . 
F 3 HOH 14 3015 3015 HOH HOH A . 
F 3 HOH 15 3016 3016 HOH HOH A . 
F 3 HOH 16 3017 3017 HOH HOH A . 
F 3 HOH 17 3018 3018 HOH HOH A . 
F 3 HOH 18 3019 3019 HOH HOH A . 
F 3 HOH 19 3020 3020 HOH HOH A . 
F 3 HOH 20 3021 3021 HOH HOH A . 
F 3 HOH 21 3022 3022 HOH HOH A . 
F 3 HOH 22 3023 3023 HOH HOH A . 
F 3 HOH 23 3024 3024 HOH HOH A . 
F 3 HOH 24 3025 3025 HOH HOH A . 
F 3 HOH 25 3027 3027 HOH HOH A . 
F 3 HOH 26 3028 3028 HOH HOH A . 
F 3 HOH 27 3030 3030 HOH HOH A . 
F 3 HOH 28 3031 3031 HOH HOH A . 
F 3 HOH 29 3032 3032 HOH HOH A . 
F 3 HOH 30 3033 3033 HOH HOH A . 
F 3 HOH 31 3035 3035 HOH HOH A . 
F 3 HOH 32 3036 3036 HOH HOH A . 
F 3 HOH 33 3038 3038 HOH HOH A . 
F 3 HOH 34 3039 3039 HOH HOH A . 
F 3 HOH 35 3040 3040 HOH HOH A . 
F 3 HOH 36 3041 3041 HOH HOH A . 
F 3 HOH 37 3042 3042 HOH HOH A . 
F 3 HOH 38 3043 3043 HOH HOH A . 
F 3 HOH 39 3045 3045 HOH HOH A . 
F 3 HOH 40 3047 3047 HOH HOH A . 
F 3 HOH 41 3048 3048 HOH HOH A . 
F 3 HOH 42 3051 3051 HOH HOH A . 
F 3 HOH 43 3052 3052 HOH HOH A . 
F 3 HOH 44 3053 3053 HOH HOH A . 
F 3 HOH 45 3054 3054 HOH HOH A . 
F 3 HOH 46 3055 3055 HOH HOH A . 
F 3 HOH 47 3057 3057 HOH HOH A . 
F 3 HOH 48 3058 3058 HOH HOH A . 
F 3 HOH 49 3059 3059 HOH HOH A . 
F 3 HOH 50 3060 3060 HOH HOH A . 
F 3 HOH 51 3063 3063 HOH HOH A . 
F 3 HOH 52 3066 3066 HOH HOH A . 
F 3 HOH 53 3068 3068 HOH HOH A . 
F 3 HOH 54 3069 3069 HOH HOH A . 
F 3 HOH 55 3071 3071 HOH HOH A . 
F 3 HOH 56 3072 3072 HOH HOH A . 
F 3 HOH 57 3073 3073 HOH HOH A . 
F 3 HOH 58 3074 3074 HOH HOH A . 
F 3 HOH 59 3075 3075 HOH HOH A . 
F 3 HOH 60 3076 3076 HOH HOH A . 
F 3 HOH 61 3079 3079 HOH HOH A . 
F 3 HOH 62 3081 3081 HOH HOH A . 
F 3 HOH 63 3082 3082 HOH HOH A . 
F 3 HOH 64 3083 3083 HOH HOH A . 
F 3 HOH 65 3084 3084 HOH HOH A . 
F 3 HOH 66 3085 3085 HOH HOH A . 
F 3 HOH 67 3086 3086 HOH HOH A . 
F 3 HOH 68 3087 3087 HOH HOH A . 
F 3 HOH 69 3088 3088 HOH HOH A . 
F 3 HOH 70 3090 3090 HOH HOH A . 
F 3 HOH 71 3091 3091 HOH HOH A . 
F 3 HOH 72 3092 3092 HOH HOH A . 
F 3 HOH 73 3093 3093 HOH HOH A . 
F 3 HOH 74 3094 3094 HOH HOH A . 
F 3 HOH 75 3095 3095 HOH HOH A . 
F 3 HOH 76 3096 3096 HOH HOH A . 
F 3 HOH 77 3098 3098 HOH HOH A . 
F 3 HOH 78 3099 3099 HOH HOH A . 
F 3 HOH 79 3101 3101 HOH HOH A . 
F 3 HOH 80 3102 3102 HOH HOH A . 
F 3 HOH 81 3103 3103 HOH HOH A . 
F 3 HOH 82 3106 3106 HOH HOH A . 
F 3 HOH 83 3107 3107 HOH HOH A . 
F 3 HOH 84 3108 3108 HOH HOH A . 
F 3 HOH 85 3109 3109 HOH HOH A . 
F 3 HOH 86 3110 3110 HOH HOH A . 
F 3 HOH 87 3111 3111 HOH HOH A . 
F 3 HOH 88 3112 3112 HOH HOH A . 
F 3 HOH 89 3113 3113 HOH HOH A . 
F 3 HOH 90 3114 3114 HOH HOH A . 
F 3 HOH 91 3115 3115 HOH HOH A . 
F 3 HOH 92 3116 3116 HOH HOH A . 
F 3 HOH 93 3117 3117 HOH HOH A . 
F 3 HOH 94 3118 3118 HOH HOH A . 
F 3 HOH 95 3119 3119 HOH HOH A . 
F 3 HOH 96 3120 3120 HOH HOH A . 
F 3 HOH 97 3121 3121 HOH HOH A . 
F 3 HOH 98 3123 3123 HOH HOH A . 
# 
loop_
_software.name 
_software.classification 
_software.version 
_software.citation_id 
_software.pdbx_ordinal 
_software.date 
_software.type 
_software.location 
_software.language 
MAR345    'data collection' . ? 1 ? ? ? ? 
MOPRO     refinement        . ? 2 ? ? ? ? 
DENZO     'data reduction'  . ? 3 ? ? ? ? 
SCALEPACK 'data scaling'    . ? 4 ? ? ? ? 
SCALA     'data scaling'    . ? 5 ? ? ? ? 
# 
_cell.entry_id           3NIR 
_cell.length_a           22.329 
_cell.length_b           18.471 
_cell.length_c           40.769 
_cell.angle_alpha        90.00 
_cell.angle_beta         90.55 
_cell.angle_gamma        90.00 
_cell.Z_PDB              2 
_cell.pdbx_unique_axis   ? 
_cell.length_a_esd       ? 
_cell.length_b_esd       ? 
_cell.length_c_esd       ? 
_cell.angle_alpha_esd    ? 
_cell.angle_beta_esd     ? 
_cell.angle_gamma_esd    ? 
# 
_symmetry.entry_id                         3NIR 
_symmetry.space_group_name_H-M             'P 1 21 1' 
_symmetry.pdbx_full_space_group_name_H-M   ? 
_symmetry.cell_setting                     ? 
_symmetry.Int_Tables_number                4 
_symmetry.space_group_name_Hall            ? 
# 
_exptl.entry_id          3NIR 
_exptl.method            'X-RAY DIFFRACTION' 
_exptl.crystals_number   3 
# 
loop_
_exptl_crystal.id 
_exptl_crystal.density_meas 
_exptl_crystal.density_Matthews 
_exptl_crystal.density_percent_sol 
_exptl_crystal.description 
_exptl_crystal.F_000 
_exptl_crystal.preparation 
1 ? 1.77 30.67 ? ? ? 
2 ? ?    ?     ? ? ? 
# 
_exptl_crystal_grow.crystal_id      1 
_exptl_crystal_grow.method          'VAPOR DIFFUSION, SITTING DROP' 
_exptl_crystal_grow.temp            293 
_exptl_crystal_grow.temp_details    ? 
_exptl_crystal_grow.pH              7 
_exptl_crystal_grow.pdbx_details    '60% ethanol in water, pH 7, VAPOR DIFFUSION, SITTING DROP, temperature 293K' 
_exptl_crystal_grow.pdbx_pH_range   ? 
# 
loop_
_diffrn.id 
_diffrn.ambient_temp 
_diffrn.ambient_temp_details 
_diffrn.crystal_id 
1 100 ? 1 
2 100 ? 2 
# 
loop_
_diffrn_detector.diffrn_id 
_diffrn_detector.detector 
_diffrn_detector.type 
_diffrn_detector.pdbx_collection_date 
_diffrn_detector.details 
1 CCD 'MAR CCD 165 mm' 2001-07-05 ? 
2 CCD 'MAR CCD 165 mm' 2002-02-25 ? 
# 
loop_
_diffrn_radiation.diffrn_id 
_diffrn_radiation.wavelength_id 
_diffrn_radiation.pdbx_monochromatic_or_laue_m_l 
_diffrn_radiation.monochromator 
_diffrn_radiation.pdbx_diffrn_protocol 
_diffrn_radiation.pdbx_scattering_type 
1 1 M 'diamond (111) - germanium (220)' 'SINGLE WAVELENGTH' x-ray 
2 2 M 'diamond (111) - germanium (220)' 'SINGLE WAVELENGTH' x-ray 
# 
loop_
_diffrn_radiation_wavelength.id 
_diffrn_radiation_wavelength.wavelength 
_diffrn_radiation_wavelength.wt 
1 0.5498 1.0 
2 0.5636 1.0 
# 
loop_
_diffrn_source.diffrn_id 
_diffrn_source.source 
_diffrn_source.type 
_diffrn_source.pdbx_synchrotron_site 
_diffrn_source.pdbx_synchrotron_beamline 
_diffrn_source.pdbx_wavelength 
_diffrn_source.pdbx_wavelength_list 
1 SYNCHROTRON 'PETRA II, DESY BEAMLINE PETRA1' 'PETRA II, DESY' PETRA1 ? 0.5498 
2 SYNCHROTRON 'PETRA II, DESY BEAMLINE PETRA1' 'PETRA II, DESY' PETRA1 ? 0.5636 
# 
_reflns.entry_id                     3NIR 
_reflns.observed_criterion_sigma_I   ? 
_reflns.observed_criterion_sigma_F   ? 
_reflns.d_resolution_low             20 
_reflns.d_resolution_high            0.48 
_reflns.number_obs                   156860 
_reflns.number_all                   156860 
_reflns.percent_possible_obs         97 
_reflns.pdbx_Rsym_value              0.075 
_reflns.pdbx_netI_over_sigmaI        9.7 
_reflns.B_iso_Wilson_estimate        2.14 
_reflns.pdbx_redundancy              3.7 
_reflns.R_free_details               ? 
_reflns.limit_h_max                  ? 
_reflns.limit_h_min                  ? 
_reflns.limit_k_max                  ? 
_reflns.limit_k_min                  ? 
_reflns.limit_l_max                  ? 
_reflns.limit_l_min                  ? 
_reflns.observed_criterion_F_max     ? 
_reflns.observed_criterion_F_min     ? 
_reflns.pdbx_chi_squared             ? 
_reflns.pdbx_scaling_rejects         ? 
_reflns.pdbx_Rmerge_I_obs            ? 
_reflns.pdbx_ordinal                 1 
_reflns.pdbx_diffrn_id               1 
# 
_reflns_shell.d_res_high             0.48 
_reflns_shell.d_res_low              0.49 
_reflns_shell.percent_possible_all   ? 
_reflns_shell.Rmerge_I_obs           ? 
_reflns_shell.pdbx_Rsym_value        ? 
_reflns_shell.meanI_over_sigI_obs    1.5 
_reflns_shell.pdbx_redundancy        ? 
_reflns_shell.percent_possible_obs   ? 
_reflns_shell.number_unique_all      ? 
_reflns_shell.number_measured_all    ? 
_reflns_shell.number_measured_obs    ? 
_reflns_shell.number_unique_obs      ? 
_reflns_shell.pdbx_chi_squared       ? 
_reflns_shell.pdbx_ordinal           1 
_reflns_shell.pdbx_diffrn_id         1 
# 
_refine.entry_id                                 3NIR 
_refine.ls_number_reflns_obs                     156860 
_refine.ls_number_reflns_all                     156860 
_refine.pdbx_ls_sigma_I                          0 
_refine.pdbx_ls_sigma_F                          0 
_refine.pdbx_data_cutoff_high_absF               ? 
_refine.pdbx_data_cutoff_low_absF                ? 
_refine.pdbx_data_cutoff_high_rms_absF           ? 
_refine.ls_d_res_low                             20 
_refine.ls_d_res_high                            0.48 
_refine.ls_percent_reflns_obs                    97 
_refine.ls_R_factor_obs                          0.127 
_refine.ls_R_factor_R_work                       0.127 
_refine.ls_R_factor_R_free                       ? 
_refine.ls_R_factor_R_free_error                 ? 
_refine.ls_R_factor_R_free_error_details         ? 
_refine.ls_percent_reflns_R_free                 ? 
_refine.ls_number_reflns_R_free                  ? 
_refine.ls_number_parameters                     ? 
_refine.ls_number_restraints                     ? 
_refine.occupancy_min                            ? 
_refine.occupancy_max                            ? 
_refine.correlation_coeff_Fo_to_Fc               ? 
_refine.correlation_coeff_Fo_to_Fc_free          ? 
_refine.B_iso_mean                               4.12 
_refine.aniso_B[1][1]                            ? 
_refine.aniso_B[2][2]                            ? 
_refine.aniso_B[3][3]                            ? 
_refine.aniso_B[1][2]                            ? 
_refine.aniso_B[1][3]                            ? 
_refine.aniso_B[2][3]                            ? 
_refine.solvent_model_details                    ? 
_refine.solvent_model_param_ksol                 ? 
_refine.solvent_model_param_bsol                 ? 
_refine.pdbx_solvent_vdw_probe_radii             ? 
_refine.pdbx_solvent_ion_probe_radii             ? 
_refine.pdbx_solvent_shrinkage_radii             ? 
_refine.pdbx_ls_cross_valid_method               'RFREE INITIALLY, FINAL STAGES NONE' 
_refine.details                                  
;INITIAL REFINEMENT WITH REFMAC THEN SHELX, THEN MOPRO FOR MULTIPOLE REFINEMENT. ONLY DURING REFMAC CROSS VALIDATION WITH RFREE. IN THE LAST STAGES OF REFINEMENT THE SUM OF OCCUPANCIES FOR THE MULTIPLE CONFORMERS WAS NOT CONSTRAINED TO 1.00 AND ONLY WEAK STEREOCHEMICAL RESTRAINTS WERE APPLIED. ALTHOUGH OVERALL SUCH REFINEMENT OF THE MULTIPLE CONFORMERS WENT FINE, THERE WAS SOME INSTABILITY - FOR EXAMPLE THE REFINEMENT OF THE TEMPERATURE FACTORS FOR CA AND C ATOMS OF THE THIRD CONFORMER OF TYR A 29 DID NOT CONVERGE AND WERE TRUNCATED TO THE VALUE OF 50. 
BULK SOLVENT MODELING METHOD USED:BULK SOLVENT ENVELOPE METHOD FC(MOL)+FC(BULK)
;
_refine.pdbx_starting_model                      'PDB entry 1EJG' 
_refine.pdbx_method_to_determine_struct          'ISOMORPHOUS TO PDB ENTRY 1EJG' 
_refine.pdbx_isotropic_thermal_model             overall 
_refine.pdbx_stereochemistry_target_values       'Engh & Huber' 
_refine.pdbx_stereochem_target_val_spec_case     ? 
_refine.pdbx_R_Free_selection_details            random 
_refine.pdbx_overall_ESU_R_Free                  ? 
_refine.overall_SU_ML                            ? 
_refine.overall_SU_B                             ? 
_refine.overall_SU_R_Cruickshank_DPI             ? 
_refine.ls_redundancy_reflns_obs                 ? 
_refine.B_iso_min                                ? 
_refine.B_iso_max                                ? 
_refine.overall_SU_R_free                        ? 
_refine.ls_wR_factor_R_free                      ? 
_refine.ls_wR_factor_R_work                      ? 
_refine.overall_FOM_free_R_set                   ? 
_refine.overall_FOM_work_R_set                   ? 
_refine.pdbx_overall_phase_error                 ? 
_refine.pdbx_refine_id                           'X-RAY DIFFRACTION' 
_refine.ls_R_factor_all                          ? 
_refine.pdbx_diffrn_id                           1 
_refine.pdbx_overall_ESU_R                       ? 
_refine.pdbx_TLS_residual_ADP_flag               ? 
_refine.pdbx_overall_SU_R_free_Cruickshank_DPI   ? 
_refine.pdbx_overall_SU_R_Blow_DPI               ? 
_refine.pdbx_overall_SU_R_free_Blow_DPI          ? 
# 
_refine_hist.pdbx_refine_id                   'X-RAY DIFFRACTION' 
_refine_hist.cycle_id                         LAST 
_refine_hist.pdbx_number_atoms_protein        341 
_refine_hist.pdbx_number_atoms_nucleic_acid   0 
_refine_hist.pdbx_number_atoms_ligand         12 
_refine_hist.number_atoms_solvent             98 
_refine_hist.number_atoms_total               451 
_refine_hist.d_res_high                       0.48 
_refine_hist.d_res_low                        20 
# 
_struct.entry_id                  3NIR 
_struct.title                     'Crystal structure of small protein crambin at 0.48 A resolution' 
_struct.pdbx_model_details        ? 
_struct.pdbx_CASP_flag            ? 
_struct.pdbx_model_type_details   ? 
# 
_struct_keywords.entry_id        3NIR 
_struct_keywords.pdbx_keywords   'PLANT PROTEIN' 
_struct_keywords.text            'plant protein' 
# 
loop_
_struct_asym.id 
_struct_asym.pdbx_blank_PDB_chainid_flag 
_struct_asym.pdbx_modified 
_struct_asym.entity_id 
_struct_asym.details 
A N N 1 ? 
B N N 2 ? 
C N N 2 ? 
D N N 2 ? 
E N N 2 ? 
F N N 3 ? 
# 
_struct_ref.id                         1 
_struct_ref.db_name                    UNP 
_struct_ref.db_code                    CRAM_CRAAB 
_struct_ref.pdbx_db_accession          P01542 
_struct_ref.entity_id                  1 
_struct_ref.pdbx_seq_one_letter_code   TTCCPSIVARSNFNVCRLPGTPEALCATYTGCIIIPGATCPGDYAN 
_struct_ref.pdbx_align_begin           1 
_struct_ref.pdbx_db_isoform            ? 
# 
_struct_ref_seq.align_id                      1 
_struct_ref_seq.ref_id                        1 
_struct_ref_seq.pdbx_PDB_id_code              3NIR 
_struct_ref_seq.pdbx_strand_id                A 
_struct_ref_seq.seq_align_beg                 1 
_struct_ref_seq.pdbx_seq_align_beg_ins_code   ? 
_struct_ref_seq.seq_align_end                 46 
_struct_ref_seq.pdbx_seq_align_end_ins_code   ? 
_struct_ref_seq.pdbx_db_accession             P01542 
_struct_ref_seq.db_align_beg                  1 
_struct_ref_seq.pdbx_db_align_beg_ins_code    ? 
_struct_ref_seq.db_align_end                  46 
_struct_ref_seq.pdbx_db_align_end_ins_code    ? 
_struct_ref_seq.pdbx_auth_seq_align_beg       1 
_struct_ref_seq.pdbx_auth_seq_align_end       46 
# 
loop_
_struct_ref_seq_dif.align_id 
_struct_ref_seq_dif.pdbx_pdb_id_code 
_struct_ref_seq_dif.mon_id 
_struct_ref_seq_dif.pdbx_pdb_strand_id 
_struct_ref_seq_dif.seq_num 
_struct_ref_seq_dif.pdbx_pdb_ins_code 
_struct_ref_seq_dif.pdbx_seq_db_name 
_struct_ref_seq_dif.pdbx_seq_db_accession_code 
_struct_ref_seq_dif.db_mon_id 
_struct_ref_seq_dif.pdbx_seq_db_seq_num 
_struct_ref_seq_dif.details 
_struct_ref_seq_dif.pdbx_auth_seq_num 
_struct_ref_seq_dif.pdbx_ordinal 
1 3NIR SER A 22 ? UNP P01542 PRO 22 microheterogeneity 22 1 
1 3NIR ILE A 25 ? UNP P01542 LEU 25 microheterogeneity 25 2 
# 
_pdbx_struct_assembly.id                   1 
_pdbx_struct_assembly.details              author_and_software_defined_assembly 
_pdbx_struct_assembly.method_details       PISA 
_pdbx_struct_assembly.oligomeric_details   monomeric 
_pdbx_struct_assembly.oligomeric_count     1 
# 
_pdbx_struct_assembly_gen.assembly_id       1 
_pdbx_struct_assembly_gen.oper_expression   1 
_pdbx_struct_assembly_gen.asym_id_list      A,B,C,D,E,F 
# 
_pdbx_struct_oper_list.id                   1 
_pdbx_struct_oper_list.type                 'identity operation' 
_pdbx_struct_oper_list.name                 1_555 
_pdbx_struct_oper_list.symmetry_operation   x,y,z 
_pdbx_struct_oper_list.matrix[1][1]         1.0000000000 
_pdbx_struct_oper_list.matrix[1][2]         0.0000000000 
_pdbx_struct_oper_list.matrix[1][3]         0.0000000000 
_pdbx_struct_oper_list.vector[1]            0.0000000000 
_pdbx_struct_oper_list.matrix[2][1]         0.0000000000 
_pdbx_struct_oper_list.matrix[2][2]         1.0000000000 
_pdbx_struct_oper_list.matrix[2][3]         0.0000000000 
_pdbx_struct_oper_list.vector[2]            0.0000000000 
_pdbx_struct_oper_list.matrix[3][1]         0.0000000000 
_pdbx_struct_oper_list.matrix[3][2]         0.0000000000 
_pdbx_struct_oper_list.matrix[3][3]         1.0000000000 
_pdbx_struct_oper_list.vector[3]            0.0000000000 
# 
_struct_conf.conf_type_id            HELX_P 
_struct_conf.id                      HELX_P1 
_struct_conf.pdbx_PDB_helix_id       1 
_struct_conf.beg_label_comp_id       SER 
_struct_conf.beg_label_asym_id       A 
_struct_conf.beg_label_seq_id        6 
_struct_conf.pdbx_beg_PDB_ins_code   ? 
_struct_conf.end_label_comp_id       LEU 
_struct_conf.end_label_asym_id       A 
_struct_conf.end_label_seq_id        18 
_struct_conf.pdbx_end_PDB_ins_code   ? 
_struct_conf.beg_auth_comp_id        SER 
_struct_conf.beg_auth_asym_id        A 
_struct_conf.beg_auth_seq_id         6 
_struct_conf.end_auth_comp_id        LEU 
_struct_conf.end_auth_asym_id        A 
_struct_conf.end_auth_seq_id         18 
_struct_conf.pdbx_PDB_helix_class    1 
_struct_conf.details                 ? 
_struct_conf.pdbx_PDB_helix_length   13 
# 
_struct_conf_type.id          HELX_P 
_struct_conf_type.criteria    ? 
_struct_conf_type.reference   ? 
# 
loop_
_struct_conn.id 
_struct_conn.conn_type_id 
_struct_conn.pdbx_leaving_atom_flag 
_struct_conn.pdbx_PDB_id 
_struct_conn.ptnr1_label_asym_id 
_struct_conn.ptnr1_label_comp_id 
_struct_conn.ptnr1_label_seq_id 
_struct_conn.ptnr1_label_atom_id 
_struct_conn.pdbx_ptnr1_label_alt_id 
_struct_conn.pdbx_ptnr1_PDB_ins_code 
_struct_conn.pdbx_ptnr1_standard_comp_id 
_struct_conn.ptnr1_symmetry 
_struct_conn.ptnr2_label_asym_id 
_struct_conn.ptnr2_label_comp_id 
_struct_conn.ptnr2_label_seq_id 
_struct_conn.ptnr2_label_atom_id 
_struct_conn.pdbx_ptnr2_label_alt_id 
_struct_conn.pdbx_ptnr2_PDB_ins_code 
_struct_conn.ptnr1_auth_asym_id 
_struct_conn.ptnr1_auth_comp_id 
_struct_conn.ptnr1_auth_seq_id 
_struct_conn.ptnr2_auth_asym_id 
_struct_conn.ptnr2_auth_comp_id 
_struct_conn.ptnr2_auth_seq_id 
_struct_conn.ptnr2_symmetry 
_struct_conn.pdbx_ptnr3_label_atom_id 
_struct_conn.pdbx_ptnr3_label_seq_id 
_struct_conn.pdbx_ptnr3_label_comp_id 
_struct_conn.pdbx_ptnr3_label_asym_id 
_struct_conn.pdbx_ptnr3_label_alt_id 
_struct_conn.pdbx_ptnr3_PDB_ins_code 
_struct_conn.details 
_struct_conn.pdbx_dist_value 
_struct_conn.pdbx_value_order 
_struct_conn.pdbx_role 
disulf1 disulf ? ? A CYS 3  SG ? ? ? 1_555 A CYS 40 SG ? ? A CYS 3  A CYS 40 1_555 ? ? ? ? ? ? ? 2.026 ? ? 
disulf2 disulf ? ? A CYS 4  SG ? ? ? 1_555 A CYS 32 SG ? ? A CYS 4  A CYS 32 1_555 ? ? ? ? ? ? ? 2.046 ? ? 
disulf3 disulf ? ? A CYS 16 SG ? ? ? 1_555 A CYS 26 SG ? ? A CYS 16 A CYS 26 1_555 ? ? ? ? ? ? ? 2.037 ? ? 
# 
_struct_conn_type.id          disulf 
_struct_conn_type.criteria    ? 
_struct_conn_type.reference   ? 
# 
loop_
_pdbx_modification_feature.ordinal 
_pdbx_modification_feature.label_comp_id 
_pdbx_modification_feature.label_asym_id 
_pdbx_modification_feature.label_seq_id 
_pdbx_modification_feature.label_alt_id 
_pdbx_modification_feature.modified_residue_label_comp_id 
_pdbx_modification_feature.modified_residue_label_asym_id 
_pdbx_modification_feature.modified_residue_label_seq_id 
_pdbx_modification_feature.modified_residue_label_alt_id 
_pdbx_modification_feature.auth_comp_id 
_pdbx_modification_feature.auth_asym_id 
_pdbx_modification_feature.auth_seq_id 
_pdbx_modification_feature.PDB_ins_code 
_pdbx_modification_feature.symmetry 
_pdbx_modification_feature.modified_residue_auth_comp_id 
_pdbx_modification_feature.modified_residue_auth_asym_id 
_pdbx_modification_feature.modified_residue_auth_seq_id 
_pdbx_modification_feature.modified_residue_PDB_ins_code 
_pdbx_modification_feature.modified_residue_symmetry 
_pdbx_modification_feature.comp_id_linking_atom 
_pdbx_modification_feature.modified_residue_id_linking_atom 
_pdbx_modification_feature.modified_residue_id 
_pdbx_modification_feature.ref_pcm_id 
_pdbx_modification_feature.ref_comp_id 
_pdbx_modification_feature.type 
_pdbx_modification_feature.category 
1 CYS A 3  ? CYS A 40 ? CYS A 3  ? 1_555 CYS A 40 ? 1_555 SG SG . . . None 'Disulfide bridge' 
2 CYS A 4  ? CYS A 32 ? CYS A 4  ? 1_555 CYS A 32 ? 1_555 SG SG . . . None 'Disulfide bridge' 
3 CYS A 16 ? CYS A 26 ? CYS A 16 ? 1_555 CYS A 26 ? 1_555 SG SG . . . None 'Disulfide bridge' 
# 
_struct_sheet.id               A 
_struct_sheet.type             ? 
_struct_sheet.number_strands   2 
_struct_sheet.details          ? 
# 
_struct_sheet_order.sheet_id     A 
_struct_sheet_order.range_id_1   1 
_struct_sheet_order.range_id_2   2 
_struct_sheet_order.offset       ? 
_struct_sheet_order.sense        anti-parallel 
# 
loop_
_struct_sheet_range.sheet_id 
_struct_sheet_range.id 
_struct_sheet_range.beg_label_comp_id 
_struct_sheet_range.beg_label_asym_id 
_struct_sheet_range.beg_label_seq_id 
_struct_sheet_range.pdbx_beg_PDB_ins_code 
_struct_sheet_range.end_label_comp_id 
_struct_sheet_range.end_label_asym_id 
_struct_sheet_range.end_label_seq_id 
_struct_sheet_range.pdbx_end_PDB_ins_code 
_struct_sheet_range.beg_auth_comp_id 
_struct_sheet_range.beg_auth_asym_id 
_struct_sheet_range.beg_auth_seq_id 
_struct_sheet_range.end_auth_comp_id 
_struct_sheet_range.end_auth_asym_id 
_struct_sheet_range.end_auth_seq_id 
A 1 THR A 2  ? CYS A 3  ? THR A 2  CYS A 3  
A 2 ILE A 33 ? ILE A 34 ? ILE A 33 ILE A 34 
# 
_pdbx_struct_sheet_hbond.sheet_id                A 
_pdbx_struct_sheet_hbond.range_id_1              1 
_pdbx_struct_sheet_hbond.range_id_2              2 
_pdbx_struct_sheet_hbond.range_1_label_atom_id   N 
_pdbx_struct_sheet_hbond.range_1_label_comp_id   CYS 
_pdbx_struct_sheet_hbond.range_1_label_asym_id   A 
_pdbx_struct_sheet_hbond.range_1_label_seq_id    3 
_pdbx_struct_sheet_hbond.range_1_PDB_ins_code    ? 
_pdbx_struct_sheet_hbond.range_1_auth_atom_id    N 
_pdbx_struct_sheet_hbond.range_1_auth_comp_id    CYS 
_pdbx_struct_sheet_hbond.range_1_auth_asym_id    A 
_pdbx_struct_sheet_hbond.range_1_auth_seq_id     3 
_pdbx_struct_sheet_hbond.range_2_label_atom_id   O 
_pdbx_struct_sheet_hbond.range_2_label_comp_id   ILE 
_pdbx_struct_sheet_hbond.range_2_label_asym_id   A 
_pdbx_struct_sheet_hbond.range_2_label_seq_id    33 
_pdbx_struct_sheet_hbond.range_2_PDB_ins_code    ? 
_pdbx_struct_sheet_hbond.range_2_auth_atom_id    O 
_pdbx_struct_sheet_hbond.range_2_auth_comp_id    ILE 
_pdbx_struct_sheet_hbond.range_2_auth_asym_id    A 
_pdbx_struct_sheet_hbond.range_2_auth_seq_id     33 
# 
loop_
_struct_site.id 
_struct_site.pdbx_evidence_code 
_struct_site.pdbx_auth_asym_id 
_struct_site.pdbx_auth_comp_id 
_struct_site.pdbx_auth_seq_id 
_struct_site.pdbx_auth_ins_code 
_struct_site.pdbx_num_residues 
_struct_site.details 
AC1 Software A EOH 2001 ? 8  'BINDING SITE FOR RESIDUE EOH A 2001' 
AC2 Software A EOH 2002 ? 10 'BINDING SITE FOR RESIDUE EOH A 2002' 
AC3 Software A EOH 2003 ? 3  'BINDING SITE FOR RESIDUE EOH A 2003' 
AC4 Software A EOH 2004 ? 7  'BINDING SITE FOR RESIDUE EOH A 2004' 
# 
loop_
_struct_site_gen.id 
_struct_site_gen.site_id 
_struct_site_gen.pdbx_num_res 
_struct_site_gen.label_comp_id 
_struct_site_gen.label_asym_id 
_struct_site_gen.label_seq_id 
_struct_site_gen.pdbx_auth_ins_code 
_struct_site_gen.auth_comp_id 
_struct_site_gen.auth_asym_id 
_struct_site_gen.auth_seq_id 
_struct_site_gen.label_atom_id 
_struct_site_gen.label_alt_id 
_struct_site_gen.symmetry 
_struct_site_gen.details 
1  AC1 8  ALA A 45 ? ALA A 45   . ? 1_555 ? 
2  AC1 8  ASN A 46 ? ASN A 46   . ? 1_555 ? 
3  AC1 8  EOH E .  ? EOH A 2004 . ? 1_655 ? 
4  AC1 8  HOH F .  ? HOH A 3006 . ? 1_555 ? 
5  AC1 8  HOH F .  ? HOH A 3027 . ? 1_555 ? 
6  AC1 8  HOH F .  ? HOH A 3038 . ? 1_555 ? 
7  AC1 8  HOH F .  ? HOH A 3087 . ? 1_555 ? 
8  AC1 8  HOH F .  ? HOH A 3091 . ? 1_565 ? 
9  AC2 10 ILE A 7  ? ILE A 7    . ? 1_555 ? 
10 AC2 10 VAL A 8  ? VAL A 8    . ? 1_555 ? 
11 AC2 10 SER A 11 ? SER A 11   . ? 1_555 ? 
12 AC2 10 ALA A 27 ? ALA A 27   . ? 1_565 ? 
13 AC2 10 GLY A 31 ? GLY A 31   . ? 1_565 ? 
14 AC2 10 CYS A 32 ? CYS A 32   . ? 1_565 ? 
15 AC2 10 ILE A 33 ? ILE A 33   . ? 1_565 ? 
16 AC2 10 HOH F .  ? HOH A 3002 . ? 1_565 ? 
17 AC2 10 HOH F .  ? HOH A 3068 . ? 1_565 ? 
18 AC2 10 HOH F .  ? HOH A 3102 . ? 1_565 ? 
19 AC3 3  ILE A 7  ? ILE A 7    . ? 1_555 ? 
20 AC3 3  ASN A 46 ? ASN A 46   . ? 1_555 ? 
21 AC3 3  HOH F .  ? HOH A 3063 . ? 1_555 ? 
22 AC4 7  ASN A 14 ? ASN A 14   . ? 1_555 ? 
23 AC4 7  LEU A 18 ? LEU A 18   . ? 1_555 ? 
24 AC4 7  EOH B .  ? EOH A 2001 . ? 1_455 ? 
25 AC4 7  HOH F .  ? HOH A 3011 . ? 1_455 ? 
26 AC4 7  HOH F .  ? HOH A 3020 . ? 1_555 ? 
27 AC4 7  HOH F .  ? HOH A 3023 . ? 1_565 ? 
28 AC4 7  HOH F .  ? HOH A 3085 . ? 1_455 ? 
# 
_pdbx_entry_details.entry_id                   3NIR 
_pdbx_entry_details.compound_details           ? 
_pdbx_entry_details.source_details             ? 
_pdbx_entry_details.nonpolymer_details         ? 
_pdbx_entry_details.sequence_details           ? 
_pdbx_entry_details.has_ligand_of_interest     ? 
_pdbx_entry_details.has_protein_modification   Y 
# 
loop_
_pdbx_validate_close_contact.id 
_pdbx_validate_close_contact.PDB_model_num 
_pdbx_validate_close_contact.auth_atom_id_1 
_pdbx_validate_close_contact.auth_asym_id_1 
_pdbx_validate_close_contact.auth_comp_id_1 
_pdbx_validate_close_contact.auth_seq_id_1 
_pdbx_validate_close_contact.PDB_ins_code_1 
_pdbx_validate_close_contact.label_alt_id_1 
_pdbx_validate_close_contact.auth_atom_id_2 
_pdbx_validate_close_contact.auth_asym_id_2 
_pdbx_validate_close_contact.auth_comp_id_2 
_pdbx_validate_close_contact.auth_seq_id_2 
_pdbx_validate_close_contact.PDB_ins_code_2 
_pdbx_validate_close_contact.label_alt_id_2 
_pdbx_validate_close_contact.dist 
1  1 HG1 A THR 30   ? ? H   A CYS 32   ? ? 1.15 
2  1 C   A THR 28   ? ? H   A TYR 29   ? B 1.18 
3  1 HZ  A PHE 13   ? B HG2 A GLU 23   ? ? 1.20 
4  1 HH  A TYR 29   ? C HA  A THR 30   ? ? 1.31 
5  1 H2  A THR 1    ? B H   A ILE 35   ? ? 1.32 
6  1 HB2 A CYS 16   ? ? HD2 A TYR 29   ? C 1.32 
7  1 HG  A SER 11   ? ? C2  A EOH 2002 ? A 1.40 
8  1 H1  A THR 1    ? B O   A HOH 3055 ? ? 1.43 
9  1 HB2 A SER 11   ? ? C2  A EOH 2002 ? A 1.47 
10 1 HG  A SER 11   ? ? O   A EOH 2002 ? A 1.60 
11 1 O   A HOH 3022 ? ? O   A HOH 3114 ? ? 1.70 
12 1 OG  A SER 11   ? ? C2  A EOH 2002 ? A 1.74 
13 1 O   A HOH 3053 ? ? O   A HOH 3117 ? ? 1.74 
14 1 O   A HOH 3031 ? ? O   A HOH 3121 ? ? 1.80 
15 1 CB  A SER 11   ? ? C2  A EOH 2002 ? A 1.87 
16 1 O   A HOH 3101 ? ? O   A HOH 3120 ? ? 1.91 
17 1 O   A HOH 3090 ? ? O   A HOH 3121 ? ? 2.05 
18 1 OG1 A THR 1    ? B O   A HOH 3040 ? ? 2.11 
19 1 O   A HOH 3086 ? ? O   A HOH 3119 ? ? 2.14 
# 
loop_
_pdbx_validate_symm_contact.id 
_pdbx_validate_symm_contact.PDB_model_num 
_pdbx_validate_symm_contact.auth_atom_id_1 
_pdbx_validate_symm_contact.auth_asym_id_1 
_pdbx_validate_symm_contact.auth_comp_id_1 
_pdbx_validate_symm_contact.auth_seq_id_1 
_pdbx_validate_symm_contact.PDB_ins_code_1 
_pdbx_validate_symm_contact.label_alt_id_1 
_pdbx_validate_symm_contact.site_symmetry_1 
_pdbx_validate_symm_contact.auth_atom_id_2 
_pdbx_validate_symm_contact.auth_asym_id_2 
_pdbx_validate_symm_contact.auth_comp_id_2 
_pdbx_validate_symm_contact.auth_seq_id_2 
_pdbx_validate_symm_contact.PDB_ins_code_2 
_pdbx_validate_symm_contact.label_alt_id_2 
_pdbx_validate_symm_contact.site_symmetry_2 
_pdbx_validate_symm_contact.dist 
1 1 O  A HOH 3101 ? ? 1_555 O A HOH 3118 ? ? 1_565 1.84 
2 1 O  A HOH 3057 ? ? 1_555 O A HOH 3098 ? ? 2_656 1.92 
3 1 O  A HOH 3028 ? ? 1_555 O A HOH 3123 ? ? 1_455 2.13 
4 1 C1 A EOH 2004 ? ? 1_555 O A HOH 3085 ? ? 1_455 2.14 
# 
loop_
_pdbx_validate_rmsd_angle.id 
_pdbx_validate_rmsd_angle.PDB_model_num 
_pdbx_validate_rmsd_angle.auth_atom_id_1 
_pdbx_validate_rmsd_angle.auth_asym_id_1 
_pdbx_validate_rmsd_angle.auth_comp_id_1 
_pdbx_validate_rmsd_angle.auth_seq_id_1 
_pdbx_validate_rmsd_angle.PDB_ins_code_1 
_pdbx_validate_rmsd_angle.label_alt_id_1 
_pdbx_validate_rmsd_angle.auth_atom_id_2 
_pdbx_validate_rmsd_angle.auth_asym_id_2 
_pdbx_validate_rmsd_angle.auth_comp_id_2 
_pdbx_validate_rmsd_angle.auth_seq_id_2 
_pdbx_validate_rmsd_angle.PDB_ins_code_2 
_pdbx_validate_rmsd_angle.label_alt_id_2 
_pdbx_validate_rmsd_angle.auth_atom_id_3 
_pdbx_validate_rmsd_angle.auth_asym_id_3 
_pdbx_validate_rmsd_angle.auth_comp_id_3 
_pdbx_validate_rmsd_angle.auth_seq_id_3 
_pdbx_validate_rmsd_angle.PDB_ins_code_3 
_pdbx_validate_rmsd_angle.label_alt_id_3 
_pdbx_validate_rmsd_angle.angle_value 
_pdbx_validate_rmsd_angle.angle_target_value 
_pdbx_validate_rmsd_angle.angle_deviation 
_pdbx_validate_rmsd_angle.angle_standard_deviation 
_pdbx_validate_rmsd_angle.linker_flag 
1 1 O  A VAL 8  ? B C   A VAL 8  ? B N   A ALA 9  ? ? 112.53 122.70 -10.17 1.60 Y 
2 1 CB A PHE 13 ? B CG  A PHE 13 ? B CD2 A PHE 13 ? B 116.48 120.80 -4.32  0.70 N 
3 1 CB A PHE 13 ? A CG  A PHE 13 ? A CD1 A PHE 13 ? A 116.22 120.80 -4.58  0.70 N 
4 1 CB A PHE 13 ? B CG  A PHE 13 ? B CD1 A PHE 13 ? B 126.91 120.80 6.11   0.70 N 
5 1 O  A PHE 13 ? B C   A PHE 13 ? B N   A ASN 14 ? ? 111.62 122.70 -11.08 1.60 Y 
6 1 CB A TYR 29 ? B CG  A TYR 29 ? B CD2 A TYR 29 ? B 117.24 121.00 -3.76  0.60 N 
7 1 CB A TYR 29 ? C CG  A TYR 29 ? C CD2 A TYR 29 ? C 113.24 121.00 -7.76  0.60 N 
8 1 CB A TYR 29 ? C CG  A TYR 29 ? C CD1 A TYR 29 ? C 126.94 121.00 5.94   0.60 N 
9 1 CG A TYR 29 ? B CD1 A TYR 29 ? B CE1 A TYR 29 ? B 116.30 121.30 -5.00  0.80 N 
# 
loop_
_chem_comp_atom.comp_id 
_chem_comp_atom.atom_id 
_chem_comp_atom.type_symbol 
_chem_comp_atom.pdbx_aromatic_flag 
_chem_comp_atom.pdbx_stereo_config 
_chem_comp_atom.pdbx_ordinal 
ALA N    N N N 1   
ALA CA   C N S 2   
ALA C    C N N 3   
ALA O    O N N 4   
ALA CB   C N N 5   
ALA OXT  O N N 6   
ALA H    H N N 7   
ALA H2   H N N 8   
ALA HA   H N N 9   
ALA HB1  H N N 10  
ALA HB2  H N N 11  
ALA HB3  H N N 12  
ALA HXT  H N N 13  
ARG N    N N N 14  
ARG CA   C N S 15  
ARG C    C N N 16  
ARG O    O N N 17  
ARG CB   C N N 18  
ARG CG   C N N 19  
ARG CD   C N N 20  
ARG NE   N N N 21  
ARG CZ   C N N 22  
ARG NH1  N N N 23  
ARG NH2  N N N 24  
ARG OXT  O N N 25  
ARG H    H N N 26  
ARG H2   H N N 27  
ARG HA   H N N 28  
ARG HB2  H N N 29  
ARG HB3  H N N 30  
ARG HG2  H N N 31  
ARG HG3  H N N 32  
ARG HD2  H N N 33  
ARG HD3  H N N 34  
ARG HE   H N N 35  
ARG HH11 H N N 36  
ARG HH12 H N N 37  
ARG HH21 H N N 38  
ARG HH22 H N N 39  
ARG HXT  H N N 40  
ASN N    N N N 41  
ASN CA   C N S 42  
ASN C    C N N 43  
ASN O    O N N 44  
ASN CB   C N N 45  
ASN CG   C N N 46  
ASN OD1  O N N 47  
ASN ND2  N N N 48  
ASN OXT  O N N 49  
ASN H    H N N 50  
ASN H2   H N N 51  
ASN HA   H N N 52  
ASN HB2  H N N 53  
ASN HB3  H N N 54  
ASN HD21 H N N 55  
ASN HD22 H N N 56  
ASN HXT  H N N 57  
ASP N    N N N 58  
ASP CA   C N S 59  
ASP C    C N N 60  
ASP O    O N N 61  
ASP CB   C N N 62  
ASP CG   C N N 63  
ASP OD1  O N N 64  
ASP OD2  O N N 65  
ASP OXT  O N N 66  
ASP H    H N N 67  
ASP H2   H N N 68  
ASP HA   H N N 69  
ASP HB2  H N N 70  
ASP HB3  H N N 71  
ASP HD2  H N N 72  
ASP HXT  H N N 73  
CYS N    N N N 74  
CYS CA   C N R 75  
CYS C    C N N 76  
CYS O    O N N 77  
CYS CB   C N N 78  
CYS SG   S N N 79  
CYS OXT  O N N 80  
CYS H    H N N 81  
CYS H2   H N N 82  
CYS HA   H N N 83  
CYS HB2  H N N 84  
CYS HB3  H N N 85  
CYS HG   H N N 86  
CYS HXT  H N N 87  
EOH C1   C N N 88  
EOH C2   C N N 89  
EOH O    O N N 90  
EOH H11  H N N 91  
EOH H12  H N N 92  
EOH H21  H N N 93  
EOH H22  H N N 94  
EOH H23  H N N 95  
EOH HO   H N N 96  
GLU N    N N N 97  
GLU CA   C N S 98  
GLU C    C N N 99  
GLU O    O N N 100 
GLU CB   C N N 101 
GLU CG   C N N 102 
GLU CD   C N N 103 
GLU OE1  O N N 104 
GLU OE2  O N N 105 
GLU OXT  O N N 106 
GLU H    H N N 107 
GLU H2   H N N 108 
GLU HA   H N N 109 
GLU HB2  H N N 110 
GLU HB3  H N N 111 
GLU HG2  H N N 112 
GLU HG3  H N N 113 
GLU HE2  H N N 114 
GLU HXT  H N N 115 
GLY N    N N N 116 
GLY CA   C N N 117 
GLY C    C N N 118 
GLY O    O N N 119 
GLY OXT  O N N 120 
GLY H    H N N 121 
GLY H2   H N N 122 
GLY HA2  H N N 123 
GLY HA3  H N N 124 
GLY HXT  H N N 125 
HOH O    O N N 126 
HOH H1   H N N 127 
HOH H2   H N N 128 
ILE N    N N N 129 
ILE CA   C N S 130 
ILE C    C N N 131 
ILE O    O N N 132 
ILE CB   C N S 133 
ILE CG1  C N N 134 
ILE CG2  C N N 135 
ILE CD1  C N N 136 
ILE OXT  O N N 137 
ILE H    H N N 138 
ILE H2   H N N 139 
ILE HA   H N N 140 
ILE HB   H N N 141 
ILE HG12 H N N 142 
ILE HG13 H N N 143 
ILE HG21 H N N 144 
ILE HG22 H N N 145 
ILE HG23 H N N 146 
ILE HD11 H N N 147 
ILE HD12 H N N 148 
ILE HD13 H N N 149 
ILE HXT  H N N 150 
LEU N    N N N 151 
LEU CA   C N S 152 
LEU C    C N N 153 
LEU O    O N N 154 
LEU CB   C N N 155 
LEU CG   C N N 156 
LEU CD1  C N N 157 
LEU CD2  C N N 158 
LEU OXT  O N N 159 
LEU H    H N N 160 
LEU H2   H N N 161 
LEU HA   H N N 162 
LEU HB2  H N N 163 
LEU HB3  H N N 164 
LEU HG   H N N 165 
LEU HD11 H N N 166 
LEU HD12 H N N 167 
LEU HD13 H N N 168 
LEU HD21 H N N 169 
LEU HD22 H N N 170 
LEU HD23 H N N 171 
LEU HXT  H N N 172 
PHE N    N N N 173 
PHE CA   C N S 174 
PHE C    C N N 175 
PHE O    O N N 176 
PHE CB   C N N 177 
PHE CG   C Y N 178 
PHE CD1  C Y N 179 
PHE CD2  C Y N 180 
PHE CE1  C Y N 181 
PHE CE2  C Y N 182 
PHE CZ   C Y N 183 
PHE OXT  O N N 184 
PHE H    H N N 185 
PHE H2   H N N 186 
PHE HA   H N N 187 
PHE HB2  H N N 188 
PHE HB3  H N N 189 
PHE HD1  H N N 190 
PHE HD2  H N N 191 
PHE HE1  H N N 192 
PHE HE2  H N N 193 
PHE HZ   H N N 194 
PHE HXT  H N N 195 
PRO N    N N N 196 
PRO CA   C N S 197 
PRO C    C N N 198 
PRO O    O N N 199 
PRO CB   C N N 200 
PRO CG   C N N 201 
PRO CD   C N N 202 
PRO OXT  O N N 203 
PRO H    H N N 204 
PRO HA   H N N 205 
PRO HB2  H N N 206 
PRO HB3  H N N 207 
PRO HG2  H N N 208 
PRO HG3  H N N 209 
PRO HD2  H N N 210 
PRO HD3  H N N 211 
PRO HXT  H N N 212 
SER N    N N N 213 
SER CA   C N S 214 
SER C    C N N 215 
SER O    O N N 216 
SER CB   C N N 217 
SER OG   O N N 218 
SER OXT  O N N 219 
SER H    H N N 220 
SER H2   H N N 221 
SER HA   H N N 222 
SER HB2  H N N 223 
SER HB3  H N N 224 
SER HG   H N N 225 
SER HXT  H N N 226 
THR N    N N N 227 
THR CA   C N S 228 
THR C    C N N 229 
THR O    O N N 230 
THR CB   C N R 231 
THR OG1  O N N 232 
THR CG2  C N N 233 
THR OXT  O N N 234 
THR H    H N N 235 
THR H2   H N N 236 
THR HA   H N N 237 
THR HB   H N N 238 
THR HG1  H N N 239 
THR HG21 H N N 240 
THR HG22 H N N 241 
THR HG23 H N N 242 
THR HXT  H N N 243 
TYR N    N N N 244 
TYR CA   C N S 245 
TYR C    C N N 246 
TYR O    O N N 247 
TYR CB   C N N 248 
TYR CG   C Y N 249 
TYR CD1  C Y N 250 
TYR CD2  C Y N 251 
TYR CE1  C Y N 252 
TYR CE2  C Y N 253 
TYR CZ   C Y N 254 
TYR OH   O N N 255 
TYR OXT  O N N 256 
TYR H    H N N 257 
TYR H2   H N N 258 
TYR HA   H N N 259 
TYR HB2  H N N 260 
TYR HB3  H N N 261 
TYR HD1  H N N 262 
TYR HD2  H N N 263 
TYR HE1  H N N 264 
TYR HE2  H N N 265 
TYR HH   H N N 266 
TYR HXT  H N N 267 
VAL N    N N N 268 
VAL CA   C N S 269 
VAL C    C N N 270 
VAL O    O N N 271 
VAL CB   C N N 272 
VAL CG1  C N N 273 
VAL CG2  C N N 274 
VAL OXT  O N N 275 
VAL H    H N N 276 
VAL H2   H N N 277 
VAL HA   H N N 278 
VAL HB   H N N 279 
VAL HG11 H N N 280 
VAL HG12 H N N 281 
VAL HG13 H N N 282 
VAL HG21 H N N 283 
VAL HG22 H N N 284 
VAL HG23 H N N 285 
VAL HXT  H N N 286 
# 
loop_
_chem_comp_bond.comp_id 
_chem_comp_bond.atom_id_1 
_chem_comp_bond.atom_id_2 
_chem_comp_bond.value_order 
_chem_comp_bond.pdbx_aromatic_flag 
_chem_comp_bond.pdbx_stereo_config 
_chem_comp_bond.pdbx_ordinal 
ALA N   CA   sing N N 1   
ALA N   H    sing N N 2   
ALA N   H2   sing N N 3   
ALA CA  C    sing N N 4   
ALA CA  CB   sing N N 5   
ALA CA  HA   sing N N 6   
ALA C   O    doub N N 7   
ALA C   OXT  sing N N 8   
ALA CB  HB1  sing N N 9   
ALA CB  HB2  sing N N 10  
ALA CB  HB3  sing N N 11  
ALA OXT HXT  sing N N 12  
ARG N   CA   sing N N 13  
ARG N   H    sing N N 14  
ARG N   H2   sing N N 15  
ARG CA  C    sing N N 16  
ARG CA  CB   sing N N 17  
ARG CA  HA   sing N N 18  
ARG C   O    doub N N 19  
ARG C   OXT  sing N N 20  
ARG CB  CG   sing N N 21  
ARG CB  HB2  sing N N 22  
ARG CB  HB3  sing N N 23  
ARG CG  CD   sing N N 24  
ARG CG  HG2  sing N N 25  
ARG CG  HG3  sing N N 26  
ARG CD  NE   sing N N 27  
ARG CD  HD2  sing N N 28  
ARG CD  HD3  sing N N 29  
ARG NE  CZ   sing N N 30  
ARG NE  HE   sing N N 31  
ARG CZ  NH1  sing N N 32  
ARG CZ  NH2  doub N N 33  
ARG NH1 HH11 sing N N 34  
ARG NH1 HH12 sing N N 35  
ARG NH2 HH21 sing N N 36  
ARG NH2 HH22 sing N N 37  
ARG OXT HXT  sing N N 38  
ASN N   CA   sing N N 39  
ASN N   H    sing N N 40  
ASN N   H2   sing N N 41  
ASN CA  C    sing N N 42  
ASN CA  CB   sing N N 43  
ASN CA  HA   sing N N 44  
ASN C   O    doub N N 45  
ASN C   OXT  sing N N 46  
ASN CB  CG   sing N N 47  
ASN CB  HB2  sing N N 48  
ASN CB  HB3  sing N N 49  
ASN CG  OD1  doub N N 50  
ASN CG  ND2  sing N N 51  
ASN ND2 HD21 sing N N 52  
ASN ND2 HD22 sing N N 53  
ASN OXT HXT  sing N N 54  
ASP N   CA   sing N N 55  
ASP N   H    sing N N 56  
ASP N   H2   sing N N 57  
ASP CA  C    sing N N 58  
ASP CA  CB   sing N N 59  
ASP CA  HA   sing N N 60  
ASP C   O    doub N N 61  
ASP C   OXT  sing N N 62  
ASP CB  CG   sing N N 63  
ASP CB  HB2  sing N N 64  
ASP CB  HB3  sing N N 65  
ASP CG  OD1  doub N N 66  
ASP CG  OD2  sing N N 67  
ASP OD2 HD2  sing N N 68  
ASP OXT HXT  sing N N 69  
CYS N   CA   sing N N 70  
CYS N   H    sing N N 71  
CYS N   H2   sing N N 72  
CYS CA  C    sing N N 73  
CYS CA  CB   sing N N 74  
CYS CA  HA   sing N N 75  
CYS C   O    doub N N 76  
CYS C   OXT  sing N N 77  
CYS CB  SG   sing N N 78  
CYS CB  HB2  sing N N 79  
CYS CB  HB3  sing N N 80  
CYS SG  HG   sing N N 81  
CYS OXT HXT  sing N N 82  
EOH C1  C2   sing N N 83  
EOH C1  O    sing N N 84  
EOH C1  H11  sing N N 85  
EOH C1  H12  sing N N 86  
EOH C2  H21  sing N N 87  
EOH C2  H22  sing N N 88  
EOH C2  H23  sing N N 89  
EOH O   HO   sing N N 90  
GLU N   CA   sing N N 91  
GLU N   H    sing N N 92  
GLU N   H2   sing N N 93  
GLU CA  C    sing N N 94  
GLU CA  CB   sing N N 95  
GLU CA  HA   sing N N 96  
GLU C   O    doub N N 97  
GLU C   OXT  sing N N 98  
GLU CB  CG   sing N N 99  
GLU CB  HB2  sing N N 100 
GLU CB  HB3  sing N N 101 
GLU CG  CD   sing N N 102 
GLU CG  HG2  sing N N 103 
GLU CG  HG3  sing N N 104 
GLU CD  OE1  doub N N 105 
GLU CD  OE2  sing N N 106 
GLU OE2 HE2  sing N N 107 
GLU OXT HXT  sing N N 108 
GLY N   CA   sing N N 109 
GLY N   H    sing N N 110 
GLY N   H2   sing N N 111 
GLY CA  C    sing N N 112 
GLY CA  HA2  sing N N 113 
GLY CA  HA3  sing N N 114 
GLY C   O    doub N N 115 
GLY C   OXT  sing N N 116 
GLY OXT HXT  sing N N 117 
HOH O   H1   sing N N 118 
HOH O   H2   sing N N 119 
ILE N   CA   sing N N 120 
ILE N   H    sing N N 121 
ILE N   H2   sing N N 122 
ILE CA  C    sing N N 123 
ILE CA  CB   sing N N 124 
ILE CA  HA   sing N N 125 
ILE C   O    doub N N 126 
ILE C   OXT  sing N N 127 
ILE CB  CG1  sing N N 128 
ILE CB  CG2  sing N N 129 
ILE CB  HB   sing N N 130 
ILE CG1 CD1  sing N N 131 
ILE CG1 HG12 sing N N 132 
ILE CG1 HG13 sing N N 133 
ILE CG2 HG21 sing N N 134 
ILE CG2 HG22 sing N N 135 
ILE CG2 HG23 sing N N 136 
ILE CD1 HD11 sing N N 137 
ILE CD1 HD12 sing N N 138 
ILE CD1 HD13 sing N N 139 
ILE OXT HXT  sing N N 140 
LEU N   CA   sing N N 141 
LEU N   H    sing N N 142 
LEU N   H2   sing N N 143 
LEU CA  C    sing N N 144 
LEU CA  CB   sing N N 145 
LEU CA  HA   sing N N 146 
LEU C   O    doub N N 147 
LEU C   OXT  sing N N 148 
LEU CB  CG   sing N N 149 
LEU CB  HB2  sing N N 150 
LEU CB  HB3  sing N N 151 
LEU CG  CD1  sing N N 152 
LEU CG  CD2  sing N N 153 
LEU CG  HG   sing N N 154 
LEU CD1 HD11 sing N N 155 
LEU CD1 HD12 sing N N 156 
LEU CD1 HD13 sing N N 157 
LEU CD2 HD21 sing N N 158 
LEU CD2 HD22 sing N N 159 
LEU CD2 HD23 sing N N 160 
LEU OXT HXT  sing N N 161 
PHE N   CA   sing N N 162 
PHE N   H    sing N N 163 
PHE N   H2   sing N N 164 
PHE CA  C    sing N N 165 
PHE CA  CB   sing N N 166 
PHE CA  HA   sing N N 167 
PHE C   O    doub N N 168 
PHE C   OXT  sing N N 169 
PHE CB  CG   sing N N 170 
PHE CB  HB2  sing N N 171 
PHE CB  HB3  sing N N 172 
PHE CG  CD1  doub Y N 173 
PHE CG  CD2  sing Y N 174 
PHE CD1 CE1  sing Y N 175 
PHE CD1 HD1  sing N N 176 
PHE CD2 CE2  doub Y N 177 
PHE CD2 HD2  sing N N 178 
PHE CE1 CZ   doub Y N 179 
PHE CE1 HE1  sing N N 180 
PHE CE2 CZ   sing Y N 181 
PHE CE2 HE2  sing N N 182 
PHE CZ  HZ   sing N N 183 
PHE OXT HXT  sing N N 184 
PRO N   CA   sing N N 185 
PRO N   CD   sing N N 186 
PRO N   H    sing N N 187 
PRO CA  C    sing N N 188 
PRO CA  CB   sing N N 189 
PRO CA  HA   sing N N 190 
PRO C   O    doub N N 191 
PRO C   OXT  sing N N 192 
PRO CB  CG   sing N N 193 
PRO CB  HB2  sing N N 194 
PRO CB  HB3  sing N N 195 
PRO CG  CD   sing N N 196 
PRO CG  HG2  sing N N 197 
PRO CG  HG3  sing N N 198 
PRO CD  HD2  sing N N 199 
PRO CD  HD3  sing N N 200 
PRO OXT HXT  sing N N 201 
SER N   CA   sing N N 202 
SER N   H    sing N N 203 
SER N   H2   sing N N 204 
SER CA  C    sing N N 205 
SER CA  CB   sing N N 206 
SER CA  HA   sing N N 207 
SER C   O    doub N N 208 
SER C   OXT  sing N N 209 
SER CB  OG   sing N N 210 
SER CB  HB2  sing N N 211 
SER CB  HB3  sing N N 212 
SER OG  HG   sing N N 213 
SER OXT HXT  sing N N 214 
THR N   CA   sing N N 215 
THR N   H    sing N N 216 
THR N   H2   sing N N 217 
THR CA  C    sing N N 218 
THR CA  CB   sing N N 219 
THR CA  HA   sing N N 220 
THR C   O    doub N N 221 
THR C   OXT  sing N N 222 
THR CB  OG1  sing N N 223 
THR CB  CG2  sing N N 224 
THR CB  HB   sing N N 225 
THR OG1 HG1  sing N N 226 
THR CG2 HG21 sing N N 227 
THR CG2 HG22 sing N N 228 
THR CG2 HG23 sing N N 229 
THR OXT HXT  sing N N 230 
TYR N   CA   sing N N 231 
TYR N   H    sing N N 232 
TYR N   H2   sing N N 233 
TYR CA  C    sing N N 234 
TYR CA  CB   sing N N 235 
TYR CA  HA   sing N N 236 
TYR C   O    doub N N 237 
TYR C   OXT  sing N N 238 
TYR CB  CG   sing N N 239 
TYR CB  HB2  sing N N 240 
TYR CB  HB3  sing N N 241 
TYR CG  CD1  doub Y N 242 
TYR CG  CD2  sing Y N 243 
TYR CD1 CE1  sing Y N 244 
TYR CD1 HD1  sing N N 245 
TYR CD2 CE2  doub Y N 246 
TYR CD2 HD2  sing N N 247 
TYR CE1 CZ   doub Y N 248 
TYR CE1 HE1  sing N N 249 
TYR CE2 CZ   sing Y N 250 
TYR CE2 HE2  sing N N 251 
TYR CZ  OH   sing N N 252 
TYR OH  HH   sing N N 253 
TYR OXT HXT  sing N N 254 
VAL N   CA   sing N N 255 
VAL N   H    sing N N 256 
VAL N   H2   sing N N 257 
VAL CA  C    sing N N 258 
VAL CA  CB   sing N N 259 
VAL CA  HA   sing N N 260 
VAL C   O    doub N N 261 
VAL C   OXT  sing N N 262 
VAL CB  CG1  sing N N 263 
VAL CB  CG2  sing N N 264 
VAL CB  HB   sing N N 265 
VAL CG1 HG11 sing N N 266 
VAL CG1 HG12 sing N N 267 
VAL CG1 HG13 sing N N 268 
VAL CG2 HG21 sing N N 269 
VAL CG2 HG22 sing N N 270 
VAL CG2 HG23 sing N N 271 
VAL OXT HXT  sing N N 272 
# 
_pdbx_initial_refinement_model.id               1 
_pdbx_initial_refinement_model.entity_id_list   ? 
_pdbx_initial_refinement_model.type             'experimental model' 
_pdbx_initial_refinement_model.source_name      PDB 
_pdbx_initial_refinement_model.accession_code   1EJG 
_pdbx_initial_refinement_model.details          'PDB entry 1EJG' 
# 
_atom_sites.entry_id                    3NIR 
_atom_sites.fract_transf_matrix[1][1]   -0.01448099 
_atom_sites.fract_transf_matrix[1][2]   0.03549074 
_atom_sites.fract_transf_matrix[1][3]   -0.02316440 
_atom_sites.fract_transf_matrix[2][1]   0.04395907 
_atom_sites.fract_transf_matrix[2][2]   0.02777451 
_atom_sites.fract_transf_matrix[2][3]   0.01507342 
_atom_sites.fract_transf_matrix[3][1]   0.01184417 
_atom_sites.fract_transf_matrix[3][2]   -0.00790636 
_atom_sites.fract_transf_matrix[3][3]   -0.01997313 
_atom_sites.fract_transf_vector[1]      0.307768 
_atom_sites.fract_transf_vector[2]      -0.542922 
_atom_sites.fract_transf_vector[3]      0.237535 
# 
loop_
_atom_type.symbol 
C 
H 
N 
O 
S 
# 
loop_
_atom_site.group_PDB 
_atom_site.id 
_atom_site.type_symbol 
_atom_site.label_atom_id 
_atom_site.label_alt_id 
_atom_site.label_comp_id 
_atom_site.label_asym_id 
_atom_site.label_entity_id 
_atom_site.label_seq_id 
_atom_site.pdbx_PDB_ins_code 
_atom_site.Cartn_x 
_atom_site.Cartn_y 
_atom_site.Cartn_z 
_atom_site.occupancy 
_atom_site.B_iso_or_equiv 
_atom_site.pdbx_formal_charge 
_atom_site.auth_seq_id 
_atom_site.auth_comp_id 
_atom_site.auth_asym_id 
_atom_site.auth_atom_id 
_atom_site.pdbx_PDB_model_num 
ATOM   1    N N    A THR A 1 1  ? 1.314   -7.207  -5.203  0.87 4.71  ? 1    THR A N    1 
ATOM   2    N N    B THR A 1 1  ? 1.411   -6.825  -6.202  0.25 9.35  ? 1    THR A N    1 
ATOM   3    C CA   A THR A 1 1  ? 2.099   -5.942  -5.268  0.76 3.80  ? 1    THR A CA   1 
ATOM   4    C CA   B THR A 1 1  ? 2.119   -5.787  -5.459  0.20 4.94  ? 1    THR A CA   1 
ATOM   5    C C    A THR A 1 1  ? 1.216   -4.903  -4.588  0.80 3.68  ? 1    THR A C    1 
ATOM   6    C C    B THR A 1 1  ? 1.367   -4.733  -4.652  0.22 3.77  ? 1    THR A C    1 
ATOM   7    O O    A THR A 1 1  ? 0.006   -4.827  -4.793  0.85 5.76  ? 1    THR A O    1 
ATOM   8    O O    B THR A 1 1  ? 0.176   -5.050  -4.556  0.16 5.61  ? 1    THR A O    1 
ATOM   9    C CB   A THR A 1 1  ? 2.316   -5.544  -6.738  0.65 4.22  ? 1    THR A CB   1 
ATOM   10   C CB   B THR A 1 1  ? 3.211   -5.167  -6.349  0.25 9.70  ? 1    THR A CB   1 
ATOM   11   O OG1  A THR A 1 1  ? 3.005   -6.658  -7.324  0.78 6.21  ? 1    THR A OG1  1 
ATOM   12   O OG1  B THR A 1 1  ? 4.209   -4.455  -5.608  0.25 10.60 ? 1    THR A OG1  1 
ATOM   13   C CG2  A THR A 1 1  ? 3.106   -4.255  -6.900  0.63 5.67  ? 1    THR A CG2  1 
ATOM   14   C CG2  B THR A 1 1  ? 2.518   -4.150  -7.242  0.25 9.55  ? 1    THR A CG2  1 
ATOM   15   H H1   A THR A 1 1  ? 1.132   -7.111  -4.484  0.75 6.58  ? 1    THR A H1   1 
ATOM   16   H H1   B THR A 1 1  ? 1.715   -8.316  -6.504  0.25 11.77 ? 1    THR A H1   1 
ATOM   17   H H2   A THR A 1 1  ? 1.735   -7.782  -5.518  0.75 6.58  ? 1    THR A H2   1 
ATOM   18   H H2   B THR A 1 1  ? -0.619  -5.852  -5.209  0.25 11.77 ? 1    THR A H2   1 
ATOM   19   H H3   A THR A 1 1  ? 0.496   -7.534  -6.002  0.75 6.58  ? 1    THR A H3   1 
ATOM   20   H H3   B THR A 1 1  ? 5.003   -0.114  -7.784  0.25 11.77 ? 1    THR A H3   1 
ATOM   21   H HA   A THR A 1 1  ? 3.184   -6.076  -4.475  0.75 4.19  ? 1    THR A HA   1 
ATOM   22   H HA   B THR A 1 1  ? 2.766   -6.063  -5.019  0.25 5.98  ? 1    THR A HA   1 
ATOM   23   H HB   A THR A 1 1  ? 1.358   -5.436  -7.243  0.75 4.53  ? 1    THR A HB   1 
ATOM   24   H HB   B THR A 1 1  ? 3.594   -5.901  -7.101  0.25 9.37  ? 1    THR A HB   1 
ATOM   25   H HG1  A THR A 1 1  ? 3.341   -7.245  -6.663  0.75 8.30  ? 1    THR A HG1  1 
ATOM   26   H HG1  B THR A 1 1  ? 5.076   -5.048  -5.793  0.25 15.91 ? 1    THR A HG1  1 
ATOM   27   H HG21 A THR A 1 1  ? 3.324   -4.086  -7.911  0.75 7.89  ? 1    THR A HG21 1 
ATOM   28   H HG21 B THR A 1 1  ? 3.194   -3.580  -7.853  0.25 14.33 ? 1    THR A HG21 1 
ATOM   29   H HG22 A THR A 1 1  ? 4.013   -4.312  -6.346  0.75 7.89  ? 1    THR A HG22 1 
ATOM   30   H HG22 B THR A 1 1  ? 2.153   -3.295  -6.502  0.25 14.33 ? 1    THR A HG22 1 
ATOM   31   H HG23 A THR A 1 1  ? 2.527   -3.444  -6.513  0.75 7.89  ? 1    THR A HG23 1 
ATOM   32   H HG23 B THR A 1 1  ? 1.691   -4.427  -7.725  0.25 14.33 ? 1    THR A HG23 1 
ATOM   33   N N    A THR A 1 2  ? 1.892   -4.018  -3.873  0.74 2.95  ? 2    THR A N    1 
ATOM   34   N N    B THR A 1 2  ? 2.093   -3.832  -3.992  0.31 2.78  ? 2    THR A N    1 
ATOM   35   C CA   A THR A 1 2  ? 1.135   -2.922  -3.287  0.81 3.02  ? 2    THR A CA   1 
ATOM   36   C CA   B THR A 1 2  ? 1.463   -2.743  -3.251  0.20 2.67  ? 2    THR A CA   1 
ATOM   37   C C    A THR A 1 2  ? 1.432   -1.643  -4.060  0.74 2.82  ? 2    THR A C    1 
ATOM   38   C C    B THR A 1 2  ? 1.623   -1.427  -4.011  0.29 1.80  ? 2    THR A C    1 
ATOM   39   O O    A THR A 1 2  ? 2.540   -1.388  -4.535  0.80 3.31  ? 2    THR A O    1 
ATOM   40   O O    B THR A 1 2  ? 2.745   -1.173  -4.452  0.25 2.41  ? 2    THR A O    1 
ATOM   41   C CB   A THR A 1 2  ? 1.563   -2.784  -1.815  0.87 5.53  ? 2    THR A CB   1 
ATOM   42   C CB   B THR A 1 2  ? 1.926   -2.715  -1.784  0.25 12.07 ? 2    THR A CB   1 
ATOM   43   O OG1  A THR A 1 2  ? 2.984   -2.613  -1.746  1.00 6.88  ? 2    THR A OG1  1 
ATOM   44   O OG1  B THR A 1 2  ? 1.500   -3.865  -1.041  0.25 9.57  ? 2    THR A OG1  1 
ATOM   45   C CG2  A THR A 1 2  ? 0.955   -3.963  -1.070  0.75 10.03 ? 2    THR A CG2  1 
ATOM   46   C CG2  B THR A 1 2  ? 1.462   -1.457  -1.065  0.27 5.90  ? 2    THR A CG2  1 
ATOM   47   H H    A THR A 1 2  ? 2.916   -4.062  -3.840  0.75 3.44  ? 2    THR A H    1 
ATOM   48   H H    B THR A 1 2  ? 3.199   -3.060  -4.347  0.25 2.90  ? 2    THR A H    1 
ATOM   49   H HA   A THR A 1 2  ? 0.258   -3.081  -3.374  0.75 3.32  ? 2    THR A HA   1 
ATOM   50   H HA   B THR A 1 2  ? 2.812   -3.354  -1.664  0.25 2.86  ? 2    THR A HA   1 
ATOM   51   H HB   A THR A 1 2  ? 1.004   -1.914  -1.416  0.75 5.43  ? 2    THR A HB   1 
ATOM   52   H HB   B THR A 1 2  ? 3.149   -2.592  -1.885  0.25 5.67  ? 2    THR A HB   1 
ATOM   53   H HG1  A THR A 1 2  ? 3.318   -2.501  -2.609  0.75 8.74  ? 2    THR A HG1  1 
ATOM   54   H HG1  B THR A 1 2  ? 2.006   -4.616  -1.546  0.25 10.21 ? 2    THR A HG1  1 
ATOM   55   H HG21 A THR A 1 2  ? 0.003   -4.095  -1.129  0.75 10.92 ? 2    THR A HG21 1 
ATOM   56   H HG21 B THR A 1 2  ? 1.817   -0.558  -1.576  0.25 9.66  ? 2    THR A HG21 1 
ATOM   57   H HG22 A THR A 1 2  ? 1.348   -3.949  -0.052  0.75 10.92 ? 2    THR A HG22 1 
ATOM   58   H HG22 B THR A 1 2  ? 2.012   -1.412  -0.085  0.25 9.66  ? 2    THR A HG22 1 
ATOM   59   H HG23 A THR A 1 2  ? 1.496   -4.887  -1.497  0.75 10.92 ? 2    THR A HG23 1 
ATOM   60   H HG23 B THR A 1 2  ? 0.508   -1.488  -0.934  0.25 9.66  ? 2    THR A HG23 1 
ATOM   61   N N    . CYS A 1 3  ? 0.459   -0.750  -4.099  1.00 2.88  ? 3    CYS A N    1 
ATOM   62   C CA   . CYS A 1 3  ? 0.526   0.523   -4.794  1.00 2.60  ? 3    CYS A CA   1 
ATOM   63   C C    . CYS A 1 3  ? -0.113  1.562   -3.876  1.00 2.40  ? 3    CYS A C    1 
ATOM   64   O O    . CYS A 1 3  ? -1.177  1.286   -3.298  1.00 3.41  ? 3    CYS A O    1 
ATOM   65   C CB   . CYS A 1 3  ? -0.274  0.497   -6.111  1.00 2.85  ? 3    CYS A CB   1 
ATOM   66   S SG   . CYS A 1 3  ? 0.137   -0.879  -7.214  1.00 3.88  ? 3    CYS A SG   1 
ATOM   67   H H    . CYS A 1 3  ? -0.229  -0.763  -3.370  1.00 2.91  ? 3    CYS A H    1 
ATOM   68   H HA   . CYS A 1 3  ? 1.533   0.785   -4.980  1.00 2.77  ? 3    CYS A HA   1 
ATOM   69   H HB2  . CYS A 1 3  ? -1.332  0.446   -5.882  1.00 2.99  ? 3    CYS A HB2  1 
ATOM   70   H HB3  . CYS A 1 3  ? -0.078  1.428   -6.649  1.00 2.99  ? 3    CYS A HB3  1 
ATOM   71   N N    . CYS A 1 4  ? 0.482   2.755   -3.758  1.00 2.28  ? 4    CYS A N    1 
ATOM   72   C CA   . CYS A 1 4  ? -0.040  3.732   -2.832  1.00 2.04  ? 4    CYS A CA   1 
ATOM   73   C C    . CYS A 1 4  ? -0.364  5.029   -3.562  1.00 2.05  ? 4    CYS A C    1 
ATOM   74   O O    . CYS A 1 4  ? 0.285   5.418   -4.527  1.00 2.56  ? 4    CYS A O    1 
ATOM   75   C CB   . CYS A 1 4  ? 0.949   3.987   -1.691  1.00 2.32  ? 4    CYS A CB   1 
ATOM   76   S SG   . CYS A 1 4  ? 1.149   2.562   -0.583  1.00 2.56  ? 4    CYS A SG   1 
ATOM   77   H H    . CYS A 1 4  ? 1.314   2.951   -4.295  1.00 2.26  ? 4    CYS A H    1 
ATOM   78   H HA   . CYS A 1 4  ? -0.728  3.436   -2.510  1.00 2.11  ? 4    CYS A HA   1 
ATOM   79   H HB2  . CYS A 1 4  ? 1.916   4.241   -2.130  1.00 2.31  ? 4    CYS A HB2  1 
ATOM   80   H HB3  . CYS A 1 4  ? 0.589   4.845   -1.122  1.00 2.31  ? 4    CYS A HB3  1 
ATOM   81   N N    . PRO A 1 5  ? -1.405  5.740   -3.072  1.00 2.12  ? 5    PRO A N    1 
ATOM   82   C CA   . PRO A 1 5  ? -1.899  6.916   -3.782  1.00 2.27  ? 5    PRO A CA   1 
ATOM   83   C C    . PRO A 1 5  ? -1.023  8.150   -3.611  1.00 2.48  ? 5    PRO A C    1 
ATOM   84   O O    . PRO A 1 5  ? -1.161  9.081   -4.418  1.00 3.55  ? 5    PRO A O    1 
ATOM   85   C CB   . PRO A 1 5  ? -3.294  7.142   -3.185  1.00 2.79  ? 5    PRO A CB   1 
ATOM   86   C CG   . PRO A 1 5  ? -3.174  6.564   -1.762  1.00 2.76  ? 5    PRO A CG   1 
ATOM   87   C CD   . PRO A 1 5  ? -2.324  5.319   -1.983  1.00 2.30  ? 5    PRO A CD   1 
ATOM   88   H HA   . PRO A 1 5  ? -1.974  6.729   -4.641  1.00 2.39  ? 5    PRO A HA   1 
ATOM   89   H HB2  . PRO A 1 5  ? -3.533  8.198   -3.146  1.00 3.00  ? 5    PRO A HB2  1 
ATOM   90   H HB3  . PRO A 1 5  ? -4.046  6.583   -3.745  1.00 3.00  ? 5    PRO A HB3  1 
ATOM   91   H HG2  . PRO A 1 5  ? -2.655  7.272   -1.107  1.00 2.92  ? 5    PRO A HG2  1 
ATOM   92   H HG3  . PRO A 1 5  ? -4.152  6.300   -1.366  1.00 2.92  ? 5    PRO A HG3  1 
ATOM   93   H HD2  . PRO A 1 5  ? -1.765  5.069   -1.084  1.00 2.43  ? 5    PRO A HD2  1 
ATOM   94   H HD3  . PRO A 1 5  ? -2.955  4.491   -2.307  1.00 2.43  ? 5    PRO A HD3  1 
ATOM   95   N N    . SER A 1 6  ? -0.187  8.171   -2.565  1.00 2.29  ? 6    SER A N    1 
ATOM   96   C CA   . SER A 1 6  ? 0.669   9.302   -2.281  1.00 2.17  ? 6    SER A CA   1 
ATOM   97   C C    . SER A 1 6  ? 1.854   8.790   -1.468  1.00 2.31  ? 6    SER A C    1 
ATOM   98   O O    . SER A 1 6  ? 1.831   7.673   -0.937  1.00 2.61  ? 6    SER A O    1 
ATOM   99   C CB   . SER A 1 6  ? -0.050  10.394  -1.500  1.00 2.20  ? 6    SER A CB   1 
ATOM   100  O OG   . SER A 1 6  ? -0.317  9.913   -0.182  1.00 2.61  ? 6    SER A OG   1 
ATOM   101  H H    . SER A 1 6  ? -0.177  7.401   -1.910  1.00 2.34  ? 6    SER A H    1 
ATOM   102  H HA   . SER A 1 6  ? 0.984   9.665   -3.107  1.00 2.28  ? 6    SER A HA   1 
ATOM   103  H HB2  . SER A 1 6  ? 0.574   11.284  -1.446  1.00 2.25  ? 6    SER A HB2  1 
ATOM   104  H HB3  . SER A 1 6  ? -1.000  10.639  -1.993  1.00 2.25  ? 6    SER A HB3  1 
ATOM   105  H HG   . SER A 1 6  ? 0.513   9.622   0.228   1.00 3.34  ? 6    SER A HG   1 
ATOM   106  N N    A ILE A 1 7  ? 2.864   9.646   -1.218  0.53 2.38  ? 7    ILE A N    1 
ATOM   107  N N    B ILE A 1 7  ? 2.852   9.647   -1.477  0.50 2.11  ? 7    ILE A N    1 
ATOM   108  C CA   A ILE A 1 7  ? 4.024   9.419   -0.342  0.46 2.97  ? 7    ILE A CA   1 
ATOM   109  C CA   B ILE A 1 7  ? 4.014   9.237   -0.703  0.51 2.48  ? 7    ILE A CA   1 
ATOM   110  C C    A ILE A 1 7  ? 3.572   9.119   1.088   0.57 2.93  ? 7    ILE A C    1 
ATOM   111  C C    B ILE A 1 7  ? 3.758   9.043   0.777   0.46 2.09  ? 7    ILE A C    1 
ATOM   112  O O    A ILE A 1 7  ? 4.018   8.116   1.651   0.60 3.50  ? 7    ILE A O    1 
ATOM   113  O O    B ILE A 1 7  ? 4.223   8.034   1.313   0.46 2.69  ? 7    ILE A O    1 
ATOM   114  C CB   A ILE A 1 7  ? 5.014   10.598  -0.440  0.59 3.92  ? 7    ILE A CB   1 
ATOM   115  C CB   B ILE A 1 7  ? 5.130   10.254  -0.945  0.43 3.59  ? 7    ILE A CB   1 
ATOM   116  C CG1  A ILE A 1 7  ? 5.709   10.812  -1.785  0.54 5.89  ? 7    ILE A CG1  1 
ATOM   117  C CG1  B ILE A 1 7  ? 5.554   10.121  -2.410  0.37 4.19  ? 7    ILE A CG1  1 
ATOM   118  C CG2  A ILE A 1 7  ? 6.009   10.554  0.711   0.63 5.01  ? 7    ILE A CG2  1 
ATOM   119  C CG2  B ILE A 1 7  ? 6.308   9.987   -0.021  0.49 5.39  ? 7    ILE A CG2  1 
ATOM   120  C CD1  A ILE A 1 7  ? 6.633   9.684   -2.187  0.55 8.25  ? 7    ILE A CD1  1 
ATOM   121  C CD1  B ILE A 1 7  ? 6.588   11.155  -2.801  0.47 6.21  ? 7    ILE A CD1  1 
ATOM   122  H H    A ILE A 1 7  ? 2.924   10.505  -1.742  0.55 2.68  ? 7    ILE A H    1 
ATOM   123  H H    B ILE A 1 7  ? 2.482   10.256  -1.916  0.45 2.23  ? 7    ILE A H    1 
ATOM   124  H HA   A ILE A 1 7  ? 4.392   8.498   -0.834  0.55 2.99  ? 7    ILE A HA   1 
ATOM   125  H HA   B ILE A 1 7  ? 4.412   7.959   -1.226  0.45 2.36  ? 7    ILE A HA   1 
ATOM   126  H HB   A ILE A 1 7  ? 4.433   11.493  -0.274  0.55 3.94  ? 7    ILE A HB   1 
ATOM   127  H HB   B ILE A 1 7  ? 5.076   10.380  -0.710  0.45 3.46  ? 7    ILE A HB   1 
ATOM   128  H HG12 A ILE A 1 7  ? 4.921   10.744  -2.584  0.55 6.55  ? 7    ILE A HG12 1 
ATOM   129  H HG12 B ILE A 1 7  ? 5.978   9.145   -2.558  0.45 4.66  ? 7    ILE A HG12 1 
ATOM   130  H HG13 A ILE A 1 7  ? 6.198   11.723  -1.830  0.55 6.55  ? 7    ILE A HG13 1 
ATOM   131  H HG13 B ILE A 1 7  ? 4.686   10.262  -3.033  0.45 4.66  ? 7    ILE A HG13 1 
ATOM   132  H HG21 A ILE A 1 7  ? 5.514   10.406  1.615   0.55 6.77  ? 7    ILE A HG21 1 
ATOM   133  H HG21 B ILE A 1 7  ? 5.820   10.077  1.068   0.45 8.08  ? 7    ILE A HG21 1 
ATOM   134  H HG22 A ILE A 1 7  ? 6.595   11.413  0.716   0.55 6.77  ? 7    ILE A HG22 1 
ATOM   135  H HG22 B ILE A 1 7  ? 6.947   10.839  0.000   0.45 8.08  ? 7    ILE A HG22 1 
ATOM   136  H HG23 A ILE A 1 7  ? 6.675   9.693   0.551   0.55 6.77  ? 7    ILE A HG23 1 
ATOM   137  H HG23 B ILE A 1 7  ? 6.707   9.127   -0.073  0.45 8.08  ? 7    ILE A HG23 1 
ATOM   138  H HD11 A ILE A 1 7  ? 7.422   9.649   -1.315  0.55 10.77 ? 7    ILE A HD11 1 
ATOM   139  H HD11 B ILE A 1 7  ? 6.228   12.142  -2.600  0.45 8.66  ? 7    ILE A HD11 1 
ATOM   140  H HD12 A ILE A 1 7  ? 7.167   9.844   -3.014  0.55 10.77 ? 7    ILE A HD12 1 
ATOM   141  H HD12 B ILE A 1 7  ? 6.817   11.072  -3.825  0.45 8.66  ? 7    ILE A HD12 1 
ATOM   142  H HD13 A ILE A 1 7  ? 6.198   8.727   -2.117  0.55 10.77 ? 7    ILE A HD13 1 
ATOM   143  H HD13 B ILE A 1 7  ? 7.486   11.013  -2.231  0.45 8.66  ? 7    ILE A HD13 1 
ATOM   144  N N    A VAL A 1 8  ? 2.707   9.960   1.628   0.55 2.81  ? 8    VAL A N    1 
ATOM   145  N N    B VAL A 1 8  ? 3.016   9.917   1.447   0.44 2.14  ? 8    VAL A N    1 
ATOM   146  C CA   A VAL A 1 8  ? 2.263   9.803   3.006   0.52 2.97  ? 8    VAL A CA   1 
ATOM   147  C CA   B VAL A 1 8  ? 2.729   9.665   2.868   0.50 2.37  ? 8    VAL A CA   1 
ATOM   148  C C    A VAL A 1 8  ? 1.649   8.424   3.204   0.53 3.02  ? 8    VAL A C    1 
ATOM   149  C C    B VAL A 1 8  ? 1.885   8.399   3.082   0.47 2.23  ? 8    VAL A C    1 
ATOM   150  O O    A VAL A 1 8  ? 2.142   7.752   4.110   0.63 2.64  ? 8    VAL A O    1 
ATOM   151  O O    B VAL A 1 8  ? 1.825   7.714   4.139   0.47 2.08  ? 8    VAL A O    1 
ATOM   152  C CB   A VAL A 1 8  ? 1.276   10.916  3.416   0.56 3.67  ? 8    VAL A CB   1 
ATOM   153  C CB   B VAL A 1 8  ? 2.141   10.888  3.588   0.43 3.49  ? 8    VAL A CB   1 
ATOM   154  C CG1  A VAL A 1 8  ? 0.392   10.536  4.595   0.49 4.91  ? 8    VAL A CG1  1 
ATOM   155  C CG1  B VAL A 1 8  ? 0.642   10.990  3.370   0.52 4.74  ? 8    VAL A CG1  1 
ATOM   156  C CG2  A VAL A 1 8  ? 2.018   12.226  3.662   0.55 9.97  ? 8    VAL A CG2  1 
ATOM   157  C CG2  B VAL A 1 8  ? 2.480   10.830  5.071   0.53 4.91  ? 8    VAL A CG2  1 
ATOM   158  H H    A VAL A 1 8  ? 2.472   10.823  1.126   0.55 2.40  ? 8    VAL A H    1 
ATOM   159  H H    B VAL A 1 8  ? 2.617   10.851  1.343   0.45 2.25  ? 8    VAL A H    1 
ATOM   160  H HA   A VAL A 1 8  ? 2.862   10.034  4.090   0.55 3.09  ? 8    VAL A HA   1 
ATOM   161  H HA   B VAL A 1 8  ? 3.706   9.389   3.413   0.45 2.26  ? 8    VAL A HA   1 
ATOM   162  H HB   A VAL A 1 8  ? 0.629   11.103  2.563   0.55 4.66  ? 8    VAL A HB   1 
ATOM   163  H HB   B VAL A 1 8  ? 3.371   11.939  3.659   0.45 3.80  ? 8    VAL A HB   1 
ATOM   164  H HG11 A VAL A 1 8  ? -0.244  11.327  4.821   0.55 7.15  ? 8    VAL A HG11 1 
ATOM   165  H HG11 B VAL A 1 8  ? 0.404   10.995  2.344   0.45 6.89  ? 8    VAL A HG11 1 
ATOM   166  H HG12 A VAL A 1 8  ? 1.027   10.334  5.443   0.55 7.15  ? 8    VAL A HG12 1 
ATOM   167  H HG12 B VAL A 1 8  ? 0.272   11.887  3.820   0.45 6.89  ? 8    VAL A HG12 1 
ATOM   168  H HG13 A VAL A 1 8  ? -0.142  9.665   4.359   0.55 7.15  ? 8    VAL A HG13 1 
ATOM   169  H HG13 B VAL A 1 8  ? 0.170   10.161  3.841   0.45 6.89  ? 8    VAL A HG13 1 
ATOM   170  H HG21 A VAL A 1 8  ? 2.688   12.062  4.535   0.55 14.96 ? 8    VAL A HG21 1 
ATOM   171  H HG21 B VAL A 1 8  ? 2.108   11.680  5.543   0.45 7.86  ? 8    VAL A HG21 1 
ATOM   172  H HG22 A VAL A 1 8  ? 1.325   12.964  3.971   0.55 14.96 ? 8    VAL A HG22 1 
ATOM   173  H HG22 B VAL A 1 8  ? 3.485   10.693  5.195   0.45 7.86  ? 8    VAL A HG22 1 
ATOM   174  H HG23 A VAL A 1 8  ? 2.580   12.513  2.869   0.55 14.96 ? 8    VAL A HG23 1 
ATOM   175  H HG23 B VAL A 1 8  ? 1.941   9.962   5.459   0.45 7.86  ? 8    VAL A HG23 1 
ATOM   176  N N    . ALA A 1 9  ? 0.907   8.063   2.182   1.00 2.69  ? 9    ALA A N    1 
ATOM   177  C CA   . ALA A 1 9  ? 0.214   6.781   2.318   1.00 2.41  ? 9    ALA A CA   1 
ATOM   178  C C    . ALA A 1 9  ? 1.214   5.623   2.334   1.00 2.13  ? 9    ALA A C    1 
ATOM   179  O O    . ALA A 1 9  ? 1.056   4.689   3.127   1.00 2.50  ? 9    ALA A O    1 
ATOM   180  C CB   . ALA A 1 9  ? -0.821  6.627   1.214   1.00 2.71  ? 9    ALA A CB   1 
ATOM   181  H H    . ALA A 1 9  ? 0.601   8.745   1.513   1.00 2.80  ? 9    ALA A H    1 
ATOM   182  H HA   . ALA A 1 9  ? -0.237  6.778   3.153   1.00 2.44  ? 9    ALA A HA   1 
ATOM   183  H HB1  . ALA A 1 9  ? -1.541  7.406   1.293   1.00 3.63  ? 9    ALA A HB1  1 
ATOM   184  H HB2  . ALA A 1 9  ? -1.309  5.692   1.309   1.00 3.63  ? 9    ALA A HB2  1 
ATOM   185  H HB3  . ALA A 1 9  ? -0.348  6.685   0.270   1.00 3.63  ? 9    ALA A HB3  1 
ATOM   186  N N    . ARG A 1 10 ? 2.232   5.668   1.453   1.00 2.08  ? 10   ARG A N    1 
ATOM   187  C CA   . ARG A 1 10 ? 3.266   4.646   1.475   1.00 2.03  ? 10   ARG A CA   1 
ATOM   188  C C    . ARG A 1 10 ? 4.037   4.644   2.793   1.00 2.02  ? 10   ARG A C    1 
ATOM   189  O O    . ARG A 1 10 ? 4.314   3.574   3.360   1.00 2.23  ? 10   ARG A O    1 
ATOM   190  C CB   . ARG A 1 10 ? 4.223   4.842   0.297   1.00 2.23  ? 10   ARG A CB   1 
ATOM   191  C CG   . ARG A 1 10 ? 5.405   3.868   0.286   1.00 2.51  ? 10   ARG A CG   1 
ATOM   192  C CD   . ARG A 1 10 ? 5.027   2.400   0.029   1.00 2.89  ? 10   ARG A CD   1 
ATOM   193  N NE   . ARG A 1 10 ? 4.500   2.243   -1.308  1.00 3.18  ? 10   ARG A NE   1 
ATOM   194  C CZ   . ARG A 1 10 ? 4.046   1.064   -1.773  1.00 4.37  ? 10   ARG A CZ   1 
ATOM   195  N NH1  . ARG A 1 10 ? 4.073   -0.042  -1.043  1.00 6.13  ? 10   ARG A NH1  1 
ATOM   196  N NH2  . ARG A 1 10 ? 3.543   1.041   -3.013  1.00 5.58  ? 10   ARG A NH2  1 
ATOM   197  H H    . ARG A 1 10 ? 2.450   6.527   0.975   1.00 2.10  ? 10   ARG A H    1 
ATOM   198  H HA   . ARG A 1 10 ? 2.847   3.805   1.380   1.00 2.05  ? 10   ARG A HA   1 
ATOM   199  H HB2  . ARG A 1 10 ? 3.664   4.720   -0.635  1.00 2.32  ? 10   ARG A HB2  1 
ATOM   200  H HB3  . ARG A 1 10 ? 4.616   5.862   0.324   1.00 2.32  ? 10   ARG A HB3  1 
ATOM   201  H HG2  . ARG A 1 10 ? 6.103   4.187   -0.492  1.00 2.64  ? 10   ARG A HG2  1 
ATOM   202  H HG3  . ARG A 1 10 ? 5.918   3.932   1.247   1.00 2.64  ? 10   ARG A HG3  1 
ATOM   203  H HD2  . ARG A 1 10 ? 5.916   1.775   0.141   1.00 3.21  ? 10   ARG A HD2  1 
ATOM   204  H HD3  . ARG A 1 10 ? 4.274   2.089   0.750   1.00 3.21  ? 10   ARG A HD3  1 
ATOM   205  H HE   . ARG A 1 10 ? 4.463   3.105   -1.952  1.00 3.46  ? 10   ARG A HE   1 
ATOM   206  H HH11 . ARG A 1 10 ? 4.577   -0.031  -0.180  1.00 6.79  ? 10   ARG A HH11 1 
ATOM   207  H HH12 . ARG A 1 10 ? 3.800   -0.903  -1.477  1.00 6.79  ? 10   ARG A HH12 1 
ATOM   208  H HH21 . ARG A 1 10 ? 3.589   1.887   -3.581  1.00 6.44  ? 10   ARG A HH21 1 
ATOM   209  H HH22 . ARG A 1 10 ? 3.237   0.186   -3.415  1.00 6.44  ? 10   ARG A HH22 1 
ATOM   210  N N    . SER A 1 11 ? 4.424   5.823   3.286   1.00 2.24  ? 11   SER A N    1 
ATOM   211  C CA   . SER A 1 11 ? 5.167   5.851   4.540   1.00 2.17  ? 11   SER A CA   1 
ATOM   212  C C    . SER A 1 11 ? 4.308   5.248   5.668   1.00 2.13  ? 11   SER A C    1 
ATOM   213  O O    . SER A 1 11 ? 4.821   4.484   6.512   1.00 2.40  ? 11   SER A O    1 
ATOM   214  C CB   . SER A 1 11 ? 5.561   7.286   4.884   1.00 2.59  ? 11   SER A CB   1 
ATOM   215  O OG   . SER A 1 11 ? 6.422   7.778   3.870   1.00 3.95  ? 11   SER A OG   1 
ATOM   216  H H    . SER A 1 11 ? 4.044   6.679   2.912   1.00 2.24  ? 11   SER A H    1 
ATOM   217  H HA   . SER A 1 11 ? 6.015   5.289   4.429   1.00 2.23  ? 11   SER A HA   1 
ATOM   218  H HB2  . SER A 1 11 ? 4.671   7.903   4.946   1.00 2.83  ? 11   SER A HB2  1 
ATOM   219  H HB3  . SER A 1 11 ? 6.087   7.288   5.838   1.00 2.83  ? 11   SER A HB3  1 
ATOM   220  H HG   . SER A 1 11 ? 6.670   8.682   4.094   1.00 5.35  ? 11   SER A HG   1 
ATOM   221  N N    A ASN A 1 12 ? 3.000   5.541   5.632   0.72 2.31  ? 12   ASN A N    1 
ATOM   222  N N    B ASN A 1 12 ? 3.047   5.631   5.768   0.31 1.78  ? 12   ASN A N    1 
ATOM   223  C CA   A ASN A 1 12 ? 2.209   5.049   6.753   0.66 2.02  ? 12   ASN A CA   1 
ATOM   224  C CA   B ASN A 1 12 ? 2.045   4.992   6.625   0.33 1.91  ? 12   ASN A CA   1 
ATOM   225  C C    A ASN A 1 12 ? 2.060   3.552   6.532   0.57 2.04  ? 12   ASN A C    1 
ATOM   226  C C    B ASN A 1 12 ? 1.854   3.479   6.558   0.31 1.59  ? 12   ASN A C    1 
ATOM   227  O O    A ASN A 1 12 ? 2.010   2.808   7.519   0.56 2.56  ? 12   ASN A O    1 
ATOM   228  O O    B ASN A 1 12 ? 1.760   2.775   7.560   0.40 1.80  ? 12   ASN A O    1 
ATOM   229  C CB   A ASN A 1 12 ? 0.865   5.775   6.792   0.58 2.70  ? 12   ASN A CB   1 
ATOM   230  C CB   B ASN A 1 12 ? 0.676   5.658   6.509   0.43 2.01  ? 12   ASN A CB   1 
ATOM   231  C CG   A ASN A 1 12 ? 1.042   7.205   7.269   0.54 3.50  ? 12   ASN A CG   1 
ATOM   232  C CG   B ASN A 1 12 ? 0.641   7.091   7.018   0.34 2.60  ? 12   ASN A CG   1 
ATOM   233  O OD1  A ASN A 1 12 ? 1.992   7.534   7.988   0.64 4.22  ? 12   ASN A OD1  1 
ATOM   234  O OD1  B ASN A 1 12 ? 1.466   7.528   7.817   0.33 4.50  ? 12   ASN A OD1  1 
ATOM   235  N ND2  A ASN A 1 12 ? 0.099   8.041   6.839   0.60 4.85  ? 12   ASN A ND2  1 
ATOM   236  N ND2  B ASN A 1 12 ? -0.381  7.815   6.586   0.36 3.25  ? 12   ASN A ND2  1 
ATOM   237  H H    A ASN A 1 12 ? 2.659   6.198   4.952   0.63 2.57  ? 12   ASN A H    1 
ATOM   238  H H    B ASN A 1 12 ? 2.729   6.748   5.415   0.37 1.70  ? 12   ASN A H    1 
ATOM   239  H HA   A ASN A 1 12 ? 2.804   5.351   7.400   0.63 2.29  ? 12   ASN A HA   1 
ATOM   240  H HA   B ASN A 1 12 ? 1.568   5.347   7.679   0.37 2.36  ? 12   ASN A HA   1 
ATOM   241  H HB2  A ASN A 1 12 ? 0.426   5.789   5.787   0.63 2.83  ? 12   ASN A HB2  1 
ATOM   242  H HB2  B ASN A 1 12 ? 0.402   5.658   5.463   0.37 1.96  ? 12   ASN A HB2  1 
ATOM   243  H HB3  A ASN A 1 12 ? 0.186   5.256   7.466   0.63 2.83  ? 12   ASN A HB3  1 
ATOM   244  H HB3  B ASN A 1 12 ? -0.045  5.056   7.066   0.37 1.96  ? 12   ASN A HB3  1 
ATOM   245  H HD21 A ASN A 1 12 ? -0.629  7.747   6.226   0.63 5.40  ? 12   ASN A HD21 1 
ATOM   246  H HD21 B ASN A 1 12 ? -0.998  7.447   5.873   0.37 3.22  ? 12   ASN A HD21 1 
ATOM   247  H HD22 A ASN A 1 12 ? 0.079   9.005   7.211   0.63 5.40  ? 12   ASN A HD22 1 
ATOM   248  H HD22 B ASN A 1 12 ? -0.518  8.755   6.927   0.37 3.22  ? 12   ASN A HD22 1 
ATOM   249  N N    A PHE A 1 13 ? 1.987   3.089   5.278   0.63 1.95  ? 13   PHE A N    1 
ATOM   250  N N    B PHE A 1 13 ? 1.783   3.024   5.312   0.37 1.77  ? 13   PHE A N    1 
ATOM   251  C CA   A PHE A 1 13 ? 1.904   1.664   4.965   0.58 2.20  ? 13   PHE A CA   1 
ATOM   252  C CA   B PHE A 1 13 ? 1.714   1.596   5.054   0.42 1.39  ? 13   PHE A CA   1 
ATOM   253  C C    A PHE A 1 13 ? 3.043   0.870   5.604   0.55 2.25  ? 13   PHE A C    1 
ATOM   254  C C    B PHE A 1 13 ? 2.993   0.934   5.542   0.41 1.86  ? 13   PHE A C    1 
ATOM   255  O O    A PHE A 1 13 ? 2.816   -0.177  6.206   0.59 1.63  ? 13   PHE A O    1 
ATOM   256  O O    B PHE A 1 13 ? 3.059   -0.125  6.174   0.41 2.21  ? 13   PHE A O    1 
ATOM   257  C CB   A PHE A 1 13 ? 1.809   1.436   3.450   0.58 2.32  ? 13   PHE A CB   1 
ATOM   258  C CB   B PHE A 1 13 ? 1.559   1.444   3.535   0.42 1.66  ? 13   PHE A CB   1 
ATOM   259  C CG   A PHE A 1 13 ? 1.399   0.020   3.086   0.57 2.30  ? 13   PHE A CG   1 
ATOM   260  C CG   B PHE A 1 13 ? 1.614   -0.002  3.065   0.34 2.44  ? 13   PHE A CG   1 
ATOM   261  C CD1  A PHE A 1 13 ? 2.431   -0.884  2.884   0.58 3.35  ? 13   PHE A CD1  1 
ATOM   262  C CD1  B PHE A 1 13 ? 2.742   -0.725  2.748   0.43 3.30  ? 13   PHE A CD1  1 
ATOM   263  C CD2  A PHE A 1 13 ? 0.097   -0.408  2.909   0.61 2.58  ? 13   PHE A CD2  1 
ATOM   264  C CD2  B PHE A 1 13 ? 0.404   -0.674  2.989   0.34 3.67  ? 13   PHE A CD2  1 
ATOM   265  C CE1  A PHE A 1 13 ? 2.190   -2.192  2.497   0.68 4.46  ? 13   PHE A CE1  1 
ATOM   266  C CE1  B PHE A 1 13 ? 2.587   -2.048  2.374   0.42 5.39  ? 13   PHE A CE1  1 
ATOM   267  C CE2  A PHE A 1 13 ? -0.154  -1.715  2.527   0.57 3.98  ? 13   PHE A CE2  1 
ATOM   268  C CE2  B PHE A 1 13 ? 0.223   -1.989  2.609   0.33 5.01  ? 13   PHE A CE2  1 
ATOM   269  C CZ   A PHE A 1 13 ? 0.881   -2.612  2.331   0.56 4.74  ? 13   PHE A CZ   1 
ATOM   270  C CZ   B PHE A 1 13 ? 1.371   -2.704  2.322   0.40 8.49  ? 13   PHE A CZ   1 
ATOM   271  H H    A PHE A 1 13 ? 2.078   3.716   4.509   0.60 2.07  ? 13   PHE A H    1 
ATOM   272  H H    B PHE A 1 13 ? 1.484   3.433   4.313   0.40 1.97  ? 13   PHE A H    1 
ATOM   273  H HA   A PHE A 1 13 ? 1.586   1.178   5.229   0.60 2.46  ? 13   PHE A HA   1 
ATOM   274  H HA   B PHE A 1 13 ? 0.239   1.189   5.345   0.40 1.47  ? 13   PHE A HA   1 
ATOM   275  H HB2  A PHE A 1 13 ? 1.063   2.128   3.045   0.60 2.60  ? 13   PHE A HB2  1 
ATOM   276  H HB2  B PHE A 1 13 ? 0.611   1.892   3.230   0.40 1.70  ? 13   PHE A HB2  1 
ATOM   277  H HB3  A PHE A 1 13 ? 2.771   1.659   3.028   0.60 2.60  ? 13   PHE A HB3  1 
ATOM   278  H HB3  B PHE A 1 13 ? 2.370   1.988   3.020   0.40 1.70  ? 13   PHE A HB3  1 
ATOM   279  H HD1  A PHE A 1 13 ? 3.449   -0.581  3.040   0.60 3.66  ? 13   PHE A HD1  1 
ATOM   280  H HD1  B PHE A 1 13 ? 3.288   -0.438  3.108   0.40 3.31  ? 13   PHE A HD1  1 
ATOM   281  H HD2  A PHE A 1 13 ? -0.724  0.276   3.086   0.60 2.51  ? 13   PHE A HD2  1 
ATOM   282  H HD2  B PHE A 1 13 ? -1.140  -0.322  3.718   0.40 3.86  ? 13   PHE A HD2  1 
ATOM   283  H HE1  A PHE A 1 13 ? 2.991   -2.913  2.398   0.60 4.54  ? 13   PHE A HE1  1 
ATOM   284  H HE1  B PHE A 1 13 ? 3.282   -2.558  2.300   0.40 4.83  ? 13   PHE A HE1  1 
ATOM   285  H HE2  A PHE A 1 13 ? -1.181  -1.995  2.252   0.60 3.79  ? 13   PHE A HE2  1 
ATOM   286  H HE2  B PHE A 1 13 ? -0.752  -3.973  3.052   0.40 4.83  ? 13   PHE A HE2  1 
ATOM   287  H HZ   A PHE A 1 13 ? 0.651   -3.610  1.982   0.60 4.31  ? 13   PHE A HZ   1 
ATOM   288  H HZ   B PHE A 1 13 ? 1.872   -4.723  2.698   0.40 5.26  ? 13   PHE A HZ   1 
ATOM   289  N N    . ASN A 1 14 ? 4.206   1.463   5.339   1.00 2.07  ? 14   ASN A N    1 
ATOM   290  C CA   . ASN A 1 14 ? 5.404   0.788   5.797   1.00 2.00  ? 14   ASN A CA   1 
ATOM   291  C C    . ASN A 1 14 ? 5.471   0.729   7.325   1.00 1.97  ? 14   ASN A C    1 
ATOM   292  O O    . ASN A 1 14 ? 5.945   -0.275  7.885   1.00 2.62  ? 14   ASN A O    1 
ATOM   293  C CB   . ASN A 1 14 ? 6.645   1.434   5.213   1.00 2.43  ? 14   ASN A CB   1 
ATOM   294  C CG   . ASN A 1 14 ? 6.798   1.146   3.733   1.00 2.88  ? 14   ASN A CG   1 
ATOM   295  O OD1  . ASN A 1 14 ? 6.297   0.122   3.242   1.00 3.71  ? 14   ASN A OD1  1 
ATOM   296  N ND2  . ASN A 1 14 ? 7.519   2.031   3.039   1.00 3.64  ? 14   ASN A ND2  1 
ATOM   297  H H    . ASN A 1 14 ? 4.253   2.375   4.917   1.00 1.99  ? 14   ASN A H    1 
ATOM   298  H HA   . ASN A 1 14 ? 5.368   -0.237  5.428   1.00 2.04  ? 14   ASN A HA   1 
ATOM   299  H HB2  . ASN A 1 14 ? 6.578   2.515   5.358   1.00 2.50  ? 14   ASN A HB2  1 
ATOM   300  H HB3  . ASN A 1 14 ? 7.518   1.058   5.738   1.00 2.50  ? 14   ASN A HB3  1 
ATOM   301  H HD21 . ASN A 1 14 ? 7.904   2.825   3.492   1.00 3.96  ? 14   ASN A HD21 1 
ATOM   302  H HD22 . ASN A 1 14 ? 7.624   1.891   2.041   1.00 3.96  ? 14   ASN A HD22 1 
ATOM   303  N N    . VAL A 1 15 ? 4.993   1.763   8.031   1.00 1.90  ? 15   VAL A N    1 
ATOM   304  C CA   . VAL A 1 15 ? 4.922   1.670   9.487   1.00 1.86  ? 15   VAL A CA   1 
ATOM   305  C C    . VAL A 1 15 ? 3.898   0.616   9.918   1.00 1.89  ? 15   VAL A C    1 
ATOM   306  O O    . VAL A 1 15 ? 4.152   -0.190  10.815  1.00 2.24  ? 15   VAL A O    1 
ATOM   307  C CB   . VAL A 1 15 ? 4.650   3.037   10.109  1.00 2.19  ? 15   VAL A CB   1 
ATOM   308  C CG1  . VAL A 1 15 ? 4.309   2.913   11.589  1.00 2.96  ? 15   VAL A CG1  1 
ATOM   309  C CG2  . VAL A 1 15 ? 5.882   3.938   9.921   1.00 2.82  ? 15   VAL A CG2  1 
ATOM   310  H H    . VAL A 1 15 ? 4.740   2.620   7.560   1.00 1.90  ? 15   VAL A H    1 
ATOM   311  H HA   . VAL A 1 15 ? 5.843   1.352   9.829   1.00 1.78  ? 15   VAL A HA   1 
ATOM   312  H HB   . VAL A 1 15 ? 3.796   3.497   9.587   1.00 2.27  ? 15   VAL A HB   1 
ATOM   313  H HG11 . VAL A 1 15 ? 3.439   2.318   11.703  1.00 4.06  ? 15   VAL A HG11 1 
ATOM   314  H HG12 . VAL A 1 15 ? 4.122   3.883   11.983  1.00 4.06  ? 15   VAL A HG12 1 
ATOM   315  H HG13 . VAL A 1 15 ? 5.115   2.474   12.101  1.00 4.06  ? 15   VAL A HG13 1 
ATOM   316  H HG21 . VAL A 1 15 ? 6.716   3.476   10.376  1.00 3.90  ? 15   VAL A HG21 1 
ATOM   317  H HG22 . VAL A 1 15 ? 5.697   4.873   10.385  1.00 3.90  ? 15   VAL A HG22 1 
ATOM   318  H HG23 . VAL A 1 15 ? 6.058   4.076   8.893   1.00 3.90  ? 15   VAL A HG23 1 
ATOM   319  N N    . CYS A 1 16 ? 2.717   0.616   9.262   1.00 2.02  ? 16   CYS A N    1 
ATOM   320  C CA   . CYS A 1 16 ? 1.700   -0.377  9.569   1.00 1.98  ? 16   CYS A CA   1 
ATOM   321  C C    . CYS A 1 16 ? 2.236   -1.805  9.443   1.00 1.90  ? 16   CYS A C    1 
ATOM   322  O O    . CYS A 1 16 ? 1.873   -2.700  10.222  1.00 2.37  ? 16   CYS A O    1 
ATOM   323  C CB   . CYS A 1 16 ? 0.518   -0.135  8.616   1.00 2.41  ? 16   CYS A CB   1 
ATOM   324  S SG   . CYS A 1 16 ? -0.844  -1.304  8.754   1.00 2.74  ? 16   CYS A SG   1 
ATOM   325  H H    . CYS A 1 16 ? 2.482   1.371   8.634   1.00 2.02  ? 16   CYS A H    1 
ATOM   326  H HA   . CYS A 1 16 ? 1.422   -0.239  10.428  1.00 2.02  ? 16   CYS A HA   1 
ATOM   327  H HB2  . CYS A 1 16 ? 0.126   0.871   8.794   1.00 2.51  ? 16   CYS A HB2  1 
ATOM   328  H HB3  . CYS A 1 16 ? 0.892   -0.168  7.589   1.00 2.51  ? 16   CYS A HB3  1 
ATOM   329  N N    . ARG A 1 17 ? 3.117   -2.027  8.465   1.00 1.88  ? 17   ARG A N    1 
ATOM   330  C CA   . ARG A 1 17 ? 3.662   -3.359  8.246   1.00 1.97  ? 17   ARG A CA   1 
ATOM   331  C C    . ARG A 1 17 ? 4.705   -3.776  9.296   1.00 2.11  ? 17   ARG A C    1 
ATOM   332  O O    . ARG A 1 17 ? 4.935   -4.979  9.449   1.00 2.73  ? 17   ARG A O    1 
ATOM   333  C CB   . ARG A 1 17 ? 4.272   -3.450  6.842   1.00 2.19  ? 17   ARG A CB   1 
ATOM   334  C CG   . ARG A 1 17 ? 3.213   -3.434  5.744   1.00 2.32  ? 17   ARG A CG   1 
ATOM   335  C CD   . ARG A 1 17 ? 2.505   -4.770  5.584   1.00 2.42  ? 17   ARG A CD   1 
ATOM   336  N NE   . ARG A 1 17 ? 3.404   -5.728  4.975   1.00 2.55  ? 17   ARG A NE   1 
ATOM   337  C CZ   . ARG A 1 17 ? 3.275   -7.056  5.028   1.00 2.40  ? 17   ARG A CZ   1 
ATOM   338  N NH1  . ARG A 1 17 ? 2.353   -7.636  5.808   1.00 2.94  ? 17   ARG A NH1  1 
ATOM   339  N NH2  . ARG A 1 17 ? 4.059   -7.834  4.283   1.00 3.02  ? 17   ARG A NH2  1 
ATOM   340  H H    . ARG A 1 17 ? 3.494   -1.263  7.937   1.00 1.87  ? 17   ARG A H    1 
ATOM   341  H HA   . ARG A 1 17 ? 2.888   -4.026  8.288   1.00 1.94  ? 17   ARG A HA   1 
ATOM   342  H HB2  . ARG A 1 17 ? 4.932   -2.595  6.694   1.00 2.21  ? 17   ARG A HB2  1 
ATOM   343  H HB3  . ARG A 1 17 ? 4.846   -4.366  6.763   1.00 2.21  ? 17   ARG A HB3  1 
ATOM   344  H HG2  . ARG A 1 17 ? 2.468   -2.667  5.981   1.00 2.36  ? 17   ARG A HG2  1 
ATOM   345  H HG3  . ARG A 1 17 ? 3.692   -3.171  4.800   1.00 2.36  ? 17   ARG A HG3  1 
ATOM   346  H HD2  . ARG A 1 17 ? 2.200   -5.141  6.569   1.00 2.53  ? 17   ARG A HD2  1 
ATOM   347  H HD3  . ARG A 1 17 ? 1.620   -4.648  4.958   1.00 2.53  ? 17   ARG A HD3  1 
ATOM   348  H HE   . ARG A 1 17 ? 4.250   -5.344  4.425   1.00 2.70  ? 17   ARG A HE   1 
ATOM   349  H HH11 . ARG A 1 17 ? 1.720   -7.063  6.352   1.00 3.28  ? 17   ARG A HH11 1 
ATOM   350  H HH12 . ARG A 1 17 ? 2.204   -8.635  5.767   1.00 3.28  ? 17   ARG A HH12 1 
ATOM   351  H HH21 . ARG A 1 17 ? 4.793   -7.405  3.732   1.00 3.19  ? 17   ARG A HH21 1 
ATOM   352  H HH22 . ARG A 1 17 ? 3.890   -8.819  4.221   1.00 3.19  ? 17   ARG A HH22 1 
ATOM   353  N N    . LEU A 1 18 ? 5.315   -2.827  10.009  1.00 2.13  ? 18   LEU A N    1 
ATOM   354  C CA   . LEU A 1 18 ? 6.396   -3.191  10.919  1.00 2.10  ? 18   LEU A CA   1 
ATOM   355  C C    . LEU A 1 18 ? 6.021   -4.285  11.920  1.00 1.97  ? 18   LEU A C    1 
ATOM   356  O O    . LEU A 1 18 ? 6.820   -5.211  12.117  1.00 2.27  ? 18   LEU A O    1 
ATOM   357  C CB   . LEU A 1 18 ? 6.933   -1.963  11.688  1.00 2.52  ? 18   LEU A CB   1 
ATOM   358  C CG   . LEU A 1 18 ? 7.734   -0.980  10.849  1.00 2.71  ? 18   LEU A CG   1 
ATOM   359  C CD1  . LEU A 1 18 ? 8.053   0.239   11.711  1.00 4.18  ? 18   LEU A CD1  1 
ATOM   360  C CD2  . LEU A 1 18 ? 9.017   -1.590  10.292  1.00 3.93  ? 18   LEU A CD2  1 
ATOM   361  H H    . LEU A 1 18 ? 4.966   -1.888  9.998   1.00 2.20  ? 18   LEU A H    1 
ATOM   362  H HA   . LEU A 1 18 ? 6.984   -3.465  10.492  1.00 2.22  ? 18   LEU A HA   1 
ATOM   363  H HB2  . LEU A 1 18 ? 6.068   -1.441  12.119  1.00 2.70  ? 18   LEU A HB2  1 
ATOM   364  H HB3  . LEU A 1 18 ? 7.557   -2.315  12.503  1.00 2.70  ? 18   LEU A HB3  1 
ATOM   365  H HG   . LEU A 1 18 ? 7.094   -0.650  10.010  1.00 2.91  ? 18   LEU A HG   1 
ATOM   366  H HD11 . LEU A 1 18 ? 7.178   0.699   12.037  1.00 5.64  ? 18   LEU A HD11 1 
ATOM   367  H HD12 . LEU A 1 18 ? 8.628   0.923   11.122  1.00 5.64  ? 18   LEU A HD12 1 
ATOM   368  H HD13 . LEU A 1 18 ? 8.643   -0.072  12.538  1.00 5.64  ? 18   LEU A HD13 1 
ATOM   369  H HD21 . LEU A 1 18 ? 9.522   -0.856  9.721   1.00 5.30  ? 18   LEU A HD21 1 
ATOM   370  H HD22 . LEU A 1 18 ? 8.775   -2.415  9.674   1.00 5.30  ? 18   LEU A HD22 1 
ATOM   371  H HD23 . LEU A 1 18 ? 9.626   -1.907  11.091  1.00 5.30  ? 18   LEU A HD23 1 
ATOM   372  N N    A PRO A 1 19 ? 4.838   -4.264  12.560  0.80 1.83  ? 19   PRO A N    1 
ATOM   373  N N    B PRO A 1 19 ? 4.982   -4.156  12.726  0.19 1.96  ? 19   PRO A N    1 
ATOM   374  C CA   A PRO A 1 19 ? 4.474   -5.344  13.475  0.86 2.16  ? 19   PRO A CA   1 
ATOM   375  C CA   B PRO A 1 19 ? 4.638   -5.336  13.525  0.16 1.76  ? 19   PRO A CA   1 
ATOM   376  C C    A PRO A 1 19 ? 4.024   -6.624  12.782  0.82 2.29  ? 19   PRO A C    1 
ATOM   377  C C    B PRO A 1 19 ? 4.210   -6.604  12.780  0.18 2.49  ? 19   PRO A C    1 
ATOM   378  O O    A PRO A 1 19 ? 3.763   -7.605  13.474  0.75 3.61  ? 19   PRO A O    1 
ATOM   379  O O    B PRO A 1 19 ? 4.066   -7.618  13.479  0.16 4.63  ? 19   PRO A O    1 
ATOM   380  C CB   A PRO A 1 19 ? 3.311   -4.789  14.307  0.85 2.32  ? 19   PRO A CB   1 
ATOM   381  C CB   B PRO A 1 19 ? 3.532   -4.766  14.421  0.20 1.72  ? 19   PRO A CB   1 
ATOM   382  C CG   A PRO A 1 19 ? 2.750   -3.700  13.459  0.84 2.42  ? 19   PRO A CG   1 
ATOM   383  C CG   B PRO A 1 19 ? 3.261   -3.350  14.045  0.15 5.27  ? 19   PRO A CG   1 
ATOM   384  C CD   A PRO A 1 19 ? 3.901   -3.126  12.701  0.75 2.50  ? 19   PRO A CD   1 
ATOM   385  C CD   B PRO A 1 19 ? 4.081   -2.996  12.839  0.17 1.25  ? 19   PRO A CD   1 
ATOM   386  H HA   A PRO A 1 19 ? 5.174   -5.621  14.172  0.80 2.34  ? 19   PRO A HA   1 
ATOM   387  H HA   B PRO A 1 19 ? 4.690   -5.244  14.304  0.20 1.67  ? 19   PRO A HA   1 
ATOM   388  H HB2  A PRO A 1 19 ? 2.566   -5.571  14.478  0.80 2.83  ? 19   PRO A HB2  1 
ATOM   389  H HB2  B PRO A 1 19 ? 2.574   -5.353  14.268  0.20 1.37  ? 19   PRO A HB2  1 
ATOM   390  H HB3  A PRO A 1 19 ? 3.675   -4.390  15.254  0.80 2.83  ? 19   PRO A HB3  1 
ATOM   391  H HB3  B PRO A 1 19 ? 3.809   -4.863  15.463  0.20 1.37  ? 19   PRO A HB3  1 
ATOM   392  H HG2  A PRO A 1 19 ? 2.008   -4.111  12.765  0.80 2.60  ? 19   PRO A HG2  1 
ATOM   393  H HG2  B PRO A 1 19 ? 2.208   -3.192  13.878  0.20 4.81  ? 19   PRO A HG2  1 
ATOM   394  H HG3  A PRO A 1 19 ? 2.290   -2.935  14.093  0.80 2.60  ? 19   PRO A HG3  1 
ATOM   395  H HG3  B PRO A 1 19 ? 3.601   -2.722  14.888  0.20 4.81  ? 19   PRO A HG3  1 
ATOM   396  H HD2  A PRO A 1 19 ? 3.587   -2.779  11.730  0.80 2.95  ? 19   PRO A HD2  1 
ATOM   397  H HD2  B PRO A 1 19 ? 3.385   -2.872  11.978  0.20 1.17  ? 19   PRO A HD2  1 
ATOM   398  H HD3  A PRO A 1 19 ? 4.367   -2.328  13.285  0.80 2.95  ? 19   PRO A HD3  1 
ATOM   399  H HD3  B PRO A 1 19 ? 4.675   -2.138  12.997  0.20 1.17  ? 19   PRO A HD3  1 
ATOM   400  N N    . GLY A 1 20 ? 3.931   -6.587  11.463  1.00 2.34  ? 20   GLY A N    1 
ATOM   401  C CA   . GLY A 1 20 ? 3.529   -7.771  10.713  1.00 2.82  ? 20   GLY A CA   1 
ATOM   402  C C    . GLY A 1 20 ? 2.086   -7.763  10.243  1.00 2.31  ? 20   GLY A C    1 
ATOM   403  O O    . GLY A 1 20 ? 1.629   -8.761  9.675   1.00 3.50  ? 20   GLY A O    1 
ATOM   404  H H    . GLY A 1 20 ? 4.139   -5.746  10.950  1.00 2.40  ? 20   GLY A H    1 
ATOM   405  H HA2  . GLY A 1 20 ? 4.176   -7.870  9.840   1.00 2.95  ? 20   GLY A HA2  1 
ATOM   406  H HA3  . GLY A 1 20 ? 3.685   -8.654  11.331  1.00 2.95  ? 20   GLY A HA3  1 
ATOM   407  N N    . THR A 1 21 ? 1.393   -6.632  10.410  1.00 2.13  ? 21   THR A N    1 
ATOM   408  C CA   . THR A 1 21 ? 0.003   -6.508  10.007  1.00 1.90  ? 21   THR A CA   1 
ATOM   409  C C    . THR A 1 21 ? -0.160  -6.953  8.549   1.00 1.96  ? 21   THR A C    1 
ATOM   410  O O    . THR A 1 21 ? 0.590   -6.511  7.685   1.00 2.70  ? 21   THR A O    1 
ATOM   411  C CB   . THR A 1 21 ? -0.384  -5.021  10.082  1.00 1.95  ? 21   THR A CB   1 
ATOM   412  O OG1  . THR A 1 21 ? 0.048   -4.482  11.323  1.00 2.30  ? 21   THR A OG1  1 
ATOM   413  C CG2  . THR A 1 21 ? -1.886  -4.835  9.902   1.00 2.52  ? 21   THR A CG2  1 
ATOM   414  H H    . THR A 1 21 ? 1.832   -5.832  10.816  1.00 2.20  ? 21   THR A H    1 
ATOM   415  H HA   . THR A 1 21 ? -0.763  -7.203  10.784  1.00 1.93  ? 21   THR A HA   1 
ATOM   416  H HB   . THR A 1 21 ? 0.125   -4.483  9.270   1.00 1.98  ? 21   THR A HB   1 
ATOM   417  H HG1  . THR A 1 21 ? 1.005   -4.564  11.397  1.00 3.01  ? 21   THR A HG1  1 
ATOM   418  H HG21 . THR A 1 21 ? -2.172  -5.200  8.946   1.00 3.45  ? 21   THR A HG21 1 
ATOM   419  H HG22 . THR A 1 21 ? -2.139  -3.826  9.996   1.00 3.45  ? 21   THR A HG22 1 
ATOM   420  H HG23 . THR A 1 21 ? -2.394  -5.408  10.647  1.00 3.45  ? 21   THR A HG23 1 
ATOM   421  N N    A PRO A 1 22 ? -1.199  -7.764  8.281   0.70 1.90  ? 22   PRO A N    1 
ATOM   422  C CA   A PRO A 1 22 ? -1.511  -8.142  6.903   0.66 1.95  ? 22   PRO A CA   1 
ATOM   423  C C    A PRO A 1 22 ? -1.571  -6.950  5.953   0.63 1.82  ? 22   PRO A C    1 
ATOM   424  O O    A PRO A 1 22 ? -2.157  -5.902  6.282   0.70 2.27  ? 22   PRO A O    1 
ATOM   425  C CB   A PRO A 1 22 ? -2.875  -8.838  6.989   0.62 3.01  ? 22   PRO A CB   1 
ATOM   426  C CG   A PRO A 1 22 ? -2.816  -9.475  8.345   0.71 3.52  ? 22   PRO A CG   1 
ATOM   427  C CD   A PRO A 1 22 ? -2.101  -8.471  9.214   0.60 3.10  ? 22   PRO A CD   1 
ATOM   428  H HA   A PRO A 1 22 ? -0.564  -8.927  6.569   0.65 2.12  ? 22   PRO A HA   1 
ATOM   429  H HB2  A PRO A 1 22 ? -3.690  -8.103  6.965   0.65 3.12  ? 22   PRO A HB2  1 
ATOM   430  H HB3  A PRO A 1 22 ? -2.994  -9.587  6.209   0.65 3.12  ? 22   PRO A HB3  1 
ATOM   431  H HG2  A PRO A 1 22 ? -3.813  -9.676  8.730   0.65 3.84  ? 22   PRO A HG2  1 
ATOM   432  H HG3  A PRO A 1 22 ? -2.230  -10.408 8.296   0.65 3.84  ? 22   PRO A HG3  1 
ATOM   433  H HD2  A PRO A 1 22 ? -2.829  -7.775  9.639   0.65 3.36  ? 22   PRO A HD2  1 
ATOM   434  H HD3  A PRO A 1 22 ? -1.531  -8.967  9.988   0.65 3.36  ? 22   PRO A HD3  1 
ATOM   435  N N    B SER A 1 22 ? -1.250  -7.601  8.167   0.36 2.28  ? 22   SER A N    1 
ATOM   436  C CA   B SER A 1 22 ? -1.343  -7.997  6.761   0.35 2.17  ? 22   SER A CA   1 
ATOM   437  C C    B SER A 1 22 ? -1.355  -6.772  5.853   0.30 2.37  ? 22   SER A C    1 
ATOM   438  O O    B SER A 1 22 ? -1.854  -5.700  6.203   0.29 2.89  ? 22   SER A O    1 
ATOM   439  C CB   B SER A 1 22 ? -2.684  -8.747  6.683   0.28 2.84  ? 22   SER A CB   1 
ATOM   440  O OG   B SER A 1 22 ? -3.773  -7.868  6.915   0.34 4.61  ? 22   SER A OG   1 
ATOM   441  H H    B SER A 1 22 ? -1.856  -8.048  8.872   0.35 2.20  ? 22   SER A H    1 
ATOM   442  H HA   B SER A 1 22 ? -0.390  -8.516  6.209   0.35 2.64  ? 22   SER A HA   1 
ATOM   443  H HB2  B SER A 1 22 ? -2.834  -9.154  5.700   0.35 3.56  ? 22   SER A HB2  1 
ATOM   444  H HB3  B SER A 1 22 ? -2.760  -9.517  7.438   0.35 3.56  ? 22   SER A HB3  1 
ATOM   445  H HG   B SER A 1 22 ? -3.711  -7.441  7.816   0.35 6.84  ? 22   SER A HG   1 
ATOM   446  N N    . GLU A 1 23 ? -1.035  -7.113  4.709   1.00 2.33  ? 23   GLU A N    1 
ATOM   447  C CA   . GLU A 1 23 ? -1.111  -6.054  3.707   1.00 2.21  ? 23   GLU A CA   1 
ATOM   448  C C    . GLU A 1 23 ? -2.549  -5.560  3.516   1.00 2.08  ? 23   GLU A C    1 
ATOM   449  O O    . GLU A 1 23 ? -2.756  -4.368  3.314   1.00 2.46  ? 23   GLU A O    1 
ATOM   450  C CB   . GLU A 1 23 ? -0.552  -6.493  2.351   1.00 2.58  ? 23   GLU A CB   1 
ATOM   451  C CG   . GLU A 1 23 ? 0.960   -6.722  2.358   1.00 3.18  ? 23   GLU A CG   1 
ATOM   452  C CD   . GLU A 1 23 ? 1.539   -6.966  0.945   1.00 4.41  ? 23   GLU A CD   1 
ATOM   453  O OE1  . GLU A 1 23 ? 0.824   -7.365  0.038   1.00 5.47  ? 23   GLU A OE1  1 
ATOM   454  O OE2  . GLU A 1 23 ? 2.783   -6.766  0.772   1.00 6.76  ? 23   GLU A OE2  1 
ATOM   455  H H    . GLU A 1 23 ? -0.757  -8.032  4.409   1.00 2.47  ? 23   GLU A H    1 
ATOM   456  H HA   . GLU A 1 23 ? -0.593  -5.323  4.014   1.00 2.32  ? 23   GLU A HA   1 
ATOM   457  H HB2  . GLU A 1 23 ? -1.044  -7.439  2.063   1.00 2.72  ? 23   GLU A HB2  1 
ATOM   458  H HB3  . GLU A 1 23 ? -0.801  -5.746  1.607   1.00 2.72  ? 23   GLU A HB3  1 
ATOM   459  H HG2  . GLU A 1 23 ? 1.446   -5.839  2.761   1.00 3.48  ? 23   GLU A HG2  1 
ATOM   460  H HG3  . GLU A 1 23 ? 1.196   -7.578  2.986   1.00 3.48  ? 23   GLU A HG3  1 
ATOM   461  H HE2  . GLU A 1 23 ? 2.524   -6.268  -0.281  1.00 9.48  ? 23   GLU A HE2  1 
ATOM   462  N N    . ALA A 1 24 ? -3.530  -6.472  3.559   1.00 2.12  ? 24   ALA A N    1 
ATOM   463  C CA   . ALA A 1 24 ? -4.890  -6.043  3.262   1.00 2.11  ? 24   ALA A CA   1 
ATOM   464  C C    . ALA A 1 24 ? -5.403  -5.052  4.308   1.00 1.96  ? 24   ALA A C    1 
ATOM   465  O O    . ALA A 1 24 ? -6.155  -4.129  3.978   1.00 2.33  ? 24   ALA A O    1 
ATOM   466  C CB   . ALA A 1 24 ? -5.803  -7.267  3.157   1.00 2.82  ? 24   ALA A CB   1 
ATOM   467  H H    . ALA A 1 24 ? -3.331  -7.418  3.848   1.00 2.09  ? 24   ALA A H    1 
ATOM   468  H HA   . ALA A 1 24 ? -4.894  -5.658  2.526   1.00 2.16  ? 24   ALA A HA   1 
ATOM   469  H HB1  . ALA A 1 24 ? -5.461  -7.890  2.372   1.00 3.81  ? 24   ALA A HB1  1 
ATOM   470  H HB2  . ALA A 1 24 ? -6.794  -6.945  2.938   1.00 3.81  ? 24   ALA A HB2  1 
ATOM   471  H HB3  . ALA A 1 24 ? -5.795  -7.795  4.066   1.00 3.81  ? 24   ALA A HB3  1 
ATOM   472  N N    A LEU A 1 25 ? -4.996  -5.205  5.568   0.65 1.87  ? 25   LEU A N    1 
ATOM   473  C CA   A LEU A 1 25 ? -5.373  -4.303  6.658   0.59 1.87  ? 25   LEU A CA   1 
ATOM   474  C C    A LEU A 1 25 ? -4.617  -2.988  6.548   0.47 1.87  ? 25   LEU A C    1 
ATOM   475  O O    A LEU A 1 25 ? -5.264  -1.929  6.584   0.55 1.96  ? 25   LEU A O    1 
ATOM   476  C CB   A LEU A 1 25 ? -5.188  -4.955  8.032   0.56 2.02  ? 25   LEU A CB   1 
ATOM   477  C CG   A LEU A 1 25 ? -6.330  -5.916  8.399   0.49 2.57  ? 25   LEU A CG   1 
ATOM   478  C CD1  A LEU A 1 25 ? -5.969  -6.768  9.603   0.54 4.07  ? 25   LEU A CD1  1 
ATOM   479  C CD2  A LEU A 1 25 ? -7.705  -5.260  8.606   0.58 2.83  ? 25   LEU A CD2  1 
ATOM   480  H H    A LEU A 1 25 ? -4.336  -5.924  5.806   0.60 2.13  ? 25   LEU A H    1 
ATOM   481  H HA   A LEU A 1 25 ? -6.611  -4.351  6.771   0.60 2.06  ? 25   LEU A HA   1 
ATOM   482  H HB2  A LEU A 1 25 ? -4.258  -5.490  8.041   0.60 2.27  ? 25   LEU A HB2  1 
ATOM   483  H HB3  A LEU A 1 25 ? -5.170  -4.167  8.789   0.60 2.27  ? 25   LEU A HB3  1 
ATOM   484  H HG   A LEU A 1 25 ? -6.440  -6.627  7.543   0.60 3.11  ? 25   LEU A HG   1 
ATOM   485  H HD11 A LEU A 1 25 ? -6.767  -7.427  9.827   0.60 6.13  ? 25   LEU A HD11 1 
ATOM   486  H HD12 A LEU A 1 25 ? -5.822  -6.113  10.435  0.60 6.13  ? 25   LEU A HD12 1 
ATOM   487  H HD13 A LEU A 1 25 ? -5.092  -7.305  9.416   0.60 6.13  ? 25   LEU A HD13 1 
ATOM   488  H HD21 A LEU A 1 25 ? -8.410  -6.020  8.871   0.60 3.25  ? 25   LEU A HD21 1 
ATOM   489  H HD22 A LEU A 1 25 ? -8.016  -4.800  7.710   0.60 3.25  ? 25   LEU A HD22 1 
ATOM   490  H HD23 A LEU A 1 25 ? -7.635  -4.562  9.381   0.60 3.25  ? 25   LEU A HD23 1 
ATOM   491  N N    B ILE A 1 25 ? -5.144  -5.348  5.613   0.39 1.51  ? 25   ILE A N    1 
ATOM   492  C CA   B ILE A 1 25 ? -5.533  -4.337  6.590   0.41 1.43  ? 25   ILE A CA   1 
ATOM   493  C C    B ILE A 1 25 ? -4.754  -3.040  6.439   0.43 1.54  ? 25   ILE A C    1 
ATOM   494  O O    B ILE A 1 25 ? -5.140  -1.924  6.813   0.38 2.20  ? 25   ILE A O    1 
ATOM   495  C CB   B ILE A 1 25 ? -5.372  -4.905  8.003   0.42 1.89  ? 25   ILE A CB   1 
ATOM   496  C CG1  B ILE A 1 25 ? -6.471  -5.939  8.274   0.46 3.66  ? 25   ILE A CG1  1 
ATOM   497  C CG2  B ILE A 1 25 ? -5.243  -3.899  9.140   0.38 2.59  ? 25   ILE A CG2  1 
ATOM   498  C CD1  B ILE A 1 25 ? -6.112  -6.866  9.416   0.60 6.99  ? 25   ILE A CD1  1 
ATOM   499  H H    B ILE A 1 25 ? -4.455  -6.065  5.742   0.40 1.68  ? 25   ILE A H    1 
ATOM   500  H HA   B ILE A 1 25 ? -6.576  -4.065  6.523   0.40 1.48  ? 25   ILE A HA   1 
ATOM   501  H HB   B ILE A 1 25 ? -4.410  -5.478  8.012   0.40 1.87  ? 25   ILE A HB   1 
ATOM   502  H HG12 B ILE A 1 25 ? -7.382  -5.406  8.554   0.40 2.85  ? 25   ILE A HG12 1 
ATOM   503  H HG13 B ILE A 1 25 ? -6.640  -6.521  7.385   0.40 2.85  ? 25   ILE A HG13 1 
ATOM   504  H HG21 B ILE A 1 25 ? -5.074  -4.398  10.059  0.40 3.54  ? 25   ILE A HG21 1 
ATOM   505  H HG22 B ILE A 1 25 ? -6.138  -3.336  9.203   0.40 3.54  ? 25   ILE A HG22 1 
ATOM   506  H HG23 B ILE A 1 25 ? -4.430  -3.240  8.947   0.40 3.54  ? 25   ILE A HG23 1 
ATOM   507  H HD11 B ILE A 1 25 ? -5.210  -7.402  9.159   0.40 9.43  ? 25   ILE A HD11 1 
ATOM   508  H HD12 B ILE A 1 25 ? -6.879  -7.550  9.590   0.40 9.43  ? 25   ILE A HD12 1 
ATOM   509  H HD13 B ILE A 1 25 ? -5.909  -6.305  10.297  0.40 9.43  ? 25   ILE A HD13 1 
ATOM   510  N N    . CYS A 1 26 ? -3.362  -3.098  6.180   1.00 1.98  ? 26   CYS A N    1 
ATOM   511  C CA   . CYS A 1 26 ? -2.635  -1.866  5.981   1.00 2.01  ? 26   CYS A CA   1 
ATOM   512  C C    . CYS A 1 26 ? -3.154  -1.088  4.773   1.00 2.06  ? 26   CYS A C    1 
ATOM   513  O O    . CYS A 1 26 ? -3.086  0.156   4.773   1.00 2.53  ? 26   CYS A O    1 
ATOM   514  C CB   . CYS A 1 26 ? -1.139  -2.111  5.859   1.00 2.31  ? 26   CYS A CB   1 
ATOM   515  S SG   . CYS A 1 26 ? -0.401  -2.752  7.392   1.00 2.59  ? 26   CYS A SG   1 
ATOM   516  H H    . CYS A 1 26 ? -2.925  -4.005  6.142   1.00 1.97  ? 26   CYS A H    1 
ATOM   517  H HA   . CYS A 1 26 ? -2.765  -1.394  6.646   1.00 2.04  ? 26   CYS A HA   1 
ATOM   518  H HB2  . CYS A 1 26 ? -0.966  -2.825  5.054   1.00 2.32  ? 26   CYS A HB2  1 
ATOM   519  H HB3  . CYS A 1 26 ? -0.653  -1.171  5.610   1.00 2.32  ? 26   CYS A HB3  1 
ATOM   520  N N    . ALA A 1 27 ? -3.672  -1.786  3.773   1.00 2.06  ? 27   ALA A N    1 
ATOM   521  C CA   . ALA A 1 27 ? -4.266  -1.135  2.591   1.00 1.97  ? 27   ALA A CA   1 
ATOM   522  C C    . ALA A 1 27 ? -5.497  -0.320  2.982   1.00 2.02  ? 27   ALA A C    1 
ATOM   523  O O    . ALA A 1 27 ? -5.571  0.872   2.685   1.00 2.59  ? 27   ALA A O    1 
ATOM   524  C CB   . ALA A 1 27 ? -4.576  -2.184  1.530   1.00 2.50  ? 27   ALA A CB   1 
ATOM   525  H H    . ALA A 1 27 ? -3.724  -2.798  3.826   1.00 2.12  ? 27   ALA A H    1 
ATOM   526  H HA   . ALA A 1 27 ? -3.450  -0.399  2.148   1.00 2.05  ? 27   ALA A HA   1 
ATOM   527  H HB1  . ALA A 1 27 ? -3.701  -2.720  1.292   1.00 3.36  ? 27   ALA A HB1  1 
ATOM   528  H HB2  . ALA A 1 27 ? -4.939  -1.691  0.661   1.00 3.36  ? 27   ALA A HB2  1 
ATOM   529  H HB3  . ALA A 1 27 ? -5.316  -2.842  1.895   1.00 3.36  ? 27   ALA A HB3  1 
ATOM   530  N N    . THR A 1 28 ? -6.482  -0.949  3.659   1.00 2.18  ? 28   THR A N    1 
ATOM   531  C CA   . THR A 1 28 ? -7.649  -0.165  4.028   1.00 2.36  ? 28   THR A CA   1 
ATOM   532  C C    . THR A 1 28 ? -7.307  0.925   5.035   1.00 2.53  ? 28   THR A C    1 
ATOM   533  O O    . THR A 1 28 ? -7.992  1.963   5.105   1.00 3.87  ? 28   THR A O    1 
ATOM   534  C CB   . THR A 1 28 ? -8.792  -1.045  4.544   1.00 2.46  ? 28   THR A CB   1 
ATOM   535  O OG1  . THR A 1 28 ? -8.269  -1.856  5.586   1.00 2.52  ? 28   THR A OG1  1 
ATOM   536  C CG2  . THR A 1 28 ? -9.397  -1.893  3.432   1.00 3.19  ? 28   THR A CG2  1 
ATOM   537  H H    . THR A 1 28 ? -6.410  -1.929  3.874   1.00 2.31  ? 28   THR A H    1 
ATOM   538  H HA   . THR A 1 28 ? -7.956  0.254   3.258   1.00 2.52  ? 28   THR A HA   1 
ATOM   539  H HB   . THR A 1 28 ? -9.574  -0.394  4.959   1.00 2.59  ? 28   THR A HB   1 
ATOM   540  H HG1  . THR A 1 28 ? -7.963  -1.299  6.308   1.00 3.48  ? 28   THR A HG1  1 
ATOM   541  H HG21 . THR A 1 28 ? -9.765  -1.264  2.656   1.00 4.45  ? 28   THR A HG21 1 
ATOM   542  H HG22 . THR A 1 28 ? -10.210 -2.463  3.821   1.00 4.45  ? 28   THR A HG22 1 
ATOM   543  H HG23 . THR A 1 28 ? -8.671  -2.547  3.038   1.00 4.45  ? 28   THR A HG23 1 
ATOM   544  N N    A TYR A 1 29 ? -6.307  0.661   5.852   0.44 2.25  ? 29   TYR A N    1 
ATOM   545  N N    B TYR A 1 29 ? -6.227  0.831   5.827   0.31 1.79  ? 29   TYR A N    1 
ATOM   546  N N    C TYR A 1 29 ? -6.273  0.701   5.843   0.29 2.52  ? 29   TYR A N    1 
ATOM   547  C CA   A TYR A 1 29 ? -5.991  1.764   6.748   0.42 1.41  ? 29   TYR A CA   1 
ATOM   548  C CA   B TYR A 1 29 ? -5.771  1.747   6.871   0.32 1.11  ? 29   TYR A CA   1 
ATOM   549  C CA   C TYR A 1 29 ? -5.842  1.720   6.793   0.30 50.00 ? 29   TYR A CA   1 
ATOM   550  C C    A TYR A 1 29 ? -5.226  2.980   6.203   0.52 5.70  ? 29   TYR A C    1 
ATOM   551  C C    B TYR A 1 29 ? -5.333  3.000   6.118   0.31 0.54  ? 29   TYR A C    1 
ATOM   552  C C    C TYR A 1 29 ? -5.443  2.984   6.033   0.30 50.00 ? 29   TYR A C    1 
ATOM   553  O O    A TYR A 1 29 ? -5.301  4.073   6.787   0.38 3.07  ? 29   TYR A O    1 
ATOM   554  O O    B TYR A 1 29 ? -5.577  4.100   6.613   0.33 1.79  ? 29   TYR A O    1 
ATOM   555  O O    C TYR A 1 29 ? -5.782  4.103   6.416   0.23 5.93  ? 29   TYR A O    1 
ATOM   556  C CB   A TYR A 1 29 ? -5.065  1.117   7.785   0.42 2.32  ? 29   TYR A CB   1 
ATOM   557  C CB   B TYR A 1 29 ? -4.800  1.052   7.823   0.33 1.93  ? 29   TYR A CB   1 
ATOM   558  C CB   C TYR A 1 29 ? -4.683  1.194   7.646   0.29 3.39  ? 29   TYR A CB   1 
ATOM   559  C CG   A TYR A 1 29 ? -4.713  2.021   8.947   0.43 2.86  ? 29   TYR A CG   1 
ATOM   560  C CG   B TYR A 1 29 ? -3.939  1.978   8.648   0.28 2.10  ? 29   TYR A CG   1 
ATOM   561  C CG   C TYR A 1 29 ? -4.572  1.965   8.942   0.30 16.83 ? 29   TYR A CG   1 
ATOM   562  C CD1  A TYR A 1 29 ? -5.692  2.652   9.703   0.40 2.64  ? 29   TYR A CD1  1 
ATOM   563  C CD1  B TYR A 1 29 ? -4.511  2.702   9.686   0.26 2.38  ? 29   TYR A CD1  1 
ATOM   564  C CD1  C TYR A 1 29 ? -5.497  2.862   9.462   0.30 10.64 ? 29   TYR A CD1  1 
ATOM   565  C CD2  A TYR A 1 29 ? -3.406  2.446   9.212   0.49 7.66  ? 29   TYR A CD2  1 
ATOM   566  C CD2  B TYR A 1 29 ? -2.576  1.989   8.376   0.26 2.49  ? 29   TYR A CD2  1 
ATOM   567  C CD2  C TYR A 1 29 ? -3.422  1.664   9.661   0.33 6.04  ? 29   TYR A CD2  1 
ATOM   568  C CE1  A TYR A 1 29 ? -5.391  3.472   10.774  0.37 3.32  ? 29   TYR A CE1  1 
ATOM   569  C CE1  B TYR A 1 29 ? -3.656  3.523   10.407  0.29 2.74  ? 29   TYR A CE1  1 
ATOM   570  C CE1  C TYR A 1 29 ? -5.235  3.476   10.673  0.30 14.21 ? 29   TYR A CE1  1 
ATOM   571  C CE2  A TYR A 1 29 ? -3.039  3.228   10.302  0.40 12.34 ? 29   TYR A CE2  1 
ATOM   572  C CE2  B TYR A 1 29 ? -1.755  2.810   9.134   0.33 2.22  ? 29   TYR A CE2  1 
ATOM   573  C CE2  C TYR A 1 29 ? -3.148  2.307   10.853  0.30 8.84  ? 29   TYR A CE2  1 
ATOM   574  C CZ   A TYR A 1 29 ? -4.072  3.781   11.030  0.36 7.02  ? 29   TYR A CZ   1 
ATOM   575  C CZ   B TYR A 1 29 ? -2.301  3.564   10.154  0.27 2.17  ? 29   TYR A CZ   1 
ATOM   576  C CZ   C TYR A 1 29 ? -4.063  3.210   11.348  0.24 3.88  ? 29   TYR A CZ   1 
ATOM   577  O OH   A TYR A 1 29 ? -3.806  4.700   12.020  0.40 17.07 ? 29   TYR A OH   1 
ATOM   578  O OH   B TYR A 1 29 ? -1.498  4.392   10.910  0.31 2.60  ? 29   TYR A OH   1 
ATOM   579  O OH   C TYR A 1 29 ? -3.711  3.862   12.514  0.16 7.48  ? 29   TYR A OH   1 
ATOM   580  H H    A TYR A 1 29 ? -5.720  -0.133  5.725   0.40 2.16  ? 29   TYR A H    1 
ATOM   581  H H    B TYR A 1 29 ? -6.603  0.915   5.978   0.30 1.88  ? 29   TYR A H    1 
ATOM   582  H H    C TYR A 1 29 ? -4.313  -0.180  7.478   0.30 2.90  ? 29   TYR A H    1 
ATOM   583  H HA   A TYR A 1 29 ? -7.474  1.657   6.620   0.40 2.01  ? 29   TYR A HA   1 
ATOM   584  H HA   B TYR A 1 29 ? -7.061  1.694   6.909   0.30 2.01  ? 29   TYR A HA   1 
ATOM   585  H HA   C TYR A 1 29 ? -6.944  2.052   7.280   0.30 3.46  ? 29   TYR A HA   1 
ATOM   586  H HB2  A TYR A 1 29 ? -5.586  0.226   8.213   0.40 2.37  ? 29   TYR A HB2  1 
ATOM   587  H HB2  B TYR A 1 29 ? -5.364  0.410   8.472   0.30 2.24  ? 29   TYR A HB2  1 
ATOM   588  H HB2  C TYR A 1 29 ? -5.869  -0.070  9.154   0.30 3.87  ? 29   TYR A HB2  1 
ATOM   589  H HB3  A TYR A 1 29 ? -4.151  0.757   7.318   0.40 2.37  ? 29   TYR A HB3  1 
ATOM   590  H HB3  B TYR A 1 29 ? -4.121  0.417   7.221   0.30 2.24  ? 29   TYR A HB3  1 
ATOM   591  H HB3  C TYR A 1 29 ? -3.641  1.511   6.399   0.30 3.87  ? 29   TYR A HB3  1 
ATOM   592  H HD1  A TYR A 1 29 ? -6.712  2.434   9.484   0.40 3.37  ? 29   TYR A HD1  1 
ATOM   593  H HD1  B TYR A 1 29 ? -5.644  2.877   9.733   0.30 2.02  ? 29   TYR A HD1  1 
ATOM   594  H HD1  C TYR A 1 29 ? -7.273  -2.257  7.300   0.30 7.86  ? 29   TYR A HD1  1 
ATOM   595  H HD2  A TYR A 1 29 ? -2.603  2.106   8.518   0.40 7.62  ? 29   TYR A HD2  1 
ATOM   596  H HD2  B TYR A 1 29 ? -2.246  1.362   7.241   0.30 2.32  ? 29   TYR A HD2  1 
ATOM   597  H HD2  C TYR A 1 29 ? -0.660  1.717   9.428   0.30 8.04  ? 29   TYR A HD2  1 
ATOM   598  H HE1  A TYR A 1 29 ? -6.131  3.718   11.503  0.40 5.18  ? 29   TYR A HE1  1 
ATOM   599  H HE1  B TYR A 1 29 ? -4.572  2.977   10.806  0.30 2.62  ? 29   TYR A HE1  1 
ATOM   600  H HE1  C TYR A 1 29 ? -5.378  3.505   11.795  0.30 8.65  ? 29   TYR A HE1  1 
ATOM   601  H HE2  A TYR A 1 29 ? -2.029  3.610   10.361  0.40 10.59 ? 29   TYR A HE2  1 
ATOM   602  H HE2  B TYR A 1 29 ? -0.563  2.534   8.844   0.30 2.16  ? 29   TYR A HE2  1 
ATOM   603  H HE2  C TYR A 1 29 ? -2.128  0.454   15.884  0.30 8.39  ? 29   TYR A HE2  1 
ATOM   604  H HH   A TYR A 1 29 ? -4.539  5.150   12.326  0.40 25.62 ? 29   TYR A HH   1 
ATOM   605  H HH   B TYR A 1 29 ? -0.842  3.935   11.107  0.30 3.23  ? 29   TYR A HH   1 
ATOM   606  H HH   C TYR A 1 29 ? -3.047  5.625   4.618   0.30 10.14 ? 29   TYR A HH   1 
ATOM   607  N N    . THR A 1 30 ? -4.581  2.808   5.033   1.00 2.29  ? 30   THR A N    1 
ATOM   608  C CA   . THR A 1 30 ? -3.805  3.885   4.434   1.00 2.81  ? 30   THR A CA   1 
ATOM   609  C C    . THR A 1 30 ? -4.350  4.430   3.132   1.00 3.30  ? 30   THR A C    1 
ATOM   610  O O    . THR A 1 30 ? -3.862  5.524   2.771   1.00 4.99  ? 30   THR A O    1 
ATOM   611  C CB   . THR A 1 30 ? -2.370  3.400   4.132   1.00 3.73  ? 30   THR A CB   1 
ATOM   612  O OG1  . THR A 1 30 ? -2.426  2.327   3.181   1.00 3.16  ? 30   THR A OG1  1 
ATOM   613  C CG2  . THR A 1 30 ? -1.622  3.016   5.417   1.00 5.81  ? 30   THR A CG2  1 
ATOM   614  H H    . THR A 1 30 ? -4.462  1.888   4.651   1.00 2.35  ? 30   THR A H    1 
ATOM   615  H HA   . THR A 1 30 ? -3.740  4.600   5.064   1.00 3.01  ? 30   THR A HA   1 
ATOM   616  H HB   . THR A 1 30 ? -1.849  4.223   3.626   1.00 3.92  ? 30   THR A HB   1 
ATOM   617  H HG1  . THR A 1 30 ? -2.961  2.559   2.442   1.00 4.17  ? 30   THR A HG1  1 
ATOM   618  H HG21 . THR A 1 30 ? -1.571  3.885   6.011   1.00 7.53  ? 30   THR A HG21 1 
ATOM   619  H HG22 . THR A 1 30 ? -0.641  2.725   5.127   1.00 7.53  ? 30   THR A HG22 1 
ATOM   620  H HG23 . THR A 1 30 ? -2.121  2.251   5.884   1.00 7.53  ? 30   THR A HG23 1 
ATOM   621  N N    . GLY A 1 31 ? -5.201  3.664   2.444   1.00 3.22  ? 31   GLY A N    1 
ATOM   622  C CA   . GLY A 1 31 ? -5.575  3.991   1.097   1.00 3.50  ? 31   GLY A CA   1 
ATOM   623  C C    . GLY A 1 31 ? -4.731  3.345   0.005   1.00 2.63  ? 31   GLY A C    1 
ATOM   624  O O    . GLY A 1 31 ? -5.028  3.481   -1.193  1.00 3.07  ? 31   GLY A O    1 
ATOM   625  H H    . GLY A 1 31 ? -5.563  2.816   2.854   1.00 3.30  ? 31   GLY A H    1 
ATOM   626  H HA2  . GLY A 1 31 ? -6.619  3.675   0.940   1.00 3.82  ? 31   GLY A HA2  1 
ATOM   627  H HA3  . GLY A 1 31 ? -5.547  5.064   0.965   1.00 3.82  ? 31   GLY A HA3  1 
ATOM   628  N N    . CYS A 1 32 ? -3.632  2.656   0.403   1.00 2.50  ? 32   CYS A N    1 
ATOM   629  C CA   . CYS A 1 32 ? -2.915  1.852   -0.550  1.00 2.26  ? 32   CYS A CA   1 
ATOM   630  C C    . CYS A 1 32 ? -3.792  0.651   -0.984  1.00 2.45  ? 32   CYS A C    1 
ATOM   631  O O    . CYS A 1 32 ? -4.829  0.375   -0.377  1.00 3.18  ? 32   CYS A O    1 
ATOM   632  C CB   . CYS A 1 32 ? -1.596  1.354   0.058   1.00 2.41  ? 32   CYS A CB   1 
ATOM   633  S SG   . CYS A 1 32 ? -0.491  2.667   0.636   1.00 2.57  ? 32   CYS A SG   1 
ATOM   634  H H    . CYS A 1 32 ? -3.412  2.583   1.381   1.00 2.58  ? 32   CYS A H    1 
ATOM   635  H HA   . CYS A 1 32 ? -2.715  2.383   -1.316  1.00 2.36  ? 32   CYS A HA   1 
ATOM   636  H HB2  . CYS A 1 32 ? -1.851  0.707   0.905   1.00 2.43  ? 32   CYS A HB2  1 
ATOM   637  H HB3  . CYS A 1 32 ? -1.087  0.753   -0.689  1.00 2.43  ? 32   CYS A HB3  1 
ATOM   638  N N    . ILE A 1 33 ? -3.320  -0.019  -2.033  1.00 2.80  ? 33   ILE A N    1 
ATOM   639  C CA   . ILE A 1 33 ? -4.058  -1.120  -2.643  1.00 2.63  ? 33   ILE A CA   1 
ATOM   640  C C    . ILE A 1 33 ? -3.109  -2.267  -2.911  1.00 2.74  ? 33   ILE A C    1 
ATOM   641  O O    . ILE A 1 33 ? -1.892  -2.112  -2.997  1.00 3.43  ? 33   ILE A O    1 
ATOM   642  C CB   . ILE A 1 33 ? -4.761  -0.683  -3.955  1.00 3.20  ? 33   ILE A CB   1 
ATOM   643  C CG1  . ILE A 1 33 ? -3.769  -0.290  -5.049  1.00 3.55  ? 33   ILE A CG1  1 
ATOM   644  C CG2  . ILE A 1 33 ? -5.735  0.434   -3.636  1.00 4.00  ? 33   ILE A CG2  1 
ATOM   645  C CD1  . ILE A 1 33 ? -4.424  -0.025  -6.404  1.00 4.90  ? 33   ILE A CD1  1 
ATOM   646  H H    . ILE A 1 33 ? -2.452  0.253   -2.472  1.00 2.94  ? 33   ILE A H    1 
ATOM   647  H HA   . ILE A 1 33 ? -4.827  -1.454  -1.937  1.00 2.90  ? 33   ILE A HA   1 
ATOM   648  H HB   . ILE A 1 33 ? -5.350  -1.541  -4.335  1.00 3.52  ? 33   ILE A HB   1 
ATOM   649  H HG12 . ILE A 1 33 ? -3.248  0.628   -4.746  1.00 4.04  ? 33   ILE A HG12 1 
ATOM   650  H HG13 . ILE A 1 33 ? -3.020  -1.081  -5.158  1.00 4.04  ? 33   ILE A HG13 1 
ATOM   651  H HG21 . ILE A 1 33 ? -6.411  0.107   -2.888  1.00 5.79  ? 33   ILE A HG21 1 
ATOM   652  H HG22 . ILE A 1 33 ? -6.276  0.704   -4.506  1.00 5.79  ? 33   ILE A HG22 1 
ATOM   653  H HG23 . ILE A 1 33 ? -5.197  1.274   -3.281  1.00 5.79  ? 33   ILE A HG23 1 
ATOM   654  H HD11 . ILE A 1 33 ? -4.884  -0.936  -6.738  1.00 6.79  ? 33   ILE A HD11 1 
ATOM   655  H HD12 . ILE A 1 33 ? -3.670  0.238   -7.114  1.00 6.79  ? 33   ILE A HD12 1 
ATOM   656  H HD13 . ILE A 1 33 ? -5.130  0.726   -6.326  1.00 6.79  ? 33   ILE A HD13 1 
ATOM   657  N N    A ILE A 1 34 ? -3.652  -3.478  -2.993  0.65 2.99  ? 34   ILE A N    1 
ATOM   658  N N    B ILE A 1 34 ? -3.781  -3.393  -3.181  0.26 2.29  ? 34   ILE A N    1 
ATOM   659  C CA   A ILE A 1 34 ? -2.951  -4.692  -3.390  0.77 3.09  ? 34   ILE A CA   1 
ATOM   660  C CA   B ILE A 1 34 ? -3.119  -4.647  -3.526  0.31 2.31  ? 34   ILE A CA   1 
ATOM   661  C C    A ILE A 1 34 ? -3.474  -5.103  -4.760  0.68 2.82  ? 34   ILE A C    1 
ATOM   662  C C    B ILE A 1 34 ? -3.604  -5.003  -4.927  0.30 2.52  ? 34   ILE A C    1 
ATOM   663  O O    A ILE A 1 34 ? -4.687  -5.252  -4.942  0.73 3.91  ? 34   ILE A O    1 
ATOM   664  O O    B ILE A 1 34 ? -4.819  -5.029  -5.105  0.28 2.35  ? 34   ILE A O    1 
ATOM   665  C CB   A ILE A 1 34 ? -3.327  -5.893  -2.495  0.80 3.29  ? 34   ILE A CB   1 
ATOM   666  C CB   B ILE A 1 34 ? -3.048  -5.690  -2.397  0.26 3.75  ? 34   ILE A CB   1 
ATOM   667  C CG1  A ILE A 1 34 ? -2.917  -5.573  -1.057  0.80 4.31  ? 34   ILE A CG1  1 
ATOM   668  C CG1  B ILE A 1 34 ? -2.769  -5.140  -0.997  0.30 5.11  ? 34   ILE A CG1  1 
ATOM   669  C CG2  A ILE A 1 34 ? -2.588  -7.134  -2.982  0.86 6.25  ? 34   ILE A CG2  1 
ATOM   670  C CG2  B ILE A 1 34 ? -2.323  -6.969  -2.824  0.25 10.65 ? 34   ILE A CG2  1 
ATOM   671  C CD1  A ILE A 1 34 ? -3.373  -6.606  -0.051  0.76 5.45  ? 34   ILE A CD1  1 
ATOM   672  C CD1  B ILE A 1 34 ? -1.520  -4.378  -0.611  0.24 5.91  ? 34   ILE A CD1  1 
ATOM   673  H H    A ILE A 1 34 ? -4.628  -3.606  -2.772  0.75 3.48  ? 34   ILE A H    1 
ATOM   674  H H    B ILE A 1 34 ? -4.992  -3.904  -3.051  0.25 2.17  ? 34   ILE A H    1 
ATOM   675  H HA   A ILE A 1 34 ? -1.860  -4.771  -3.275  0.75 3.65  ? 34   ILE A HA   1 
ATOM   676  H HA   B ILE A 1 34 ? -2.809  -3.605  -1.897  0.25 2.44  ? 34   ILE A HA   1 
ATOM   677  H HB   A ILE A 1 34 ? -4.396  -6.080  -2.539  0.75 3.45  ? 34   ILE A HB   1 
ATOM   678  H HB   B ILE A 1 34 ? -4.046  -7.341  -2.836  0.25 3.47  ? 34   ILE A HB   1 
ATOM   679  H HG12 A ILE A 1 34 ? -1.821  -5.479  -1.007  0.75 4.95  ? 34   ILE A HG12 1 
ATOM   680  H HG12 B ILE A 1 34 ? -3.545  -4.369  -0.761  0.25 4.30  ? 34   ILE A HG12 1 
ATOM   681  H HG13 A ILE A 1 34 ? -3.344  -4.604  -0.779  0.75 4.95  ? 34   ILE A HG13 1 
ATOM   682  H HG13 B ILE A 1 34 ? -2.887  -5.908  -0.262  0.25 4.30  ? 34   ILE A HG13 1 
ATOM   683  H HG21 A ILE A 1 34 ? -2.836  -7.367  -3.949  0.75 7.23  ? 34   ILE A HG21 1 
ATOM   684  H HG21 B ILE A 1 34 ? -2.251  -7.187  -3.613  0.25 8.29  ? 34   ILE A HG21 1 
ATOM   685  H HG22 A ILE A 1 34 ? -2.796  -7.950  -2.321  0.75 7.23  ? 34   ILE A HG22 1 
ATOM   686  H HG22 B ILE A 1 34 ? -2.236  -7.581  -1.929  0.25 8.29  ? 34   ILE A HG22 1 
ATOM   687  H HG23 A ILE A 1 34 ? -1.516  -6.947  -2.914  0.75 7.23  ? 34   ILE A HG23 1 
ATOM   688  H HG23 B ILE A 1 34 ? -1.078  -6.466  -2.567  0.25 8.29  ? 34   ILE A HG23 1 
ATOM   689  H HD11 A ILE A 1 34 ? -4.407  -6.686  -0.062  0.75 8.15  ? 34   ILE A HD11 1 
ATOM   690  H HD11 B ILE A 1 34 ? -0.643  -5.081  -0.797  0.25 7.56  ? 34   ILE A HD11 1 
ATOM   691  H HD12 A ILE A 1 34 ? -3.034  -6.315  0.922   0.75 8.15  ? 34   ILE A HD12 1 
ATOM   692  H HD12 B ILE A 1 34 ? -1.455  -4.148  0.413   0.25 7.56  ? 34   ILE A HD12 1 
ATOM   693  H HD13 A ILE A 1 34 ? -2.922  -7.541  -0.292  0.75 8.15  ? 34   ILE A HD13 1 
ATOM   694  H HD13 B ILE A 1 34 ? -1.325  -3.544  -1.203  0.25 7.56  ? 34   ILE A HD13 1 
ATOM   695  N N    . ILE A 1 35 ? -2.589  -5.332  -5.729  1.00 3.46  ? 35   ILE A N    1 
ATOM   696  C CA   . ILE A 1 35 ? -2.952  -5.806  -7.051  1.00 3.62  ? 35   ILE A CA   1 
ATOM   697  C C    . ILE A 1 35 ? -2.191  -7.111  -7.306  1.00 3.61  ? 35   ILE A C    1 
ATOM   698  O O    . ILE A 1 35 ? -1.120  -7.361  -6.773  1.00 4.52  ? 35   ILE A O    1 
ATOM   699  C CB   . ILE A 1 35 ? -2.627  -4.767  -8.157  1.00 5.01  ? 35   ILE A CB   1 
ATOM   700  C CG1  . ILE A 1 35 ? -1.159  -4.441  -8.238  1.00 5.96  ? 35   ILE A CG1  1 
ATOM   701  C CG2  . ILE A 1 35 ? -3.510  -3.518  -7.934  1.00 6.77  ? 35   ILE A CG2  1 
ATOM   702  C CD1  . ILE A 1 35 ? -0.728  -3.650  -9.454  1.00 7.82  ? 35   ILE A CD1  1 
ATOM   703  H H    . ILE A 1 35 ? -1.628  -5.071  -5.531  1.00 3.68  ? 35   ILE A H    1 
ATOM   704  H HA   . ILE A 1 35 ? -4.036  -6.016  -7.061  1.00 4.04  ? 35   ILE A HA   1 
ATOM   705  H HB   . ILE A 1 35 ? -2.937  -5.197  -9.134  1.00 5.40  ? 35   ILE A HB   1 
ATOM   706  H HG12 . ILE A 1 35 ? -0.815  -3.894  -7.325  1.00 6.29  ? 35   ILE A HG12 1 
ATOM   707  H HG13 . ILE A 1 35 ? -0.541  -5.397  -8.234  1.00 6.29  ? 35   ILE A HG13 1 
ATOM   708  H HG21 . ILE A 1 35 ? -4.480  -3.759  -7.905  1.00 10.06 ? 35   ILE A HG21 1 
ATOM   709  H HG22 . ILE A 1 35 ? -3.273  -2.822  -8.715  1.00 10.06 ? 35   ILE A HG22 1 
ATOM   710  H HG23 . ILE A 1 35 ? -3.168  -3.079  -7.007  1.00 10.06 ? 35   ILE A HG23 1 
ATOM   711  H HD11 . ILE A 1 35 ? -1.026  -4.171  -10.326 1.00 11.39 ? 35   ILE A HD11 1 
ATOM   712  H HD12 . ILE A 1 35 ? 0.307   -3.467  -9.478  1.00 11.39 ? 35   ILE A HD12 1 
ATOM   713  H HD13 . ILE A 1 35 ? -1.248  -2.711  -9.427  1.00 11.39 ? 35   ILE A HD13 1 
ATOM   714  N N    . PRO A 1 36 ? -2.774  -7.941  -8.215  1.00 4.11  ? 36   PRO A N    1 
ATOM   715  C CA   . PRO A 1 36 ? -2.089  -9.204  -8.534  1.00 4.43  ? 36   PRO A CA   1 
ATOM   716  C C    . PRO A 1 36 ? -0.953  -9.039  -9.504  1.00 4.96  ? 36   PRO A C    1 
ATOM   717  O O    . PRO A 1 36 ? -0.117  -9.911  -9.563  1.00 7.05  ? 36   PRO A O    1 
ATOM   718  C CB   . PRO A 1 36 ? -3.228  -10.102 -9.044  1.00 6.09  ? 36   PRO A CB   1 
ATOM   719  C CG   . PRO A 1 36 ? -4.218  -9.105  -9.610  1.00 5.79  ? 36   PRO A CG   1 
ATOM   720  C CD   . PRO A 1 36 ? -4.185  -7.891  -8.697  1.00 5.14  ? 36   PRO A CD   1 
ATOM   721  H HA   . PRO A 1 36 ? -1.810  -9.518  -7.843  1.00 5.04  ? 36   PRO A HA   1 
ATOM   722  H HB2  . PRO A 1 36 ? -2.824  -10.745 -9.846  1.00 7.51  ? 36   PRO A HB2  1 
ATOM   723  H HB3  . PRO A 1 36 ? -3.623  -10.699 -8.233  1.00 7.51  ? 36   PRO A HB3  1 
ATOM   724  H HG2  . PRO A 1 36 ? -4.018  -8.803  -10.627 1.00 6.81  ? 36   PRO A HG2  1 
ATOM   725  H HG3  . PRO A 1 36 ? -5.269  -9.524  -9.553  1.00 6.81  ? 36   PRO A HG3  1 
ATOM   726  H HD2  . PRO A 1 36 ? -4.353  -6.991  -9.242  1.00 5.99  ? 36   PRO A HD2  1 
ATOM   727  H HD3  . PRO A 1 36 ? -4.854  -8.019  -7.856  1.00 5.99  ? 36   PRO A HD3  1 
ATOM   728  N N    A GLY A 1 37 ? -1.046  -7.994  -10.324 0.67 5.00  ? 37   GLY A N    1 
ATOM   729  N N    B GLY A 1 37 ? -0.830  -7.961  -10.270 0.24 6.17  ? 37   GLY A N    1 
ATOM   730  C CA   A GLY A 1 37 ? -0.007  -7.619  -11.267 0.74 5.65  ? 37   GLY A CA   1 
ATOM   731  C CA   B GLY A 1 37 ? 0.331   -7.848  -11.132 0.28 7.52  ? 37   GLY A CA   1 
ATOM   732  C C    A GLY A 1 37 ? 1.141   -6.895  -10.582 0.78 5.00  ? 37   GLY A C    1 
ATOM   733  C C    B GLY A 1 37 ? 1.447   -7.096  -10.423 0.27 4.47  ? 37   GLY A C    1 
ATOM   734  O O    A GLY A 1 37 ? 1.147   -6.753  -9.359  0.82 5.43  ? 37   GLY A O    1 
ATOM   735  O O    B GLY A 1 37 ? 1.487   -7.059  -9.194  0.22 6.14  ? 37   GLY A O    1 
ATOM   736  H H    A GLY A 1 37 ? -1.871  -7.442  -10.310 0.75 5.48  ? 37   GLY A H    1 
ATOM   737  H H    B GLY A 1 37 ? -2.614  -4.445  -11.725 0.25 5.85  ? 37   GLY A H    1 
ATOM   738  H HA2  A GLY A 1 37 ? 0.381   -8.510  -11.780 0.75 5.40  ? 37   GLY A HA2  1 
ATOM   739  H HA2  B GLY A 1 37 ? 0.763   -8.999  -11.221 0.25 5.04  ? 37   GLY A HA2  1 
ATOM   740  H HA3  A GLY A 1 37 ? -0.428  -6.962  -12.034 0.75 5.40  ? 37   GLY A HA3  1 
ATOM   741  H HA3  B GLY A 1 37 ? 0.215   -7.541  -12.048 0.25 5.04  ? 37   GLY A HA3  1 
ATOM   742  N N    A ALA A 1 38 ? 2.067   -6.378  -11.386 0.60 4.32  ? 38   ALA A N    1 
ATOM   743  N N    B ALA A 1 38 ? 2.348   -6.548  -11.232 0.51 4.34  ? 38   ALA A N    1 
ATOM   744  C CA   A ALA A 1 38 ? 3.275   -5.720  -10.910 0.75 4.73  ? 38   ALA A CA   1 
ATOM   745  C CA   B ALA A 1 38 ? 3.571   -5.923  -10.744 0.04 4.32  ? 38   ALA A CA   1 
ATOM   746  C C    A ALA A 1 38 ? 3.281   -4.248  -11.314 0.79 5.32  ? 38   ALA A C    1 
ATOM   747  C C    B ALA A 1 38 ? 3.596   -4.441  -11.105 0.27 4.94  ? 38   ALA A C    1 
ATOM   748  O O    A ALA A 1 38 ? 4.192   -3.485  -10.988 0.78 7.48  ? 38   ALA A O    1 
ATOM   749  O O    B ALA A 1 38 ? 4.531   -3.739  -10.718 0.23 6.78  ? 38   ALA A O    1 
ATOM   750  C CB   A ALA A 1 38 ? 4.531   -6.410  -11.420 0.83 6.69  ? 38   ALA A CB   1 
ATOM   751  C CB   B ALA A 1 38 ? 4.765   -6.680  -11.303 0.21 7.71  ? 38   ALA A CB   1 
ATOM   752  H H    A ALA A 1 38 ? 1.930   -6.356  -12.368 0.75 4.41  ? 38   ALA A H    1 
ATOM   753  H H    B ALA A 1 38 ? 2.695   -6.092  -12.517 0.25 4.68  ? 38   ALA A H    1 
ATOM   754  H HA   A ALA A 1 38 ? 3.773   -5.887  -9.467  0.75 5.19  ? 38   ALA A HA   1 
ATOM   755  H HA   B ALA A 1 38 ? 3.391   -5.910  -9.428  0.25 4.75  ? 38   ALA A HA   1 
ATOM   756  H HB1  A ALA A 1 38 ? 4.485   -7.447  -11.212 0.75 9.43  ? 38   ALA A HB1  1 
ATOM   757  H HB1  B ALA A 1 38 ? 4.789   -7.697  -11.018 0.25 8.55  ? 38   ALA A HB1  1 
ATOM   758  H HB2  A ALA A 1 38 ? 5.387   -5.976  -11.102 0.75 9.43  ? 38   ALA A HB2  1 
ATOM   759  H HB2  B ALA A 1 38 ? 5.707   -6.243  -10.836 0.25 8.55  ? 38   ALA A HB2  1 
ATOM   760  H HB3  A ALA A 1 38 ? 4.487   -6.334  -12.535 0.75 9.43  ? 38   ALA A HB3  1 
ATOM   761  H HB3  B ALA A 1 38 ? 4.861   -6.552  -12.313 0.25 8.55  ? 38   ALA A HB3  1 
ATOM   762  N N    A THR A 1 39 ? 2.285   -3.764  -12.048 0.82 4.32  ? 39   THR A N    1 
ATOM   763  N N    B THR A 1 39 ? 2.605   -3.916  -11.820 0.22 3.30  ? 39   THR A N    1 
ATOM   764  C CA   A THR A 1 39 ? 2.315   -2.444  -12.666 0.67 5.45  ? 39   THR A CA   1 
ATOM   765  C CA   B THR A 1 39 ? 2.706   -2.584  -12.404 0.37 4.07  ? 39   THR A CA   1 
ATOM   766  C C    A THR A 1 39 ? 1.300   -1.524  -11.999 0.57 5.64  ? 39   THR A C    1 
ATOM   767  C C    B THR A 1 39 ? 1.558   -1.754  -11.844 0.25 3.28  ? 39   THR A C    1 
ATOM   768  O O    A THR A 1 39 ? 0.115   -1.568  -12.330 0.52 7.50  ? 39   THR A O    1 
ATOM   769  O O    B THR A 1 39 ? 0.375   -1.954  -12.121 0.18 5.36  ? 39   THR A O    1 
ATOM   770  C CB   A THR A 1 39 ? 2.062   -2.555  -14.181 0.72 7.54  ? 39   THR A CB   1 
ATOM   771  C CB   B THR A 1 39 ? 2.614   -2.607  -13.941 0.18 7.37  ? 39   THR A CB   1 
ATOM   772  O OG1  A THR A 1 39 ? 2.996   -3.497  -14.726 0.64 6.88  ? 39   THR A OG1  1 
ATOM   773  O OG1  B THR A 1 39 ? 3.485   -3.615  -14.463 0.31 6.59  ? 39   THR A OG1  1 
ATOM   774  C CG2  A THR A 1 39 ? 2.427   -1.219  -14.811 0.75 10.64 ? 39   THR A CG2  1 
ATOM   775  C CG2  B THR A 1 39 ? 3.003   -1.282  -14.576 0.25 9.28  ? 39   THR A CG2  1 
ATOM   776  H H    A THR A 1 39 ? 1.567   -4.401  -12.308 0.75 4.42  ? 39   THR A H    1 
ATOM   777  H H    B THR A 1 39 ? -0.059  -2.292  -11.925 0.25 3.41  ? 39   THR A H    1 
ATOM   778  H HA   A THR A 1 39 ? 3.781   -2.076  -12.164 0.75 5.26  ? 39   THR A HA   1 
ATOM   779  H HA   B THR A 1 39 ? 4.655   -3.488  -12.156 0.25 3.61  ? 39   THR A HA   1 
ATOM   780  H HB   A THR A 1 39 ? 1.045   -2.890  -14.346 0.75 6.72  ? 39   THR A HB   1 
ATOM   781  H HB   B THR A 1 39 ? 1.692   -2.849  -14.205 0.25 3.66  ? 39   THR A HB   1 
ATOM   782  H HG1  A THR A 1 39 ? 2.848   -4.379  -14.391 0.75 8.18  ? 39   THR A HG1  1 
ATOM   783  H HG1  B THR A 1 39 ? 3.378   -4.497  -13.988 0.25 4.57  ? 39   THR A HG1  1 
ATOM   784  H HG21 A THR A 1 39 ? 1.766   -0.492  -14.446 0.75 12.98 ? 39   THR A HG21 1 
ATOM   785  H HG21 B THR A 1 39 ? 2.567   -0.524  -14.017 0.25 6.37  ? 39   THR A HG21 1 
ATOM   786  H HG22 A THR A 1 39 ? 2.204   -1.347  -15.884 0.75 12.98 ? 39   THR A HG22 1 
ATOM   787  H HG22 B THR A 1 39 ? 3.019   -1.294  -15.498 0.25 6.37  ? 39   THR A HG22 1 
ATOM   788  H HG23 A THR A 1 39 ? 3.402   -0.998  -14.686 0.75 12.98 ? 39   THR A HG23 1 
ATOM   789  H HG23 B THR A 1 39 ? 4.175   -1.128  -14.222 0.25 6.37  ? 39   THR A HG23 1 
ATOM   790  N N    . CYS A 1 40 ? 1.807   -0.690  -11.092 1.00 4.97  ? 40   CYS A N    1 
ATOM   791  C CA   . CYS A 1 40 ? 0.865   0.172   -10.436 1.00 4.23  ? 40   CYS A CA   1 
ATOM   792  C C    . CYS A 1 40 ? 0.420   1.305   -11.387 1.00 4.35  ? 40   CYS A C    1 
ATOM   793  O O    . CYS A 1 40 ? 1.200   1.792   -12.182 1.00 5.59  ? 40   CYS A O    1 
ATOM   794  C CB   . CYS A 1 40 ? 1.527   0.831   -9.227  1.00 4.22  ? 40   CYS A CB   1 
ATOM   795  S SG   . CYS A 1 40 ? 1.964   -0.351  -7.913  1.00 4.56  ? 40   CYS A SG   1 
ATOM   796  H H    . CYS A 1 40 ? 2.590   -0.070  -11.314 1.00 5.17  ? 40   CYS A H    1 
ATOM   797  H HA   . CYS A 1 40 ? -0.008  -0.410  -10.108 1.00 4.83  ? 40   CYS A HA   1 
ATOM   798  H HB2  . CYS A 1 40 ? 2.434   1.349   -9.554  1.00 4.66  ? 40   CYS A HB2  1 
ATOM   799  H HB3  . CYS A 1 40 ? 0.837   1.577   -8.819  1.00 4.66  ? 40   CYS A HB3  1 
ATOM   800  N N    . PRO A 1 41 ? -0.866  1.715   -11.323 1.00 5.02  ? 41   PRO A N    1 
ATOM   801  C CA   . PRO A 1 41 ? -1.377  2.737   -12.227 1.00 5.25  ? 41   PRO A CA   1 
ATOM   802  C C    . PRO A 1 41 ? -0.955  4.124   -11.770 1.00 4.79  ? 41   PRO A C    1 
ATOM   803  O O    . PRO A 1 41 ? -0.474  4.322   -10.671 1.00 4.23  ? 41   PRO A O    1 
ATOM   804  C CB   . PRO A 1 41 ? -2.899  2.553   -12.134 1.00 7.28  ? 41   PRO A CB   1 
ATOM   805  C CG   . PRO A 1 41 ? -3.074  2.076   -10.639 1.00 6.84  ? 41   PRO A CG   1 
ATOM   806  C CD   . PRO A 1 41 ? -1.872  1.135   -10.400 1.00 5.83  ? 41   PRO A CD   1 
ATOM   807  H HA   . PRO A 1 41 ? -1.057  2.507   -13.250 1.00 6.21  ? 41   PRO A HA   1 
ATOM   808  H HB2  . PRO A 1 41 ? -3.444  3.417   -12.295 1.00 8.09  ? 41   PRO A HB2  1 
ATOM   809  H HB3  . PRO A 1 41 ? -3.236  1.684   -12.758 1.00 8.09  ? 41   PRO A HB3  1 
ATOM   810  H HG2  . PRO A 1 41 ? -2.983  2.956   -9.996  1.00 7.84  ? 41   PRO A HG2  1 
ATOM   811  H HG3  . PRO A 1 41 ? -4.008  1.565   -10.492 1.00 7.84  ? 41   PRO A HG3  1 
ATOM   812  H HD2  . PRO A 1 41 ? -1.539  1.175   -9.350  1.00 6.50  ? 41   PRO A HD2  1 
ATOM   813  H HD3  . PRO A 1 41 ? -2.134  0.093   -10.667 1.00 6.50  ? 41   PRO A HD3  1 
ATOM   814  N N    . GLY A 1 42 ? -1.195  5.126   -12.662 1.00 5.64  ? 42   GLY A N    1 
ATOM   815  C CA   . GLY A 1 42 ? -0.736  6.462   -12.427 1.00 5.48  ? 42   GLY A CA   1 
ATOM   816  C C    . GLY A 1 42 ? -1.356  7.151   -11.282 1.00 5.04  ? 42   GLY A C    1 
ATOM   817  O O    . GLY A 1 42 ? -0.772  8.202   -10.796 1.00 6.77  ? 42   GLY A O    1 
ATOM   818  H H    . GLY A 1 42 ? -1.604  4.796   -13.539 1.00 6.00  ? 42   GLY A H    1 
ATOM   819  H HA2  . GLY A 1 42 ? 0.339   6.418   -12.294 1.00 6.09  ? 42   GLY A HA2  1 
ATOM   820  H HA3  . GLY A 1 42 ? -0.934  7.003   -13.350 1.00 6.09  ? 42   GLY A HA3  1 
ATOM   821  N N    A ASP A 1 43 ? -2.518  6.789   -10.753 0.65 3.34  ? 43   ASP A N    1 
ATOM   822  N N    B ASP A 1 43 ? -2.493  6.539   -10.933 0.34 3.64  ? 43   ASP A N    1 
ATOM   823  C CA   A ASP A 1 43 ? -3.130  7.359   -9.563  0.68 2.94  ? 43   ASP A CA   1 
ATOM   824  C CA   B ASP A 1 43 ? -3.216  7.093   -9.795  0.27 2.86  ? 43   ASP A CA   1 
ATOM   825  C C    A ASP A 1 43 ? -2.768  6.585   -8.299  0.69 2.54  ? 43   ASP A C    1 
ATOM   826  C C    B ASP A 1 43 ? -2.906  6.465   -8.440  0.22 3.63  ? 43   ASP A C    1 
ATOM   827  O O    A ASP A 1 43 ? -3.219  6.981   -7.219  0.76 2.68  ? 43   ASP A O    1 
ATOM   828  O O    B ASP A 1 43 ? -3.436  6.883   -7.411  0.19 3.54  ? 43   ASP A O    1 
ATOM   829  C CB   A ASP A 1 43 ? -4.643  7.538   -9.751  0.75 3.21  ? 43   ASP A CB   1 
ATOM   830  C CB   B ASP A 1 43 ? -4.728  7.056   -10.013 0.20 3.49  ? 43   ASP A CB   1 
ATOM   831  C CG   A ASP A 1 43 ? -5.447  6.285   -10.059 0.79 3.20  ? 43   ASP A CG   1 
ATOM   832  C CG   B ASP A 1 43 ? -5.359  5.709   -10.298 0.21 3.60  ? 43   ASP A CG   1 
ATOM   833  O OD1  A ASP A 1 43 ? -6.683  6.372   -9.876  0.73 3.97  ? 43   ASP A OD1  1 
ATOM   834  O OD1  B ASP A 1 43 ? -6.605  5.620   -10.255 0.22 7.00  ? 43   ASP A OD1  1 
ATOM   835  O OD2  A ASP A 1 43 ? -4.836  5.292   -10.507 0.70 4.22  ? 43   ASP A OD2  1 
ATOM   836  O OD2  B ASP A 1 43 ? -4.664  4.704   -10.563 0.20 5.65  ? 43   ASP A OD2  1 
ATOM   837  H H    A ASP A 1 43 ? -2.947  5.892   -11.018 0.75 3.76  ? 43   ASP A H    1 
ATOM   838  H H    B ASP A 1 43 ? -2.918  7.596   -11.191 0.25 3.90  ? 43   ASP A H    1 
ATOM   839  H HA   A ASP A 1 43 ? -2.923  8.361   -9.626  0.75 3.32  ? 43   ASP A HA   1 
ATOM   840  H HA   B ASP A 1 43 ? -2.417  8.975   -10.091 0.25 3.27  ? 43   ASP A HA   1 
ATOM   841  H HB2  A ASP A 1 43 ? -5.032  7.957   -8.806  0.75 3.50  ? 43   ASP A HB2  1 
ATOM   842  H HB2  B ASP A 1 43 ? -5.250  7.423   -9.093  0.25 3.82  ? 43   ASP A HB2  1 
ATOM   843  H HB3  A ASP A 1 43 ? -4.810  8.266   -10.530 0.75 3.50  ? 43   ASP A HB3  1 
ATOM   844  H HB3  B ASP A 1 43 ? -5.007  7.740   -10.808 0.25 3.82  ? 43   ASP A HB3  1 
ATOM   845  H HD2  A ASP A 1 43 ? -5.778  4.980   -10.218 0.75 5.77  ? 43   ASP A HD2  1 
ATOM   846  H HD2  B ASP A 1 43 ? -4.712  -0.464  -10.737 0.25 7.23  ? 43   ASP A HD2  1 
ATOM   847  N N    . TYR A 1 44 ? -1.985  5.505   -8.441  1.00 2.73  ? 44   TYR A N    1 
ATOM   848  C CA   . TYR A 1 44 ? -1.410  4.828   -7.290  1.00 2.48  ? 44   TYR A CA   1 
ATOM   849  C C    . TYR A 1 44 ? 0.101   4.681   -7.556  1.00 2.76  ? 44   TYR A C    1 
ATOM   850  O O    . TYR A 1 44 ? 0.618   3.550   -7.600  1.00 3.31  ? 44   TYR A O    1 
ATOM   851  C CB   . TYR A 1 44 ? -2.071  3.490   -6.979  1.00 2.84  ? 44   TYR A CB   1 
ATOM   852  C CG   . TYR A 1 44 ? -3.478  3.649   -6.461  1.00 2.69  ? 44   TYR A CG   1 
ATOM   853  C CD1  . TYR A 1 44 ? -4.579  3.817   -7.313  1.00 3.13  ? 44   TYR A CD1  1 
ATOM   854  C CD2  . TYR A 1 44 ? -3.688  3.651   -5.098  1.00 2.86  ? 44   TYR A CD2  1 
ATOM   855  C CE1  . TYR A 1 44 ? -5.857  3.985   -6.797  1.00 3.14  ? 44   TYR A CE1  1 
ATOM   856  C CE2  . TYR A 1 44 ? -4.963  3.838   -4.559  1.00 2.96  ? 44   TYR A CE2  1 
ATOM   857  C CZ   . TYR A 1 44 ? -6.045  4.000   -5.413  1.00 2.74  ? 44   TYR A CZ   1 
ATOM   858  O OH   . TYR A 1 44 ? -7.309  4.167   -4.934  1.00 3.30  ? 44   TYR A OH   1 
ATOM   859  H H    . TYR A 1 44 ? -1.387  5.411   -9.247  1.00 2.82  ? 44   TYR A H    1 
ATOM   860  H HA   . TYR A 1 44 ? -1.503  5.358   -6.591  1.00 2.58  ? 44   TYR A HA   1 
ATOM   861  H HB2  . TYR A 1 44 ? -2.105  2.890   -7.890  1.00 3.05  ? 44   TYR A HB2  1 
ATOM   862  H HB3  . TYR A 1 44 ? -1.483  2.968   -6.231  1.00 3.05  ? 44   TYR A HB3  1 
ATOM   863  H HD1  . TYR A 1 44 ? -4.428  3.849   -8.385  1.00 3.26  ? 44   TYR A HD1  1 
ATOM   864  H HD2  . TYR A 1 44 ? -2.857  3.484   -4.435  1.00 3.06  ? 44   TYR A HD2  1 
ATOM   865  H HE1  . TYR A 1 44 ? -6.695  4.170   -7.450  1.00 3.39  ? 44   TYR A HE1  1 
ATOM   866  H HE2  . TYR A 1 44 ? -5.133  3.696   -3.509  1.00 3.15  ? 44   TYR A HE2  1 
ATOM   867  H HH   . TYR A 1 44 ? -7.304  4.038   -3.968  1.00 4.50  ? 44   TYR A HH   1 
ATOM   868  N N    . ALA A 1 45 ? 0.734   5.830   -7.746  1.00 2.73  ? 45   ALA A N    1 
ATOM   869  C CA   . ALA A 1 45 ? 2.059   5.888   -8.311  1.00 2.95  ? 45   ALA A CA   1 
ATOM   870  C C    . ALA A 1 45 ? 3.184   5.776   -7.285  1.00 2.99  ? 45   ALA A C    1 
ATOM   871  O O    . ALA A 1 45 ? 4.360   5.711   -7.674  1.00 3.94  ? 45   ALA A O    1 
ATOM   872  C CB   . ALA A 1 45 ? 2.189   7.239   -9.039  1.00 3.98  ? 45   ALA A CB   1 
ATOM   873  H H    . ALA A 1 45 ? 0.297   6.691   -7.479  1.00 2.89  ? 45   ALA A H    1 
ATOM   874  H HA   . ALA A 1 45 ? 2.146   5.256   -8.895  1.00 3.22  ? 45   ALA A HA   1 
ATOM   875  H HB1  . ALA A 1 45 ? 1.463   7.312   -9.803  1.00 5.47  ? 45   ALA A HB1  1 
ATOM   876  H HB2  . ALA A 1 45 ? 3.164   7.300   -9.489  1.00 5.47  ? 45   ALA A HB2  1 
ATOM   877  H HB3  . ALA A 1 45 ? 2.081   8.035   -8.358  1.00 5.47  ? 45   ALA A HB3  1 
ATOM   878  N N    . ASN A 1 46 ? 2.830   5.788   -6.001  1.00 2.87  ? 46   ASN A N    1 
ATOM   879  C CA   . ASN A 1 46 ? 3.781   5.797   -4.896  1.00 2.87  ? 46   ASN A CA   1 
ATOM   880  C C    . ASN A 1 46 ? 3.773   4.499   -4.084  1.00 3.19  ? 46   ASN A C    1 
ATOM   881  O O    . ASN A 1 46 ? 3.173   3.493   -4.546  1.00 3.41  ? 46   ASN A O    1 
ATOM   882  C CB   . ASN A 1 46 ? 3.514   7.033   -4.017  1.00 3.66  ? 46   ASN A CB   1 
ATOM   883  C CG   . ASN A 1 46 ? 3.647   8.320   -4.788  1.00 4.78  ? 46   ASN A CG   1 
ATOM   884  O OD1  . ASN A 1 46 ? 2.693   9.067   -4.872  1.00 7.55  ? 46   ASN A OD1  1 
ATOM   885  N ND2  . ASN A 1 46 ? 4.863   8.572   -5.337  1.00 6.97  ? 46   ASN A ND2  1 
ATOM   886  O OXT  . ASN A 1 46 ? 4.382   4.540   -2.996  1.00 4.15  ? 46   ASN A OXT  1 
ATOM   887  H H    . ASN A 1 46 ? 1.861   5.883   -5.743  1.00 3.02  ? 46   ASN A H    1 
ATOM   888  H HA   . ASN A 1 46 ? 4.806   5.923   -5.341  1.00 3.14  ? 46   ASN A HA   1 
ATOM   889  H HB2  . ASN A 1 46 ? 2.512   6.962   -3.585  1.00 4.02  ? 46   ASN A HB2  1 
ATOM   890  H HB3  . ASN A 1 46 ? 4.245   7.067   -3.214  1.00 4.02  ? 46   ASN A HB3  1 
ATOM   891  H HD21 . ASN A 1 46 ? 5.532   7.936   -5.211  1.00 7.87  ? 46   ASN A HD21 1 
ATOM   892  H HD22 . ASN A 1 46 ? 4.904   9.432   -5.864  1.00 7.87  ? 46   ASN A HD22 1 
HETATM 893  C C1   . EOH B 2 .  ? 2.317   11.335  -6.298  0.60 10.06 ? 2001 EOH A C1   1 
HETATM 894  C C2   . EOH B 2 .  ? 3.925   12.720  -6.964  0.60 24.97 ? 2001 EOH A C2   1 
HETATM 895  O O    . EOH B 2 .  ? 1.507   10.198  -6.939  0.60 13.14 ? 2001 EOH A O    1 
HETATM 896  C C1   A EOH C 2 .  ? 8.177   11.748  4.342   0.50 16.14 ? 2002 EOH A C1   1 
HETATM 897  C C1   B EOH C 2 .  ? 7.027   11.048  5.450   0.50 13.31 ? 2002 EOH A C1   1 
HETATM 898  C C2   A EOH C 2 .  ? 5.354   9.067   4.358   0.50 24.20 ? 2002 EOH A C2   1 
HETATM 899  C C2   B EOH C 2 .  ? 5.535   11.473  4.573   0.50 20.65 ? 2002 EOH A C2   1 
HETATM 900  O O    A EOH C 2 .  ? 6.884   9.816   5.196   0.50 20.32 ? 2002 EOH A O    1 
HETATM 901  O O    B EOH C 2 .  ? 7.759   9.767   5.369   0.50 9.34  ? 2002 EOH A O    1 
HETATM 902  C C1   A EOH D 2 .  ? 8.607   7.088   -5.503  0.30 7.03  ? 2003 EOH A C1   1 
HETATM 903  C C1   B EOH D 2 .  ? 8.140   8.078   -5.554  0.40 9.97  ? 2003 EOH A C1   1 
HETATM 904  C C2   A EOH D 2 .  ? 8.829   8.323   -4.487  0.10 7.68  ? 2003 EOH A C2   1 
HETATM 905  C C2   B EOH D 2 .  ? 9.516   8.234   -5.149  0.40 14.88 ? 2003 EOH A C2   1 
HETATM 906  O O    A EOH D 2 .  ? 7.267   6.625   -5.087  0.47 4.02  ? 2003 EOH A O    1 
HETATM 907  O O    B EOH D 2 .  ? 7.089   7.144   -4.913  0.43 6.37  ? 2003 EOH A O    1 
HETATM 908  C C1   . EOH E 2 .  ? 10.806  -1.570  5.457   1.00 54.50 ? 2004 EOH A C1   1 
HETATM 909  C C2   . EOH E 2 .  ? 9.892   -0.441  4.091   1.00 48.34 ? 2004 EOH A C2   1 
HETATM 910  O O    . EOH E 2 .  ? 10.507  -1.501  6.907   1.00 4.42  ? 2004 EOH A O    1 
HETATM 911  O O    . HOH F 3 .  ? -6.774  7.089   -3.374  1.00 3.09  ? 3001 HOH A O    1 
HETATM 912  O O    . HOH F 3 .  ? -7.280  4.582   -2.285  1.00 3.54  ? 3002 HOH A O    1 
HETATM 913  O O    . HOH F 3 .  ? -5.655  7.355   -5.780  1.00 3.02  ? 3003 HOH A O    1 
HETATM 914  O O    . HOH F 3 .  ? -7.584  7.947   -7.688  1.00 4.30  ? 3004 HOH A O    1 
HETATM 915  O O    . HOH F 3 .  ? -9.448  5.764   -5.794  1.00 6.13  ? 3005 HOH A O    1 
HETATM 916  O O    . HOH F 3 .  ? -0.383  11.589  -5.341  1.00 6.06  ? 3006 HOH A O    1 
HETATM 917  O O    . HOH F 3 .  ? 0.453   13.376  -3.406  1.00 4.30  ? 3007 HOH A O    1 
HETATM 918  O O    . HOH F 3 .  ? 2.712   12.414  -2.321  1.00 3.19  ? 3008 HOH A O    1 
HETATM 919  O O    . HOH F 3 .  ? 2.229   12.582  0.357   1.00 2.79  ? 3009 HOH A O    1 
HETATM 920  O O    . HOH F 3 .  ? 3.929   14.579  1.380   1.00 5.57  ? 3010 HOH A O    1 
HETATM 921  O O    . HOH F 3 .  ? 4.576   14.277  -3.073  1.00 4.61  ? 3011 HOH A O    1 
HETATM 922  O O    . HOH F 3 .  ? 7.577   4.898   6.668   1.00 3.27  ? 3013 HOH A O    1 
HETATM 923  O O    . HOH F 3 .  ? 8.645   4.258   4.241   1.00 4.00  ? 3014 HOH A O    1 
HETATM 924  O O    . HOH F 3 .  ? 8.235   6.279   2.439   1.00 3.91  ? 3015 HOH A O    1 
HETATM 925  O O    . HOH F 3 .  ? -2.393  7.087   4.796   1.00 8.61  ? 3016 HOH A O    1 
HETATM 926  O O    A HOH F 3 .  ? 8.224   6.262   -0.313  0.70 4.02  ? 3017 HOH A O    1 
HETATM 927  O O    B HOH F 3 .  ? 6.924   7.118   0.198   0.30 4.83  ? 3017 HOH A O    1 
HETATM 928  O O    . HOH F 3 .  ? 6.135   -0.961  0.763   1.00 4.45  ? 3018 HOH A O    1 
HETATM 929  O O    . HOH F 3 .  ? 7.054   -2.394  4.155   1.00 7.16  ? 3019 HOH A O    1 
HETATM 930  O O    . HOH F 3 .  ? 7.799   -1.957  6.729   1.00 3.13  ? 3020 HOH A O    1 
HETATM 931  O O    . HOH F 3 .  ? 5.862   -4.852  3.829   1.00 6.57  ? 3021 HOH A O    1 
HETATM 932  O O    . HOH F 3 .  ? -0.039  -5.437  13.980  1.00 3.39  ? 3022 HOH A O    1 
HETATM 933  O O    A HOH F 3 .  ? -2.995  -9.452  3.013   0.50 8.33  ? 3023 HOH A O    1 
HETATM 934  O O    B HOH F 3 .  ? -3.063  -9.240  3.457   0.50 2.75  ? 3023 HOH A O    1 
HETATM 935  O O    A HOH F 3 .  ? -3.101  -6.203  -11.233 0.50 4.52  ? 3024 HOH A O    1 
HETATM 936  O O    B HOH F 3 .  ? -2.515  -6.138  -11.500 0.50 10.13 ? 3024 HOH A O    1 
HETATM 937  O O    . HOH F 3 .  ? 0.024   -5.146  -13.258 1.00 6.14  ? 3025 HOH A O    1 
HETATM 938  O O    . HOH F 3 .  ? -0.465  8.350   -7.180  1.00 4.66  ? 3027 HOH A O    1 
HETATM 939  O O    . HOH F 3 .  ? 4.079   -7.862  -1.227  1.00 35.30 ? 3028 HOH A O    1 
HETATM 940  O O    . HOH F 3 .  ? 8.510   3.938   -2.095  0.50 11.45 ? 3030 HOH A O    1 
HETATM 941  O O    . HOH F 3 .  ? 7.159   0.021   -3.348  1.00 26.01 ? 3031 HOH A O    1 
HETATM 942  O O    A HOH F 3 .  ? 1.994   6.617   10.526  0.50 5.03  ? 3032 HOH A O    1 
HETATM 943  O O    B HOH F 3 .  ? 2.238   6.014   10.423  0.50 14.71 ? 3032 HOH A O    1 
HETATM 944  O O    A HOH F 3 .  ? 1.813   -9.747  13.629  0.50 14.30 ? 3033 HOH A O    1 
HETATM 945  O O    B HOH F 3 .  ? 2.602   -9.935  12.613  0.50 5.88  ? 3033 HOH A O    1 
HETATM 946  O O    . HOH F 3 .  ? 6.487   -4.256  -9.142  1.00 12.22 ? 3035 HOH A O    1 
HETATM 947  O O    . HOH F 3 .  ? -5.031  4.288   -15.326 1.00 12.54 ? 3036 HOH A O    1 
HETATM 948  O O    A HOH F 3 .  ? -0.855  10.059  -8.916  0.50 8.75  ? 3038 HOH A O    1 
HETATM 949  O O    B HOH F 3 .  ? 5.261   -6.962  1.868   0.50 5.09  ? 3038 HOH A O    1 
HETATM 950  O O    . HOH F 3 .  ? 3.263   2.710   -7.181  1.00 4.46  ? 3039 HOH A O    1 
HETATM 951  O O    . HOH F 3 .  ? 4.827   -4.608  -3.600  1.00 12.25 ? 3040 HOH A O    1 
HETATM 952  O O    A HOH F 3 .  ? 4.071   -4.772  -0.852  0.40 4.84  ? 3041 HOH A O    1 
HETATM 953  O O    B HOH F 3 .  ? 5.972   -5.390  -1.511  0.30 15.59 ? 3041 HOH A O    1 
HETATM 954  O O    C HOH F 3 .  ? 5.832   -6.558  -3.020  0.30 21.07 ? 3041 HOH A O    1 
HETATM 955  O O    A HOH F 3 .  ? 5.891   -3.726  0.884   0.50 6.66  ? 3042 HOH A O    1 
HETATM 956  O O    B HOH F 3 .  ? 4.832   -3.313  0.262   0.50 7.87  ? 3042 HOH A O    1 
HETATM 957  O O    . HOH F 3 .  ? 4.252   -5.240  2.166   0.50 8.79  ? 3043 HOH A O    1 
HETATM 958  O O    A HOH F 3 .  ? -6.973  6.004   5.003   0.50 4.29  ? 3045 HOH A O    1 
HETATM 959  O O    B HOH F 3 .  ? -8.026  4.672   4.666   0.50 11.80 ? 3045 HOH A O    1 
HETATM 960  O O    A HOH F 3 .  ? 8.558   2.160   0.280   0.50 3.35  ? 3047 HOH A O    1 
HETATM 961  O O    B HOH F 3 .  ? -5.940  -7.620  -4.801  0.50 11.53 ? 3047 HOH A O    1 
HETATM 962  O O    A HOH F 3 .  ? -0.790  -9.422  0.142   0.70 6.68  ? 3048 HOH A O    1 
HETATM 963  O O    B HOH F 3 .  ? -0.781  -9.973  1.471   0.30 8.17  ? 3048 HOH A O    1 
HETATM 964  O O    . HOH F 3 .  ? 1.099   4.028   10.309  1.00 7.03  ? 3051 HOH A O    1 
HETATM 965  O O    A HOH F 3 .  ? -7.288  -6.836  -7.487  0.50 5.46  ? 3052 HOH A O    1 
HETATM 966  O O    B HOH F 3 .  ? -7.164  -7.812  -7.247  0.50 18.07 ? 3052 HOH A O    1 
HETATM 967  O O    . HOH F 3 .  ? -0.083  -12.156 -8.131  1.00 17.70 ? 3053 HOH A O    1 
HETATM 968  O O    . HOH F 3 .  ? 1.394   -11.495 -5.651  1.00 20.45 ? 3054 HOH A O    1 
HETATM 969  O O    . HOH F 3 .  ? 2.506   -9.490  -6.334  1.00 18.91 ? 3055 HOH A O    1 
HETATM 970  O O    . HOH F 3 .  ? -2.179  4.454   -15.250 1.00 11.12 ? 3057 HOH A O    1 
HETATM 971  O O    . HOH F 3 .  ? -8.390  4.302   -9.920  1.00 11.31 ? 3058 HOH A O    1 
HETATM 972  O O    . HOH F 3 .  ? 5.780   -6.710  -7.454  1.00 18.65 ? 3059 HOH A O    1 
HETATM 973  O O    . HOH F 3 .  ? 6.684   -8.981  -8.596  1.00 24.82 ? 3060 HOH A O    1 
HETATM 974  O O    . HOH F 3 .  ? 6.830   5.597   -2.580  1.00 10.30 ? 3063 HOH A O    1 
HETATM 975  O O    A HOH F 3 .  ? -0.255  -9.604  12.410  0.50 9.97  ? 3066 HOH A O    1 
HETATM 976  O O    B HOH F 3 .  ? -0.226  -10.564 12.159  0.50 20.07 ? 3066 HOH A O    1 
HETATM 977  O O    A HOH F 3 .  ? -9.415  1.471   1.712   0.50 8.07  ? 3068 HOH A O    1 
HETATM 978  O O    . HOH F 3 .  ? -4.610  7.317   11.870  1.00 13.46 ? 3069 HOH A O    1 
HETATM 979  O O    . HOH F 3 .  ? -6.211  2.837   -10.876 1.00 15.01 ? 3071 HOH A O    1 
HETATM 980  O O    . HOH F 3 .  ? -3.690  6.145   7.497   1.00 9.74  ? 3072 HOH A O    1 
HETATM 981  O O    A HOH F 3 .  ? -8.131  5.628   2.324   1.00 15.34 ? 3073 HOH A O    1 
HETATM 982  O O    . HOH F 3 .  ? -2.719  6.937   9.824   1.00 28.98 ? 3074 HOH A O    1 
HETATM 983  O O    . HOH F 3 .  ? 2.686   -9.414  -9.114  1.00 24.84 ? 3075 HOH A O    1 
HETATM 984  O O    . HOH F 3 .  ? 1.260   9.765   -11.721 1.00 32.19 ? 3076 HOH A O    1 
HETATM 985  O O    . HOH F 3 .  ? -1.750  -2.758  -13.957 0.50 15.25 ? 3079 HOH A O    1 
HETATM 986  O O    B HOH F 3 .  ? 3.290   -8.140  16.180  0.50 4.27  ? 3081 HOH A O    1 
HETATM 987  O O    A HOH F 3 .  ? 1.741   -7.618  -2.335  0.50 10.05 ? 3082 HOH A O    1 
HETATM 988  O O    B HOH F 3 .  ? 1.143   -7.515  -2.597  0.50 23.50 ? 3082 HOH A O    1 
HETATM 989  O O    A HOH F 3 .  ? 1.717   -9.490  17.290  0.50 7.45  ? 3083 HOH A O    1 
HETATM 990  O O    A HOH F 3 .  ? 4.688   -0.307  -10.846 0.50 11.35 ? 3084 HOH A O    1 
HETATM 991  O O    B HOH F 3 .  ? 4.583   -1.307  -9.685  0.50 10.95 ? 3084 HOH A O    1 
HETATM 992  O O    . HOH F 3 .  ? 4.909   16.634  -7.457  1.00 78.38 ? 3085 HOH A O    1 
HETATM 993  O O    . HOH F 3 .  ? 8.107   -0.898  -1.131  1.00 20.77 ? 3086 HOH A O    1 
HETATM 994  O O    . HOH F 3 .  ? 5.674   11.052  -6.588  1.00 21.32 ? 3087 HOH A O    1 
HETATM 995  O O    . HOH F 3 .  ? 10.063  -0.032  0.122   1.00 28.91 ? 3088 HOH A O    1 
HETATM 996  O O    . HOH F 3 .  ? 5.256   -1.930  -4.701  1.00 26.01 ? 3090 HOH A O    1 
HETATM 997  O O    . HOH F 3 .  ? -8.814  4.748   -12.867 0.50 13.91 ? 3091 HOH A O    1 
HETATM 998  O O    . HOH F 3 .  ? 9.351   -2.907  2.277   1.00 57.00 ? 3092 HOH A O    1 
HETATM 999  O O    . HOH F 3 .  ? 6.292   -6.275  -5.101  1.00 30.54 ? 3093 HOH A O    1 
HETATM 1000 O O    . HOH F 3 .  ? -2.614  -10.315 -5.331  1.00 26.61 ? 3094 HOH A O    1 
HETATM 1001 O O    . HOH F 3 .  ? 8.051   -8.703  -10.879 1.00 34.17 ? 3095 HOH A O    1 
HETATM 1002 O O    . HOH F 3 .  ? -0.565  -10.810 -2.353  0.50 31.07 ? 3096 HOH A O    1 
HETATM 1003 O O    . HOH F 3 .  ? -5.614  -12.709 -11.357 1.00 46.89 ? 3098 HOH A O    1 
HETATM 1004 O O    . HOH F 3 .  ? -2.524  -12.697 -6.224  1.00 25.74 ? 3099 HOH A O    1 
HETATM 1005 O O    . HOH F 3 .  ? 6.387   -2.031  -7.896  1.00 37.22 ? 3101 HOH A O    1 
HETATM 1006 O O    A HOH F 3 .  ? -8.466  4.043   3.120   0.50 19.35 ? 3102 HOH A O    1 
HETATM 1007 O O    B HOH F 3 .  ? -8.362  2.664   2.372   0.50 12.59 ? 3102 HOH A O    1 
HETATM 1008 O O    B HOH F 3 .  ? -11.351 2.088   2.016   0.50 17.73 ? 3103 HOH A O    1 
HETATM 1009 O O    A HOH F 3 .  ? -6.280  4.431   -12.782 1.00 23.49 ? 3106 HOH A O    1 
HETATM 1010 O O    A HOH F 3 .  ? -6.359  1.266   -12.781 0.50 13.99 ? 3107 HOH A O    1 
HETATM 1011 O O    B HOH F 3 .  ? -6.262  2.320   -13.765 0.50 13.65 ? 3107 HOH A O    1 
HETATM 1012 O O    . HOH F 3 .  ? -0.432  -9.597  -4.633  1.00 36.07 ? 3108 HOH A O    1 
HETATM 1013 O O    . HOH F 3 .  ? 0.969   -9.546  -1.963  1.00 66.28 ? 3109 HOH A O    1 
HETATM 1014 O O    . HOH F 3 .  ? 4.718   0.213   -6.152  1.00 48.06 ? 3110 HOH A O    1 
HETATM 1015 O O    D HOH F 3 .  ? -2.275  5.043   11.199  0.40 12.97 ? 3111 HOH A O    1 
HETATM 1016 O O    B HOH F 3 .  ? -3.530  -8.221  9.708   0.50 9.21  ? 3112 HOH A O    1 
HETATM 1017 O O    . HOH F 3 .  ? 1.232   11.462  -13.638 1.00 58.28 ? 3113 HOH A O    1 
HETATM 1018 O O    . HOH F 3 .  ? 0.674   -6.910  14.443  1.00 69.86 ? 3114 HOH A O    1 
HETATM 1019 O O    A HOH F 3 .  ? -1.208  5.856   10.630  0.50 34.79 ? 3115 HOH A O    1 
HETATM 1020 O O    . HOH F 3 .  ? -3.088  -13.521 -8.606  1.00 39.09 ? 3116 HOH A O    1 
HETATM 1021 O O    . HOH F 3 .  ? 1.094   -13.436 -8.260  1.00 69.55 ? 3117 HOH A O    1 
HETATM 1022 O O    . HOH F 3 .  ? -7.254  -10.278 -12.906 1.00 42.76 ? 3118 HOH A O    1 
HETATM 1023 O O    . HOH F 3 .  ? 8.980   -2.565  -2.141  1.00 74.60 ? 3119 HOH A O    1 
HETATM 1024 O O    . HOH F 3 .  ? 7.202   -3.386  -6.831  1.00 43.98 ? 3120 HOH A O    1 
HETATM 1025 O O    . HOH F 3 .  ? 6.908   -1.757  -3.503  1.00 90.39 ? 3121 HOH A O    1 
HETATM 1026 O O    . HOH F 3 .  ? -3.327  8.256   -13.953 1.00 61.40 ? 3123 HOH A O    1 
# 
loop_
_atom_site_anisotrop.id 
_atom_site_anisotrop.type_symbol 
_atom_site_anisotrop.pdbx_label_atom_id 
_atom_site_anisotrop.pdbx_label_alt_id 
_atom_site_anisotrop.pdbx_label_comp_id 
_atom_site_anisotrop.pdbx_label_asym_id 
_atom_site_anisotrop.pdbx_label_seq_id 
_atom_site_anisotrop.pdbx_PDB_ins_code 
_atom_site_anisotrop.U[1][1] 
_atom_site_anisotrop.U[2][2] 
_atom_site_anisotrop.U[3][3] 
_atom_site_anisotrop.U[1][2] 
_atom_site_anisotrop.U[1][3] 
_atom_site_anisotrop.U[2][3] 
_atom_site_anisotrop.pdbx_auth_seq_id 
_atom_site_anisotrop.pdbx_auth_comp_id 
_atom_site_anisotrop.pdbx_auth_asym_id 
_atom_site_anisotrop.pdbx_auth_atom_id 
1    N N   A THR A 1  ? 0.0706 0.0438  0.0646 -0.0022 0.0186  -0.0136 1    THR A N   
2    N N   B THR A 1  ? 0.1364 0.0692  0.1498 -0.0075 0.0075  0.0075  1    THR A N   
3    C CA  A THR A 1  ? 0.0552 0.0406  0.0487 0.0081  0.0121  -0.0118 1    THR A CA  
4    C CA  B THR A 1  ? 0.0509 0.0519  0.0848 0.0061  -0.0203 -0.0005 1    THR A CA  
5    C C   A THR A 1  ? 0.0506 0.0448  0.0444 0.0077  0.0036  -0.0150 1    THR A C   
6    C C   B THR A 1  ? 0.0234 0.0494  0.0707 0.0055  0.0143  0.0030  1    THR A C   
7    O O   A THR A 1  ? 0.0481 0.1017  0.0694 0.0219  -0.0047 -0.0365 1    THR A O   
8    O O   B THR A 1  ? 0.0274 0.0788  0.1075 -0.0027 -0.0053 -0.0173 1    THR A O   
9    C CB  A THR A 1  ? 0.0739 0.0474  0.0389 0.0123  0.0127  -0.0127 1    THR A CB  
10   C CB  B THR A 1  ? 0.0850 0.0750  0.2102 -0.0134 -0.0029 -0.0793 1    THR A CB  
11   O OG1 A THR A 1  ? 0.0942 0.0736  0.0683 0.0191  0.0302  -0.0303 1    THR A OG1 
12   O OG1 B THR A 1  ? 0.1342 0.1342  0.1342 0.0000  0.0000  0.0000  1    THR A OG1 
13   C CG2 A THR A 1  ? 0.0992 0.0611  0.0550 0.0038  0.0283  -0.0074 1    THR A CG2 
14   C CG2 B THR A 1  ? 0.1209 0.1209  0.1209 0.0000  0.0000  0.0000  1    THR A CG2 
33   N N   A THR A 2  ? 0.0404 0.0313  0.0406 0.0093  0.0038  -0.0055 2    THR A N   
34   N N   B THR A 2  ? 0.0391 0.0267  0.0398 0.0080  0.0078  0.0060  2    THR A N   
35   C CA  A THR A 2  ? 0.0415 0.0286  0.0447 0.0069  0.0076  -0.0024 2    THR A CA  
36   C CA  B THR A 2  ? 0.0291 0.0277  0.0449 0.0118  0.0064  -0.0031 2    THR A CA  
37   C C   A THR A 2  ? 0.0413 0.0254  0.0406 0.0038  0.0029  -0.0072 2    THR A C   
38   C C   B THR A 2  ? 0.0283 0.0132  0.0268 0.0016  0.0011  -0.0086 2    THR A C   
39   O O   A THR A 2  ? 0.0369 0.0365  0.0524 0.0040  0.0043  -0.0086 2    THR A O   
40   O O   B THR A 2  ? 0.0228 0.0272  0.0415 0.0040  0.0004  -0.0070 2    THR A O   
41   C CB  A THR A 2  ? 0.1306 0.0366  0.0426 0.0030  -0.0029 -0.0085 2    THR A CB  
42   C CB  B THR A 2  ? 0.3210 0.1054  0.0321 0.1555  0.0355  0.0169  2    THR A CB  
43   O OG1 A THR A 2  ? 0.1389 0.0460  0.0760 -0.0084 -0.0536 -0.0009 2    THR A OG1 
44   O OG1 B THR A 2  ? 0.2127 0.0849  0.0666 0.0717  -0.0388 -0.0408 2    THR A OG1 
45   C CG2 A THR A 2  ? 0.2674 0.0605  0.0519 -0.0374 0.0261  0.0071  2    THR A CG2 
46   C CG2 B THR A 2  ? 0.0991 0.0838  0.0411 -0.0033 -0.0028 -0.0163 2    THR A CG2 
61   N N   . CYS A 3  ? 0.0439 0.0300  0.0354 0.0121  0.0031  -0.0059 3    CYS A N   
62   C CA  . CYS A 3  ? 0.0387 0.0267  0.0334 0.0091  0.0010  -0.0104 3    CYS A CA  
63   C C   . CYS A 3  ? 0.0329 0.0268  0.0318 0.0063  -0.0001 -0.0111 3    CYS A C   
64   O O   . CYS A 3  ? 0.0340 0.0404  0.0556 -0.0010 0.0095  -0.0238 3    CYS A O   
65   C CB  . CYS A 3  ? 0.0447 0.0309  0.0328 0.0051  -0.0024 -0.0099 3    CYS A CB  
66   S SG  . CYS A 3  ? 0.0760 0.0342  0.0372 0.0008  0.0002  -0.0148 3    CYS A SG  
71   N N   . CYS A 4  ? 0.0318 0.0259  0.0288 0.0086  0.0019  -0.0078 4    CYS A N   
72   C CA  . CYS A 4  ? 0.0296 0.0249  0.0228 0.0069  0.0013  -0.0059 4    CYS A CA  
73   C C   . CYS A 4  ? 0.0298 0.0243  0.0236 0.0075  0.0016  -0.0052 4    CYS A C   
74   O O   . CYS A 4  ? 0.0380 0.0324  0.0269 0.0081  0.0085  -0.0007 4    CYS A O   
75   C CB  . CYS A 4  ? 0.0351 0.0267  0.0264 0.0043  -0.0022 -0.0054 4    CYS A CB  
76   S SG  . CYS A 4  ? 0.0324 0.0317  0.0329 0.0057  -0.0052 -0.0028 4    CYS A SG  
81   N N   . PRO A 5  ? 0.0307 0.0254  0.0244 0.0091  0.0019  -0.0036 5    PRO A N   
82   C CA  . PRO A 5  ? 0.0354 0.0266  0.0243 0.0102  -0.0022 -0.0057 5    PRO A CA  
83   C C   . PRO A 5  ? 0.0404 0.0261  0.0275 0.0066  -0.0026 -0.0036 5    PRO A C   
84   O O   . PRO A 5  ? 0.0606 0.0340  0.0400 0.0054  -0.0102 -0.0001 5    PRO A O   
85   C CB  . PRO A 5  ? 0.0332 0.0341  0.0387 0.0140  -0.0022 -0.0079 5    PRO A CB  
86   C CG  . PRO A 5  ? 0.0336 0.0348  0.0365 0.0125  0.0061  -0.0076 5    PRO A CG  
87   C CD  . PRO A 5  ? 0.0314 0.0274  0.0285 0.0079  0.0049  -0.0047 5    PRO A CD  
95   N N   . SER A 6  ? 0.0352 0.0244  0.0275 0.0050  0.0010  -0.0035 6    SER A N   
96   C CA  . SER A 6  ? 0.0298 0.0235  0.0292 0.0057  0.0058  0.0000  6    SER A CA  
97   C C   . SER A 6  ? 0.0272 0.0286  0.0318 0.0080  0.0071  0.0011  6    SER A C   
98   O O   . SER A 6  ? 0.0331 0.0283  0.0379 0.0083  0.0044  -0.0002 6    SER A O   
99   C CB  . SER A 6  ? 0.0263 0.0229  0.0345 0.0063  0.0036  -0.0021 6    SER A CB  
100  O OG  . SER A 6  ? 0.0372 0.0253  0.0366 0.0072  0.0102  -0.0039 6    SER A OG  
106  N N   A ILE A 7  ? 0.0282 0.0327  0.0296 0.0056  0.0058  0.0078  7    ILE A N   
107  N N   B ILE A 7  ? 0.0219 0.0376  0.0205 0.0053  0.0026  0.0049  7    ILE A N   
108  C CA  A ILE A 7  ? 0.0233 0.0353  0.0541 0.0076  -0.0012 0.0025  7    ILE A CA  
109  C CA  B ILE A 7  ? 0.0273 0.0386  0.0284 0.0102  -0.0025 -0.0052 7    ILE A CA  
110  C C   A ILE A 7  ? 0.0298 0.0322  0.0492 -0.0038 0.0019  0.0094  7    ILE A C   
111  C C   B ILE A 7  ? 0.0298 0.0237  0.0259 0.0070  -0.0070 -0.0018 7    ILE A C   
112  O O   A ILE A 7  ? 0.0396 0.0358  0.0577 0.0037  -0.0039 0.0141  7    ILE A O   
113  O O   B ILE A 7  ? 0.0421 0.0279  0.0321 0.0129  -0.0085 -0.0010 7    ILE A O   
114  C CB  A ILE A 7  ? 0.0204 0.0491  0.0795 -0.0036 0.0063  0.0034  7    ILE A CB  
115  C CB  B ILE A 7  ? 0.0284 0.0417  0.0662 -0.0013 -0.0027 0.0037  7    ILE A CB  
116  C CG1 A ILE A 7  ? 0.0334 0.0900  0.1001 -0.0152 0.0201  -0.0032 7    ILE A CG1 
117  C CG1 B ILE A 7  ? 0.0351 0.0480  0.0761 -0.0049 0.0101  0.0031  7    ILE A CG1 
118  C CG2 A ILE A 7  ? 0.0314 0.0547  0.1045 -0.0084 -0.0178 0.0135  7    ILE A CG2 
119  C CG2 B ILE A 7  ? 0.0369 0.0797  0.0878 -0.0090 -0.0144 0.0217  7    ILE A CG2 
120  C CD1 A ILE A 7  ? 0.0618 0.1193  0.1329 0.0257  0.0323  -0.0262 7    ILE A CD1 
121  C CD1 B ILE A 7  ? 0.0422 0.0629  0.1310 -0.0014 0.0323  0.0336  7    ILE A CD1 
144  N N   A VAL A 8  ? 0.0340 0.0258  0.0471 -0.0039 -0.0084 0.0055  8    VAL A N   
145  N N   B VAL A 8  ? 0.0295 0.0270  0.0246 0.0010  -0.0076 -0.0005 8    VAL A N   
146  C CA  A VAL A 8  ? 0.0480 0.0285  0.0363 0.0001  -0.0081 -0.0034 8    VAL A CA  
147  C CA  B VAL A 8  ? 0.0413 0.0238  0.0250 0.0064  -0.0088 -0.0096 8    VAL A CA  
148  C C   A VAL A 8  ? 0.0545 0.0222  0.0379 0.0046  0.0019  -0.0058 8    VAL A C   
149  C C   B VAL A 8  ? 0.0450 0.0257  0.0140 0.0070  -0.0060 -0.0043 8    VAL A C   
150  O O   A VAL A 8  ? 0.0338 0.0309  0.0356 0.0060  -0.0077 -0.0023 8    VAL A O   
151  O O   B VAL A 8  ? 0.0285 0.0290  0.0215 0.0010  -0.0047 -0.0019 8    VAL A O   
152  C CB  A VAL A 8  ? 0.0645 0.0334  0.0416 0.0082  -0.0118 -0.0064 8    VAL A CB  
153  C CB  B VAL A 8  ? 0.0571 0.0294  0.0462 0.0024  -0.0058 -0.0174 8    VAL A CB  
154  C CG1 A VAL A 8  ? 0.0907 0.0469  0.0491 0.0227  0.0019  -0.0147 8    VAL A CG1 
155  C CG1 B VAL A 8  ? 0.0855 0.0402  0.0542 0.0213  -0.0222 -0.0042 8    VAL A CG1 
156  C CG2 A VAL A 8  ? 0.1262 0.1262  0.1262 0.0000  0.0000  0.0000  8    VAL A CG2 
157  C CG2 B VAL A 8  ? 0.0848 0.0622  0.0391 -0.0072 -0.0056 -0.0170 8    VAL A CG2 
176  N N   . ALA A 9  ? 0.0519 0.0277  0.0225 0.0079  -0.0058 -0.0046 9    ALA A N   
177  C CA  . ALA A 9  ? 0.0366 0.0281  0.0266 0.0073  0.0020  0.0001  9    ALA A CA  
178  C C   . ALA A 9  ? 0.0300 0.0267  0.0242 0.0049  -0.0003 -0.0008 9    ALA A C   
179  O O   . ALA A 9  ? 0.0335 0.0306  0.0309 0.0028  0.0042  0.0042  9    ALA A O   
180  C CB  . ALA A 9  ? 0.0334 0.0377  0.0318 0.0058  -0.0023 0.0025  9    ALA A CB  
186  N N   . ARG A 10 ? 0.0337 0.0252  0.0200 0.0043  -0.0004 -0.0002 10   ARG A N   
187  C CA  . ARG A 10 ? 0.0318 0.0258  0.0192 0.0025  -0.0008 -0.0011 10   ARG A CA  
188  C C   . ARG A 10 ? 0.0300 0.0256  0.0210 0.0037  -0.0001 -0.0018 10   ARG A C   
189  O O   . ARG A 10 ? 0.0329 0.0257  0.0258 0.0039  0.0024  0.0008  10   ARG A O   
190  C CB  . ARG A 10 ? 0.0332 0.0300  0.0212 0.0044  0.0010  -0.0008 10   ARG A CB  
191  C CG  . ARG A 10 ? 0.0340 0.0349  0.0264 0.0040  0.0011  -0.0029 10   ARG A CG  
192  C CD  . ARG A 10 ? 0.0417 0.0327  0.0354 0.0096  -0.0032 -0.0072 10   ARG A CD  
193  N NE  . ARG A 10 ? 0.0459 0.0384  0.0368 0.0120  -0.0037 -0.0113 10   ARG A NE  
194  C CZ  . ARG A 10 ? 0.0692 0.0414  0.0557 0.0229  -0.0263 -0.0171 10   ARG A CZ  
195  N NH1 . ARG A 10 ? 0.0925 0.0395  0.1013 0.0170  -0.0509 -0.0133 10   ARG A NH1 
196  N NH2 . ARG A 10 ? 0.0950 0.0490  0.0683 0.0242  -0.0445 -0.0235 10   ARG A NH2 
210  N N   . SER A 11 ? 0.0370 0.0268  0.0211 0.0020  -0.0031 -0.0010 11   SER A N   
211  C CA  . SER A 11 ? 0.0310 0.0306  0.0204 -0.0043 -0.0021 -0.0013 11   SER A CA  
212  C C   . SER A 11 ? 0.0332 0.0270  0.0204 0.0002  -0.0013 0.0005  11   SER A C   
213  O O   . SER A 11 ? 0.0340 0.0355  0.0213 0.0002  -0.0019 0.0025  11   SER A O   
214  C CB  . SER A 11 ? 0.0405 0.0342  0.0235 -0.0082 0.0006  -0.0021 11   SER A CB  
215  O OG  . SER A 11 ? 0.0601 0.0528  0.0366 -0.0251 0.0170  -0.0009 11   SER A OG  
221  N N   A ASN A 12 ? 0.0366 0.0279  0.0231 -0.0037 0.0007  0.0001  12   ASN A N   
222  N N   B ASN A 12 ? 0.0318 0.0158  0.0198 0.0068  -0.0086 -0.0054 12   ASN A N   
223  C CA  A ASN A 12 ? 0.0293 0.0215  0.0259 0.0018  -0.0035 -0.0025 12   ASN A CA  
224  C CA  B ASN A 12 ? 0.0246 0.0224  0.0254 0.0000  -0.0022 -0.0002 12   ASN A CA  
225  C C   A ASN A 12 ? 0.0189 0.0229  0.0358 0.0018  0.0032  0.0045  12   ASN A C   
226  C C   B ASN A 12 ? 0.0135 0.0197  0.0270 -0.0008 0.0033  -0.0004 12   ASN A C   
227  O O   A ASN A 12 ? 0.0301 0.0313  0.0358 0.0007  0.0002  0.0054  12   ASN A O   
228  O O   B ASN A 12 ? 0.0182 0.0202  0.0299 0.0003  0.0020  0.0051  12   ASN A O   
229  C CB  A ASN A 12 ? 0.0301 0.0293  0.0431 0.0098  0.0029  0.0030  12   ASN A CB  
230  C CB  B ASN A 12 ? 0.0278 0.0197  0.0289 0.0042  -0.0074 -0.0044 12   ASN A CB  
231  C CG  A ASN A 12 ? 0.0499 0.0301  0.0530 0.0119  0.0106  0.0001  12   ASN A CG  
232  C CG  B ASN A 12 ? 0.0414 0.0226  0.0348 0.0062  -0.0031 -0.0032 12   ASN A CG  
233  O OD1 A ASN A 12 ? 0.0615 0.0346  0.0645 0.0107  -0.0091 -0.0075 12   ASN A OD1 
234  O OD1 B ASN A 12 ? 0.0673 0.0383  0.0659 0.0130  -0.0310 -0.0295 12   ASN A OD1 
235  N ND2 A ASN A 12 ? 0.0559 0.0422  0.0866 0.0229  -0.0024 0.0015  12   ASN A ND2 
236  N ND2 B ASN A 12 ? 0.0444 0.0274  0.0519 0.0163  -0.0037 -0.0037 12   ASN A ND2 
249  N N   A PHE A 13 ? 0.0198 0.0210  0.0331 0.0010  0.0011  0.0034  13   PHE A N   
250  N N   B PHE A 13 ? 0.0169 0.0245  0.0259 -0.0019 -0.0011 0.0006  13   PHE A N   
251  C CA  A PHE A 13 ? 0.0223 0.0276  0.0337 -0.0002 0.0030  0.0062  13   PHE A CA  
252  C CA  B PHE A 13 ? 0.0161 0.0162  0.0203 -0.0027 0.0027  0.0005  13   PHE A CA  
253  C C   A PHE A 13 ? 0.0393 0.0216  0.0247 0.0117  -0.0143 -0.0093 13   PHE A C   
254  C C   B PHE A 13 ? 0.0257 0.0256  0.0190 -0.0060 0.0092  0.0079  13   PHE A C   
255  O O   A PHE A 13 ? 0.0197 0.0197  0.0222 -0.0009 0.0020  0.0030  13   PHE A O   
256  O O   B PHE A 13 ? 0.0173 0.0295  0.0372 -0.0033 0.0013  0.0025  13   PHE A O   
257  C CB  A PHE A 13 ? 0.0252 0.0337  0.0290 -0.0006 -0.0003 0.0042  13   PHE A CB  
258  C CB  B PHE A 13 ? 0.0148 0.0256  0.0223 -0.0006 0.0003  -0.0001 13   PHE A CB  
259  C CG  A PHE A 13 ? 0.0321 0.0281  0.0271 0.0006  -0.0006 0.0017  13   PHE A CG  
260  C CG  B PHE A 13 ? 0.0361 0.0380  0.0182 -0.0108 -0.0064 0.0004  13   PHE A CG  
261  C CD1 A PHE A 13 ? 0.0399 0.0473  0.0400 0.0108  -0.0055 -0.0069 13   PHE A CD1 
262  C CD1 B PHE A 13 ? 0.0546 0.0406  0.0301 0.0112  0.0012  -0.0044 13   PHE A CD1 
263  C CD2 A PHE A 13 ? 0.0322 0.0391  0.0263 -0.0087 0.0026  -0.0001 13   PHE A CD2 
264  C CD2 B PHE A 13 ? 0.0530 0.0529  0.0330 -0.0075 -0.0019 -0.0041 13   PHE A CD2 
265  C CE1 A PHE A 13 ? 0.0906 0.0430  0.0358 0.0203  -0.0045 -0.0039 13   PHE A CE1 
266  C CE1 B PHE A 13 ? 0.1302 0.0419  0.0326 0.0204  0.0021  -0.0048 13   PHE A CE1 
267  C CE2 A PHE A 13 ? 0.0640 0.0520  0.0347 -0.0270 0.0131  -0.0085 13   PHE A CE2 
268  C CE2 B PHE A 13 ? 0.1006 0.0385  0.0510 -0.0223 0.0056  -0.0061 13   PHE A CE2 
269  C CZ  A PHE A 13 ? 0.1044 0.0396  0.0355 -0.0132 0.0028  -0.0002 13   PHE A CZ  
270  C CZ  B PHE A 13 ? 0.2649 0.0255  0.0312 -0.0192 -0.0038 -0.0096 13   PHE A CZ  
289  N N   . ASN A 14 ? 0.0302 0.0252  0.0231 0.0049  -0.0004 0.0004  14   ASN A N   
290  C CA  . ASN A 14 ? 0.0299 0.0258  0.0201 0.0050  0.0023  -0.0012 14   ASN A CA  
291  C C   . ASN A 14 ? 0.0292 0.0249  0.0208 0.0052  0.0021  -0.0010 14   ASN A C   
292  O O   . ASN A 14 ? 0.0459 0.0287  0.0250 0.0127  -0.0007 -0.0032 14   ASN A O   
293  C CB  . ASN A 14 ? 0.0339 0.0368  0.0212 0.0013  0.0036  0.0000  14   ASN A CB  
294  C CG  . ASN A 14 ? 0.0389 0.0497  0.0204 0.0022  0.0054  0.0014  14   ASN A CG  
295  O OD1 . ASN A 14 ? 0.0636 0.0526  0.0244 -0.0020 0.0052  -0.0056 14   ASN A OD1 
296  N ND2 . ASN A 14 ? 0.0490 0.0626  0.0262 -0.0057 0.0088  0.0094  14   ASN A ND2 
303  N N   . VAL A 15 ? 0.0299 0.0222  0.0196 0.0038  0.0014  -0.0023 15   VAL A N   
304  C CA  . VAL A 15 ? 0.0279 0.0232  0.0195 0.0006  0.0015  -0.0026 15   VAL A CA  
305  C C   . VAL A 15 ? 0.0301 0.0237  0.0176 -0.0014 0.0011  -0.0010 15   VAL A C   
306  O O   . VAL A 15 ? 0.0372 0.0268  0.0210 0.0009  -0.0002 0.0000  15   VAL A O   
307  C CB  . VAL A 15 ? 0.0349 0.0226  0.0254 -0.0005 0.0055  -0.0046 15   VAL A CB  
308  C CG1 . VAL A 15 ? 0.0545 0.0310  0.0266 -0.0045 0.0106  -0.0063 15   VAL A CG1 
309  C CG2 . VAL A 15 ? 0.0465 0.0312  0.0291 -0.0126 0.0061  -0.0036 15   VAL A CG2 
319  N N   . CYS A 16 ? 0.0307 0.0237  0.0222 0.0027  0.0002  -0.0006 16   CYS A N   
320  C CA  . CYS A 16 ? 0.0275 0.0241  0.0234 0.0005  0.0043  -0.0015 16   CYS A CA  
321  C C   . CYS A 16 ? 0.0257 0.0261  0.0202 -0.0010 0.0038  0.0000  16   CYS A C   
322  O O   . CYS A 16 ? 0.0326 0.0319  0.0253 -0.0044 0.0093  0.0024  16   CYS A O   
323  C CB  . CYS A 16 ? 0.0271 0.0304  0.0339 -0.0018 -0.0014 -0.0020 16   CYS A CB  
324  S SG  . CYS A 16 ? 0.0294 0.0442  0.0301 -0.0053 0.0016  0.0003  16   CYS A SG  
329  N N   . ARG A 17 ? 0.0278 0.0240  0.0194 0.0013  0.0040  0.0005  17   ARG A N   
330  C CA  . ARG A 17 ? 0.0305 0.0240  0.0201 0.0005  0.0012  -0.0018 17   ARG A CA  
331  C C   . ARG A 17 ? 0.0340 0.0247  0.0214 0.0050  -0.0002 -0.0035 17   ARG A C   
332  O O   . ARG A 17 ? 0.0515 0.0248  0.0274 0.0115  -0.0084 -0.0070 17   ARG A O   
333  C CB  . ARG A 17 ? 0.0333 0.0279  0.0218 -0.0008 0.0042  -0.0035 17   ARG A CB  
334  C CG  . ARG A 17 ? 0.0400 0.0252  0.0225 0.0011  0.0006  -0.0034 17   ARG A CG  
335  C CD  . ARG A 17 ? 0.0355 0.0271  0.0294 0.0044  0.0015  -0.0089 17   ARG A CD  
336  N NE  . ARG A 17 ? 0.0396 0.0250  0.0323 0.0072  0.0087  -0.0044 17   ARG A NE  
337  C CZ  . ARG A 17 ? 0.0331 0.0271  0.0310 0.0089  0.0033  -0.0071 17   ARG A CZ  
338  N NH1 . ARG A 17 ? 0.0428 0.0284  0.0407 0.0058  0.0099  -0.0052 17   ARG A NH1 
339  N NH2 . ARG A 17 ? 0.0411 0.0319  0.0420 0.0110  0.0077  -0.0077 17   ARG A NH2 
353  N N   . LEU A 18 ? 0.0315 0.0236  0.0259 0.0035  -0.0001 -0.0025 18   LEU A N   
354  C CA  . LEU A 18 ? 0.0284 0.0252  0.0260 0.0016  0.0017  -0.0017 18   LEU A CA  
355  C C   . LEU A 18 ? 0.0269 0.0241  0.0239 0.0049  0.0006  -0.0015 18   LEU A C   
356  O O   . LEU A 18 ? 0.0305 0.0268  0.0288 0.0068  0.0012  -0.0016 18   LEU A O   
357  C CB  . LEU A 18 ? 0.0365 0.0296  0.0295 -0.0059 -0.0003 -0.0040 18   LEU A CB  
358  C CG  . LEU A 18 ? 0.0381 0.0312  0.0333 -0.0044 -0.0027 -0.0001 18   LEU A CG  
359  C CD1 . LEU A 18 ? 0.0755 0.0394  0.0435 -0.0222 -0.0056 -0.0054 18   LEU A CD1 
360  C CD2 . LEU A 18 ? 0.0352 0.0466  0.0675 -0.0078 0.0123  0.0067  18   LEU A CD2 
372  N N   A PRO A 19 ? 0.0252 0.0227  0.0214 0.0022  -0.0031 -0.0040 19   PRO A N   
373  N N   B PRO A 19 ? 0.0313 0.0206  0.0225 0.0004  0.0088  0.0012  19   PRO A N   
374  C CA  A PRO A 19 ? 0.0285 0.0313  0.0218 0.0016  -0.0011 -0.0024 19   PRO A CA  
375  C CA  B PRO A 19 ? 0.0121 0.0158  0.0389 -0.0002 0.0073  0.0081  19   PRO A CA  
376  C C   A PRO A 19 ? 0.0295 0.0269  0.0307 -0.0019 0.0045  -0.0026 19   PRO A C   
377  C C   B PRO A 19 ? 0.0131 0.0250  0.0569 0.0063  0.0050  -0.0066 19   PRO A C   
378  O O   A PRO A 19 ? 0.0674 0.0291  0.0403 -0.0095 0.0088  0.0011  19   PRO A O   
379  O O   B PRO A 19 ? 0.0640 0.0378  0.0742 -0.0086 0.0413  -0.0126 19   PRO A O   
380  C CB  A PRO A 19 ? 0.0283 0.0360  0.0237 0.0029  0.0023  -0.0017 19   PRO A CB  
381  C CB  B PRO A 19 ? 0.0139 0.0320  0.0193 -0.0013 -0.0092 -0.0071 19   PRO A CB  
382  C CG  A PRO A 19 ? 0.0295 0.0335  0.0286 0.0054  0.0048  -0.0038 19   PRO A CG  
383  C CG  B PRO A 19 ? 0.1038 0.0380  0.0584 0.0311  0.0578  0.0118  19   PRO A CG  
384  C CD  A PRO A 19 ? 0.0296 0.0290  0.0362 0.0065  0.0003  -0.0001 19   PRO A CD  
385  C CD  B PRO A 19 ? 0.0190 0.0139  0.0143 0.0013  -0.0008 -0.0053 19   PRO A CD  
400  N N   . GLY A 20 ? 0.0293 0.0271  0.0323 0.0028  0.0001  -0.0082 20   GLY A N   
401  C CA  . GLY A 20 ? 0.0275 0.0321  0.0479 0.0089  -0.0056 -0.0167 20   GLY A CA  
402  C C   . GLY A 20 ? 0.0274 0.0260  0.0344 0.0061  -0.0014 -0.0091 20   GLY A C   
403  O O   . GLY A 20 ? 0.0395 0.0365  0.0574 0.0083  -0.0081 -0.0197 20   GLY A O   
407  N N   . THR A 21 ? 0.0269 0.0278  0.0263 0.0037  -0.0021 -0.0062 21   THR A N   
408  C CA  . THR A 21 ? 0.0252 0.0276  0.0193 0.0011  0.0009  -0.0031 21   THR A CA  
409  C C   . THR A 21 ? 0.0291 0.0267  0.0184 0.0018  0.0029  -0.0018 21   THR A C   
410  O O   . THR A 21 ? 0.0447 0.0361  0.0216 -0.0035 0.0081  -0.0023 21   THR A O   
411  C CB  . THR A 21 ? 0.0250 0.0283  0.0204 -0.0008 0.0047  -0.0016 21   THR A CB  
412  O OG1 . THR A 21 ? 0.0360 0.0308  0.0204 -0.0038 0.0044  -0.0035 21   THR A OG1 
413  C CG2 . THR A 21 ? 0.0265 0.0331  0.0360 0.0061  0.0044  -0.0045 21   THR A CG2 
421  N N   A PRO A 22 ? 0.0249 0.0251  0.0220 0.0018  -0.0006 0.0007  22   PRO A N   
422  C CA  A PRO A 22 ? 0.0286 0.0242  0.0210 -0.0023 -0.0035 -0.0017 22   PRO A CA  
423  C C   A PRO A 22 ? 0.0267 0.0224  0.0200 0.0036  -0.0021 -0.0047 22   PRO A C   
424  O O   A PRO A 22 ? 0.0343 0.0278  0.0239 0.0048  -0.0017 -0.0048 22   PRO A O   
425  C CB  A PRO A 22 ? 0.0376 0.0425  0.0338 -0.0165 -0.0083 0.0008  22   PRO A CB  
426  C CG  A PRO A 22 ? 0.0487 0.0402  0.0445 -0.0121 0.0002  -0.0009 22   PRO A CG  
427  C CD  A PRO A 22 ? 0.0420 0.0413  0.0340 -0.0144 0.0037  -0.0006 22   PRO A CD  
435  N N   B SER A 22 ? 0.0416 0.0237  0.0209 0.0006  -0.0115 -0.0013 22   SER A N   
436  C CA  B SER A 22 ? 0.0310 0.0272  0.0242 -0.0043 -0.0042 -0.0042 22   SER A CA  
437  C C   B SER A 22 ? 0.0287 0.0216  0.0398 -0.0021 -0.0098 -0.0029 22   SER A C   
438  O O   B SER A 22 ? 0.0474 0.0225  0.0398 0.0105  -0.0080 -0.0084 22   SER A O   
439  C CB  B SER A 22 ? 0.0474 0.0305  0.0301 0.0033  -0.0020 -0.0045 22   SER A CB  
440  O OG  B SER A 22 ? 0.0475 0.0494  0.0784 -0.0004 -0.0102 -0.0086 22   SER A OG  
446  N N   . GLU A 23 ? 0.0357 0.0272  0.0256 0.0097  -0.0042 -0.0065 23   GLU A N   
447  C CA  . GLU A 23 ? 0.0295 0.0271  0.0273 0.0055  -0.0012 -0.0050 23   GLU A CA  
448  C C   . GLU A 23 ? 0.0281 0.0260  0.0248 0.0065  0.0003  -0.0034 23   GLU A C   
449  O O   . GLU A 23 ? 0.0327 0.0252  0.0357 0.0063  0.0050  0.0005  23   GLU A O   
450  C CB  . GLU A 23 ? 0.0325 0.0352  0.0303 0.0083  0.0017  -0.0043 23   GLU A CB  
451  C CG  . GLU A 23 ? 0.0324 0.0457  0.0430 0.0086  0.0043  -0.0031 23   GLU A CG  
452  C CD  . GLU A 23 ? 0.0475 0.0635  0.0565 0.0183  0.0176  0.0053  23   GLU A CD  
453  O OE1 . GLU A 23 ? 0.0742 0.0826  0.0511 0.0132  0.0213  -0.0117 23   GLU A OE1 
454  O OE2 . GLU A 23 ? 0.0551 0.1223  0.0790 0.0141  0.0350  0.0186  23   GLU A OE2 
462  N N   . ALA A 24 ? 0.0296 0.0244  0.0266 0.0056  -0.0011 -0.0039 24   ALA A N   
463  C CA  . ALA A 24 ? 0.0303 0.0277  0.0222 0.0045  -0.0015 -0.0036 24   ALA A CA  
464  C C   . ALA A 24 ? 0.0246 0.0262  0.0235 0.0007  0.0021  -0.0029 24   ALA A C   
465  O O   . ALA A 24 ? 0.0321 0.0306  0.0258 0.0073  0.0012  -0.0028 24   ALA A O   
466  C CB  . ALA A 24 ? 0.0370 0.0298  0.0402 -0.0018 -0.0024 -0.0082 24   ALA A CB  
472  N N   A LEU A 25 ? 0.0243 0.0215  0.0251 -0.0030 0.0046  -0.0007 25   LEU A N   
473  C CA  A LEU A 25 ? 0.0212 0.0237  0.0261 0.0015  -0.0046 -0.0057 25   LEU A CA  
474  C C   A LEU A 25 ? 0.0235 0.0227  0.0247 0.0028  -0.0030 -0.0031 25   LEU A C   
475  O O   A LEU A 25 ? 0.0278 0.0208  0.0260 0.0062  -0.0032 -0.0016 25   LEU A O   
476  C CB  A LEU A 25 ? 0.0228 0.0294  0.0245 0.0015  0.0010  0.0018  25   LEU A CB  
477  C CG  A LEU A 25 ? 0.0358 0.0327  0.0291 -0.0008 0.0045  -0.0036 25   LEU A CG  
478  C CD1 A LEU A 25 ? 0.0472 0.0524  0.0547 0.0042  0.0163  0.0238  25   LEU A CD1 
479  C CD2 A LEU A 25 ? 0.0267 0.0596  0.0208 -0.0091 0.0050  0.0030  25   LEU A CD2 
491  N N   B ILE A 25 ? 0.0208 0.0179  0.0186 -0.0051 -0.0009 -0.0007 25   ILE A N   
492  C CA  B ILE A 25 ? 0.0157 0.0241  0.0145 -0.0030 0.0001  0.0003  25   ILE A CA  
493  C C   B ILE A 25 ? 0.0218 0.0230  0.0134 -0.0047 -0.0009 -0.0006 25   ILE A C   
494  O O   B ILE A 25 ? 0.0278 0.0303  0.0254 0.0026  -0.0030 -0.0039 25   ILE A O   
495  C CB  B ILE A 25 ? 0.0184 0.0305  0.0226 0.0022  0.0026  0.0022  25   ILE A CB  
496  C CG1 B ILE A 25 ? 0.0614 0.0534  0.0234 -0.0416 0.0031  0.0092  25   ILE A CG1 
497  C CG2 B ILE A 25 ? 0.0316 0.0433  0.0232 0.0029  -0.0015 -0.0045 25   ILE A CG2 
498  C CD1 B ILE A 25 ? 0.1250 0.0894  0.0503 -0.0044 -0.0168 0.0038  25   ILE A CD1 
510  N N   . CYS A 26 ? 0.0264 0.0228  0.0260 0.0021  0.0032  0.0000  26   CYS A N   
511  C CA  . CYS A 26 ? 0.0291 0.0230  0.0241 0.0018  0.0026  0.0013  26   CYS A CA  
512  C C   . CYS A 26 ? 0.0315 0.0224  0.0245 0.0038  0.0012  -0.0004 26   CYS A C   
513  O O   . CYS A 26 ? 0.0428 0.0235  0.0298 0.0043  -0.0015 -0.0008 26   CYS A O   
514  C CB  . CYS A 26 ? 0.0282 0.0274  0.0320 0.0018  0.0024  0.0017  26   CYS A CB  
515  S SG  . CYS A 26 ? 0.0311 0.0301  0.0371 -0.0002 -0.0027 0.0046  26   CYS A SG  
520  N N   . ALA A 27 ? 0.0300 0.0225  0.0256 0.0033  0.0034  0.0000  27   ALA A N   
521  C CA  . ALA A 27 ? 0.0278 0.0247  0.0224 0.0017  0.0044  0.0008  27   ALA A CA  
522  C C   . ALA A 27 ? 0.0293 0.0255  0.0218 0.0035  0.0039  0.0001  27   ALA A C   
523  O O   . ALA A 27 ? 0.0394 0.0253  0.0338 0.0063  0.0121  0.0028  27   ALA A O   
524  C CB  . ALA A 27 ? 0.0417 0.0277  0.0254 0.0056  0.0011  -0.0046 27   ALA A CB  
530  N N   . THR A 28 ? 0.0292 0.0263  0.0272 0.0032  0.0067  0.0009  28   THR A N   
531  C CA  . THR A 28 ? 0.0280 0.0301  0.0313 0.0050  0.0058  -0.0020 28   THR A CA  
532  C C   . THR A 28 ? 0.0301 0.0266  0.0394 0.0076  0.0050  -0.0031 28   THR A C   
533  O O   . THR A 28 ? 0.0428 0.0322  0.0723 0.0153  -0.0046 -0.0119 28   THR A O   
534  C CB  . THR A 28 ? 0.0313 0.0338  0.0281 0.0021  0.0068  -0.0030 28   THR A CB  
535  O OG1 . THR A 28 ? 0.0314 0.0365  0.0278 -0.0027 0.0063  0.0004  28   THR A OG1 
536  C CG2 . THR A 28 ? 0.0423 0.0488  0.0296 -0.0034 -0.0010 -0.0067 28   THR A CG2 
544  N N   A TYR A 29 ? 0.0358 0.0114  0.0386 0.0081  0.0063  -0.0062 29   TYR A N   
545  N N   B TYR A 29 ? 0.0297 0.0101  0.0280 0.0046  0.0051  -0.0015 29   TYR A N   
546  N N   C TYR A 29 ? 0.0283 0.0502  0.0166 -0.0194 0.0075  0.0128  29   TYR A N   
547  C CA  A TYR A 29 ? 0.0157 0.0233  0.0143 0.0022  -0.0011 0.0005  29   TYR A CA  
548  C CA  B TYR A 29 ? 0.0132 0.0164  0.0126 0.0057  -0.0010 -0.0012 29   TYR A CA  
550  C C   A TYR A 29 ? 0.1100 0.0602  0.0456 -0.0288 0.0421  0.0013  29   TYR A C   
551  C C   B TYR A 29 ? 0.0091 -0.0002 0.0117 0.0063  0.0072  -0.0020 29   TYR A C   
553  O O   A TYR A 29 ? 0.0541 0.0258  0.0365 -0.0009 0.0207  -0.0034 29   TYR A O   
554  O O   B TYR A 29 ? 0.0279 0.0118  0.0284 0.0074  0.0104  -0.0042 29   TYR A O   
555  O O   C TYR A 29 ? 0.1174 0.0443  0.0635 -0.0002 0.0199  -0.0106 29   TYR A O   
556  C CB  A TYR A 29 ? 0.0245 0.0263  0.0372 0.0026  0.0014  -0.0035 29   TYR A CB  
557  C CB  B TYR A 29 ? 0.0289 0.0262  0.0179 -0.0010 -0.0023 0.0016  29   TYR A CB  
558  C CB  C TYR A 29 ? 0.0580 0.0297  0.0408 0.0015  -0.0041 0.0076  29   TYR A CB  
559  C CG  A TYR A 29 ? 0.0351 0.0391  0.0343 0.0010  0.0071  -0.0089 29   TYR A CG  
560  C CG  B TYR A 29 ? 0.0353 0.0220  0.0224 -0.0030 -0.0051 -0.0006 29   TYR A CG  
561  C CG  C TYR A 29 ? 0.2508 0.3328  0.0556 0.1571  -0.1023 -0.0588 29   TYR A CG  
562  C CD1 A TYR A 29 ? 0.0343 0.0314  0.0344 -0.0020 0.0035  -0.0102 29   TYR A CD1 
563  C CD1 B TYR A 29 ? 0.0352 0.0323  0.0229 -0.0012 -0.0039 -0.0069 29   TYR A CD1 
564  C CD1 C TYR A 29 ? 0.0590 0.1757  0.1702 0.0176  0.0111  -0.0347 29   TYR A CD1 
565  C CD2 A TYR A 29 ? 0.0326 0.1449  0.1144 0.0137  -0.0131 -0.0797 29   TYR A CD2 
566  C CD2 B TYR A 29 ? 0.0386 0.0298  0.0261 0.0048  -0.0003 -0.0099 29   TYR A CD2 
567  C CD2 C TYR A 29 ? 0.0726 0.0722  0.0848 0.0246  -0.0293 -0.0284 29   TYR A CD2 
568  C CE1 A TYR A 29 ? 0.0446 0.0466  0.0349 -0.0067 -0.0003 -0.0188 29   TYR A CE1 
569  C CE1 B TYR A 29 ? 0.0348 0.0435  0.0257 0.0080  0.0018  -0.0107 29   TYR A CE1 
570  C CE1 C TYR A 29 ? 0.1481 0.2678  0.1234 0.1098  0.0789  0.0970  29   TYR A CE1 
571  C CE2 A TYR A 29 ? 0.0589 0.3365  0.0723 0.0367  0.0083  0.0021  29   TYR A CE2 
572  C CE2 B TYR A 29 ? 0.0319 0.0274  0.0251 0.0035  0.0038  -0.0080 29   TYR A CE2 
573  C CE2 C TYR A 29 ? 0.0676 0.1916  0.0772 0.0547  -0.0149 -0.0699 29   TYR A CE2 
574  C CZ  A TYR A 29 ? 0.0576 0.0646  0.1448 -0.0192 -0.0287 -0.0046 29   TYR A CZ  
575  C CZ  B TYR A 29 ? 0.0318 0.0289  0.0218 0.0062  0.0030  -0.0087 29   TYR A CZ  
576  C CZ  C TYR A 29 ? 0.0688 0.0401  0.0380 -0.0040 0.0087  0.0004  29   TYR A CZ  
577  O OH  A TYR A 29 ? 0.2162 0.2162  0.2162 0.0000  0.0000  0.0000  29   TYR A OH  
578  O OH  B TYR A 29 ? 0.0321 0.0335  0.0332 0.0022  -0.0043 -0.0141 29   TYR A OH  
579  O OH  C TYR A 29 ? 0.0460 0.1592  0.0794 0.0125  -0.0102 -0.0753 29   TYR A OH  
607  N N   . THR A 30 ? 0.0303 0.0260  0.0307 -0.0008 0.0132  -0.0048 30   THR A N   
608  C CA  . THR A 30 ? 0.0365 0.0268  0.0436 -0.0042 0.0192  -0.0071 30   THR A CA  
609  C C   . THR A 30 ? 0.0538 0.0244  0.0473 0.0029  0.0265  0.0001  30   THR A C   
610  O O   . THR A 30 ? 0.0925 0.0300  0.0668 -0.0064 0.0409  0.0083  30   THR A O   
611  C CB  . THR A 30 ? 0.0389 0.0341  0.0689 -0.0093 0.0267  -0.0087 30   THR A CB  
612  O OG1 . THR A 30 ? 0.0441 0.0305  0.0453 0.0013  0.0228  0.0021  30   THR A OG1 
613  C CG2 . THR A 30 ? 0.0381 0.0737  0.1094 -0.0010 -0.0058 -0.0458 30   THR A CG2 
621  N N   . GLY A 31 ? 0.0581 0.0277  0.0366 0.0085  0.0233  0.0032  31   GLY A N   
622  C CA  . GLY A 31 ? 0.0576 0.0370  0.0384 0.0232  0.0190  0.0076  31   GLY A CA  
623  C C   . GLY A 31 ? 0.0410 0.0285  0.0302 0.0093  0.0103  0.0018  31   GLY A C   
624  O O   . GLY A 31 ? 0.0407 0.0458  0.0299 0.0105  0.0053  0.0035  31   GLY A O   
628  N N   . CYS A 32 ? 0.0423 0.0286  0.0241 0.0087  0.0055  -0.0032 32   CYS A N   
629  C CA  . CYS A 32 ? 0.0351 0.0278  0.0228 0.0062  0.0015  -0.0041 32   CYS A CA  
630  C C   . CYS A 32 ? 0.0345 0.0289  0.0294 0.0042  0.0039  -0.0058 32   CYS A C   
631  O O   . CYS A 32 ? 0.0474 0.0350  0.0381 0.0003  0.0160  -0.0004 32   CYS A O   
632  C CB  . CYS A 32 ? 0.0348 0.0281  0.0285 0.0056  -0.0006 -0.0030 32   CYS A CB  
633  S SG  . CYS A 32 ? 0.0404 0.0330  0.0241 -0.0008 -0.0026 -0.0050 32   CYS A SG  
638  N N   . ILE A 33 ? 0.0301 0.0360  0.0405 0.0040  0.0030  -0.0171 33   ILE A N   
639  C CA  . ILE A 33 ? 0.0306 0.0310  0.0386 0.0053  0.0009  -0.0105 33   ILE A CA  
640  C C   . ILE A 33 ? 0.0355 0.0349  0.0338 0.0094  0.0020  -0.0106 33   ILE A C   
641  O O   . ILE A 33 ? 0.0380 0.0419  0.0507 0.0110  0.0040  -0.0114 33   ILE A O   
642  C CB  . ILE A 33 ? 0.0392 0.0390  0.0434 -0.0010 -0.0100 -0.0048 33   ILE A CB  
643  C CG1 . ILE A 33 ? 0.0473 0.0443  0.0429 -0.0014 -0.0051 -0.0039 33   ILE A CG1 
644  C CG2 . ILE A 33 ? 0.0337 0.0478  0.0704 0.0102  -0.0095 0.0011  33   ILE A CG2 
645  C CD1 . ILE A 33 ? 0.0776 0.0617  0.0462 -0.0133 -0.0230 0.0092  33   ILE A CD1 
657  N N   A ILE A 34 ? 0.0405 0.0354  0.0377 0.0118  0.0029  -0.0122 34   ILE A N   
658  N N   B ILE A 34 ? 0.0254 0.0324  0.0290 0.0006  0.0015  0.0010  34   ILE A N   
659  C CA  A ILE A 34 ? 0.0450 0.0365  0.0360 0.0133  0.0040  -0.0136 34   ILE A CA  
660  C CA  B ILE A 34 ? 0.0257 0.0380  0.0239 -0.0037 0.0045  0.0084  34   ILE A CA  
661  C C   A ILE A 34 ? 0.0385 0.0335  0.0352 0.0004  0.0112  -0.0060 34   ILE A C   
662  C C   B ILE A 34 ? 0.0475 0.0271  0.0211 0.0025  -0.0025 -0.0015 34   ILE A C   
663  O O   A ILE A 34 ? 0.0442 0.0556  0.0489 -0.0001 0.0078  -0.0055 34   ILE A O   
664  O O   B ILE A 34 ? 0.0357 0.0306  0.0228 0.0058  -0.0005 -0.0015 34   ILE A O   
665  C CB  A ILE A 34 ? 0.0484 0.0484  0.0280 0.0032  0.0070  -0.0029 34   ILE A CB  
666  C CB  B ILE A 34 ? 0.0376 0.0258  0.0793 0.0111  0.0148  0.0076  34   ILE A CB  
667  C CG1 A ILE A 34 ? 0.0478 0.0860  0.0297 0.0038  -0.0004 -0.0057 34   ILE A CG1 
668  C CG1 B ILE A 34 ? 0.0426 0.0553  0.0963 -0.0007 0.0086  0.0332  34   ILE A CG1 
669  C CG2 A ILE A 34 ? 0.1236 0.0685  0.0452 0.0270  0.0268  -0.0007 34   ILE A CG2 
670  C CG2 B ILE A 34 ? 0.1413 0.0642  0.1999 0.0839  0.1042  0.0832  34   ILE A CG2 
671  C CD1 A ILE A 34 ? 0.0622 0.1108  0.0338 0.0348  0.0049  0.0149  34   ILE A CD1 
672  C CD1 B ILE A 34 ? 0.1020 0.0502  0.0723 0.0051  -0.0204 0.0077  34   ILE A CD1 
695  N N   . ILE A 35 ? 0.0471 0.0445  0.0396 -0.0004 0.0150  -0.0164 35   ILE A N   
696  C CA  . ILE A 35 ? 0.0562 0.0430  0.0384 -0.0003 0.0116  -0.0137 35   ILE A CA  
697  C C   . ILE A 35 ? 0.0555 0.0389  0.0429 -0.0027 0.0163  -0.0154 35   ILE A C   
698  O O   . ILE A 35 ? 0.0682 0.0471  0.0566 0.0045  0.0106  -0.0213 35   ILE A O   
699  C CB  . ILE A 35 ? 0.1121 0.0390  0.0390 0.0022  0.0157  -0.0065 35   ILE A CB  
700  C CG1 . ILE A 35 ? 0.1220 0.0533  0.0504 -0.0236 0.0317  -0.0138 35   ILE A CG1 
701  C CG2 . ILE A 35 ? 0.1424 0.0530  0.0618 0.0302  0.0139  0.0020  35   ILE A CG2 
702  C CD1 . ILE A 35 ? 0.1810 0.0648  0.0505 -0.0414 0.0411  -0.0139 35   ILE A CD1 
714  N N   . PRO A 36 ? 0.0648 0.0441  0.0473 -0.0009 0.0162  -0.0173 36   PRO A N   
715  C CA  . PRO A 36 ? 0.0676 0.0429  0.0578 -0.0051 0.0218  -0.0185 36   PRO A CA  
716  C C   . PRO A 36 ? 0.0765 0.0570  0.0550 -0.0023 0.0185  -0.0291 36   PRO A C   
717  O O   . PRO A 36 ? 0.0916 0.0981  0.0785 0.0227  0.0094  -0.0404 36   PRO A O   
718  C CB  . PRO A 36 ? 0.1002 0.0591  0.0720 -0.0235 0.0076  -0.0234 36   PRO A CB  
719  C CG  . PRO A 36 ? 0.0942 0.0716  0.0538 -0.0205 0.0018  -0.0239 36   PRO A CG  
720  C CD  . PRO A 36 ? 0.0567 0.0745  0.0644 0.0008  0.0013  -0.0281 36   PRO A CD  
728  N N   A GLY A 37 ? 0.0771 0.0646  0.0480 -0.0207 0.0189  -0.0146 37   GLY A N   
729  N N   B GLY A 37 ? 0.0951 0.0820  0.0570 -0.0479 0.0499  -0.0481 37   GLY A N   
730  C CA  A GLY A 37 ? 0.0780 0.0829  0.0534 -0.0244 0.0233  -0.0279 37   GLY A CA  
731  C CA  B GLY A 37 ? 0.1491 0.0990  0.0364 -0.0737 0.0558  -0.0407 37   GLY A CA  
732  C C   A GLY A 37 ? 0.0766 0.0680  0.0451 -0.0049 0.0217  -0.0206 37   GLY A C   
733  C C   B GLY A 37 ? 0.0862 0.0590  0.0240 -0.0260 0.0237  -0.0101 37   GLY A C   
734  O O   A GLY A 37 ? 0.0738 0.0844  0.0477 -0.0084 0.0112  -0.0048 37   GLY A O   
735  O O   B GLY A 37 ? 0.0833 0.1281  0.0209 -0.0339 0.0217  -0.0259 37   GLY A O   
742  N N   A ALA A 38 ? 0.0725 0.0520  0.0393 -0.0092 0.0137  -0.0114 38   ALA A N   
743  N N   B ALA A 38 ? 0.0742 0.0534  0.0369 -0.0032 0.0205  -0.0074 38   ALA A N   
744  C CA  A ALA A 38 ? 0.0669 0.0743  0.0380 -0.0116 0.0058  -0.0111 38   ALA A CA  
745  C CA  B ALA A 38 ? 0.0714 0.0590  0.0335 0.0110  -0.0016 -0.0163 38   ALA A CA  
746  C C   A ALA A 38 ? 0.0910 0.0608  0.0498 -0.0246 0.0346  -0.0235 38   ALA A C   
747  C C   B ALA A 38 ? 0.0427 0.0762  0.0687 -0.0144 0.0100  -0.0303 38   ALA A C   
748  O O   A ALA A 38 ? 0.1078 0.0948  0.0814 -0.0369 -0.0004 -0.0295 38   ALA A O   
749  O O   B ALA A 38 ? 0.0668 0.0704  0.1206 -0.0172 0.0146  -0.0135 38   ALA A O   
750  C CB  A ALA A 38 ? 0.0744 0.0893  0.0908 -0.0062 0.0064  -0.0294 38   ALA A CB  
751  C CB  B ALA A 38 ? 0.0949 0.1056  0.0929 0.0629  0.0016  -0.0332 38   ALA A CB  
762  N N   A THR A 39 ? 0.0660 0.0547  0.0434 -0.0043 0.0191  -0.0194 39   THR A N   
763  N N   B THR A 39 ? 0.0484 0.0459  0.0307 -0.0037 0.0011  0.0014  39   THR A N   
764  C CA  A THR A 39 ? 0.0925 0.0456  0.0691 -0.0111 0.0406  -0.0238 39   THR A CA  
765  C CA  B THR A 39 ? 0.0622 0.0447  0.0478 0.0046  0.0277  -0.0173 39   THR A CA  
766  C C   A THR A 39 ? 0.1054 0.0452  0.0639 0.0038  0.0350  -0.0128 39   THR A C   
767  C C   B THR A 39 ? 0.0670 0.0321  0.0253 -0.0069 0.0170  -0.0113 39   THR A C   
768  O O   A THR A 39 ? 0.1281 0.0726  0.0840 -0.0070 0.0037  -0.0298 39   THR A O   
769  O O   B THR A 39 ? 0.0976 0.0553  0.0504 -0.0218 -0.0056 -0.0143 39   THR A O   
770  C CB  A THR A 39 ? 0.1687 0.0608  0.0565 -0.0251 0.0464  -0.0190 39   THR A CB  
771  C CB  B THR A 39 ? 0.1965 0.0286  0.0544 -0.0066 0.0732  -0.0120 39   THR A CB  
772  O OG1 A THR A 39 ? 0.1379 0.0520  0.0713 -0.0126 0.0569  -0.0221 39   THR A OG1 
773  O OG1 B THR A 39 ? 0.1506 0.0314  0.0682 -0.0202 0.0802  -0.0224 39   THR A OG1 
774  C CG2 A THR A 39 ? 0.2277 0.0750  0.1014 0.0293  0.0526  0.0082  39   THR A CG2 
775  C CG2 B THR A 39 ? 0.2561 0.0276  0.0682 -0.0102 0.0992  -0.0152 39   THR A CG2 
790  N N   . CYS A 40 ? 0.0828 0.0486  0.0576 -0.0008 0.0330  -0.0213 40   CYS A N   
791  C CA  . CYS A 40 ? 0.0707 0.0478  0.0422 -0.0019 0.0241  -0.0152 40   CYS A CA  
792  C C   . CYS A 40 ? 0.0640 0.0645  0.0367 0.0017  0.0150  -0.0089 40   CYS A C   
793  O O   . CYS A 40 ? 0.0703 0.0903  0.0516 0.0087  0.0268  0.0027  40   CYS A O   
794  C CB  . CYS A 40 ? 0.0706 0.0442  0.0457 0.0083  0.0121  -0.0146 40   CYS A CB  
795  S SG  . CYS A 40 ? 0.0694 0.0505  0.0535 0.0186  0.0108  -0.0132 40   CYS A SG  
800  N N   . PRO A 41 ? 0.0708 0.0797  0.0399 -0.0048 0.0189  -0.0146 41   PRO A N   
801  C CA  . PRO A 41 ? 0.0758 0.0915  0.0317 -0.0033 0.0038  -0.0139 41   PRO A CA  
802  C C   . PRO A 41 ? 0.0531 0.0991  0.0293 0.0177  0.0048  -0.0078 41   PRO A C   
803  O O   . PRO A 41 ? 0.0540 0.0733  0.0332 0.0147  0.0025  -0.0009 41   PRO A O   
804  C CB  . PRO A 41 ? 0.0898 0.1323  0.0536 -0.0205 -0.0038 -0.0133 41   PRO A CB  
805  C CG  . PRO A 41 ? 0.0529 0.1170  0.0903 -0.0092 0.0129  -0.0396 41   PRO A CG  
806  C CD  . PRO A 41 ? 0.0699 0.0832  0.0683 -0.0165 0.0264  -0.0225 41   PRO A CD  
814  N N   . GLY A 42 ? 0.0622 0.1212  0.0303 0.0096  0.0069  0.0056  42   GLY A N   
815  C CA  . GLY A 42 ? 0.0542 0.1022  0.0511 -0.0022 0.0173  0.0209  42   GLY A CA  
816  C C   . GLY A 42 ? 0.0428 0.1078  0.0400 -0.0110 0.0038  0.0198  42   GLY A C   
817  O O   . GLY A 42 ? 0.0551 0.1331  0.0679 -0.0359 0.0035  0.0171  42   GLY A O   
821  N N   A ASP A 43 ? 0.0363 0.0513  0.0390 0.0045  0.0065  0.0027  43   ASP A N   
822  N N   B ASP A 43 ? 0.0444 0.0505  0.0434 0.0118  0.0061  0.0063  43   ASP A N   
823  C CA  A ASP A 43 ? 0.0354 0.0349  0.0414 0.0041  -0.0008 -0.0018 43   ASP A CA  
824  C CA  B ASP A 43 ? 0.0268 0.0398  0.0419 -0.0004 0.0050  -0.0024 43   ASP A CA  
825  C C   A ASP A 43 ? 0.0272 0.0316  0.0376 0.0056  0.0018  -0.0024 43   ASP A C   
826  C C   B ASP A 43 ? 0.0239 0.0350  0.0792 -0.0019 -0.0215 -0.0021 43   ASP A C   
827  O O   A ASP A 43 ? 0.0303 0.0330  0.0385 0.0074  -0.0019 -0.0087 43   ASP A O   
828  O O   B ASP A 43 ? 0.0248 0.0384  0.0719 0.0070  -0.0150 -0.0175 43   ASP A O   
829  C CB  A ASP A 43 ? 0.0371 0.0397  0.0451 0.0127  -0.0015 -0.0011 43   ASP A CB  
830  C CB  B ASP A 43 ? 0.0310 0.0436  0.0582 0.0108  -0.0010 -0.0082 43   ASP A CB  
831  C CG  A ASP A 43 ? 0.0401 0.0460  0.0352 0.0093  -0.0003 -0.0048 43   ASP A CG  
832  C CG  B ASP A 43 ? 0.0324 0.0597  0.0447 0.0174  0.0023  -0.0017 43   ASP A CG  
833  O OD1 A ASP A 43 ? 0.0359 0.0595  0.0554 0.0074  0.0013  -0.0066 43   ASP A OD1 
834  O OD1 B ASP A 43 ? 0.0435 0.0946  0.1281 0.0113  0.0154  0.0161  43   ASP A OD1 
835  O OD2 A ASP A 43 ? 0.0399 0.0493  0.0712 0.0054  0.0016  -0.0174 43   ASP A OD2 
836  O OD2 B ASP A 43 ? 0.0469 0.0734  0.0947 0.0068  -0.0124 -0.0179 43   ASP A OD2 
847  N N   . TYR A 44 ? 0.0356 0.0354  0.0329 0.0106  0.0025  -0.0034 44   TYR A N   
848  C CA  . TYR A 44 ? 0.0321 0.0326  0.0297 0.0083  0.0022  -0.0073 44   TYR A CA  
849  C C   . TYR A 44 ? 0.0340 0.0398  0.0309 0.0134  0.0018  -0.0099 44   TYR A C   
850  O O   . TYR A 44 ? 0.0407 0.0396  0.0455 0.0136  0.0036  -0.0091 44   TYR A O   
851  C CB  . TYR A 44 ? 0.0389 0.0343  0.0348 0.0084  0.0013  -0.0060 44   TYR A CB  
852  C CG  . TYR A 44 ? 0.0392 0.0319  0.0310 0.0036  0.0015  -0.0053 44   TYR A CG  
853  C CD1 . TYR A 44 ? 0.0401 0.0500  0.0285 0.0047  -0.0024 -0.0068 44   TYR A CD1 
854  C CD2 . TYR A 44 ? 0.0379 0.0386  0.0321 0.0044  0.0008  -0.0031 44   TYR A CD2 
855  C CE1 . TYR A 44 ? 0.0394 0.0486  0.0309 -0.0003 -0.0032 -0.0041 44   TYR A CE1 
856  C CE2 . TYR A 44 ? 0.0403 0.0411  0.0309 0.0007  0.0018  -0.0031 44   TYR A CE2 
857  C CZ  . TYR A 44 ? 0.0348 0.0336  0.0357 0.0022  0.0011  -0.0032 44   TYR A CZ  
858  O OH  . TYR A 44 ? 0.0398 0.0465  0.0388 0.0041  0.0028  -0.0030 44   TYR A OH  
868  N N   . ALA A 45 ? 0.0329 0.0401  0.0306 0.0098  0.0035  -0.0058 45   ALA A N   
869  C CA  . ALA A 45 ? 0.0309 0.0553  0.0258 0.0108  0.0050  -0.0045 45   ALA A CA  
870  C C   . ALA A 45 ? 0.0309 0.0572  0.0253 0.0109  0.0065  -0.0042 45   ALA A C   
871  O O   . ALA A 45 ? 0.0318 0.0886  0.0290 0.0122  0.0088  -0.0048 45   ALA A O   
872  C CB  . ALA A 45 ? 0.0395 0.0673  0.0441 0.0102  0.0119  0.0091  45   ALA A CB  
878  N N   . ASN A 46 ? 0.0312 0.0527  0.0251 0.0087  0.0075  -0.0048 46   ASN A N   
879  C CA  . ASN A 46 ? 0.0308 0.0523  0.0258 0.0052  0.0074  -0.0043 46   ASN A CA  
880  C C   . ASN A 46 ? 0.0356 0.0606  0.0250 0.0088  0.0043  -0.0039 46   ASN A C   
881  O O   . ASN A 46 ? 0.0378 0.0557  0.0361 0.0112  0.0009  -0.0070 46   ASN A O   
882  C CB  . ASN A 46 ? 0.0455 0.0602  0.0329 -0.0030 0.0117  -0.0120 46   ASN A CB  
883  C CG  . ASN A 46 ? 0.0827 0.0586  0.0399 0.0045  0.0174  0.0001  46   ASN A CG  
884  O OD1 . ASN A 46 ? 0.1049 0.0849  0.0970 0.0352  0.0483  0.0188  46   ASN A OD1 
885  N ND2 . ASN A 46 ? 0.0851 0.0870  0.0923 -0.0162 0.0423  0.0232  46   ASN A ND2 
886  O OXT . ASN A 46 ? 0.0629 0.0709  0.0234 -0.0034 -0.0078 -0.0020 46   ASN A OXT 
893  C C1  . EOH B .  ? 0.0851 0.1570  0.1397 0.0407  0.0081  0.0818  2001 EOH A C1  
894  C C2  . EOH B .  ? 0.2926 0.2091  0.4474 -0.0344 0.1421  0.1072  2001 EOH A C2  
895  O O   . EOH B .  ? 0.1021 0.2455  0.1506 0.0076  0.0196  0.0533  2001 EOH A O   
896  C C1  A EOH C .  ? 0.2044 0.2044  0.2044 0.0000  0.0000  0.0000  2002 EOH A C1  
897  C C1  B EOH C .  ? 0.1685 0.1685  0.1685 0.0000  0.0000  0.0000  2002 EOH A C1  
898  C C2  A EOH C .  ? 0.3064 0.3064  0.3064 0.0000  0.0000  0.0000  2002 EOH A C2  
899  C C2  B EOH C .  ? 0.2615 0.2615  0.2615 0.0000  0.0000  0.0000  2002 EOH A C2  
900  O O   A EOH C .  ? 0.5125 0.1574  0.1023 0.0915  0.0295  -0.0838 2002 EOH A O   
901  O O   B EOH C .  ? 0.0989 0.1372  0.1188 -0.0519 0.0495  -0.0587 2002 EOH A O   
902  C C1  A EOH D .  ? 0.0748 0.1209  0.0704 -0.0477 -0.0014 0.0118  2003 EOH A C1  
903  C C1  B EOH D .  ? 0.1006 0.2051  0.0719 -0.0204 0.0137  0.0074  2003 EOH A C1  
904  C C2  A EOH D .  ? 0.0716 0.1078  0.1121 -0.0084 -0.0081 0.0057  2003 EOH A C2  
905  C C2  B EOH D .  ? 0.1885 0.1885  0.1885 0.0000  0.0000  0.0000  2003 EOH A C2  
906  O O   A EOH D .  ? 0.0342 0.0777  0.0405 0.0067  0.0065  0.0065  2003 EOH A O   
907  O O   B EOH D .  ? 0.0585 0.0950  0.0881 0.0072  0.0250  0.0351  2003 EOH A O   
908  C C1  . EOH E .  ? 0.9795 0.8250  0.2648 0.6621  0.3335  0.3008  2004 EOH A C1  
909  C C2  . EOH E .  ? 0.4022 0.2321  1.2109 0.1005  0.0310  -0.0452 2004 EOH A C2  
910  O O   . EOH E .  ? 0.0461 0.0645  0.0572 0.0008  0.0052  -0.0033 2004 EOH A O   
911  O O   . HOH F .  ? 0.0465 0.0351  0.0359 -0.0012 -0.0010 -0.0080 3001 HOH A O   
912  O O   . HOH F .  ? 0.0391 0.0532  0.0421 0.0053  0.0025  0.0050  3002 HOH A O   
913  O O   . HOH F .  ? 0.0474 0.0300  0.0374 0.0040  0.0025  -0.0026 3003 HOH A O   
914  O O   . HOH F .  ? 0.0453 0.0458  0.0726 0.0115  -0.0038 -0.0098 3004 HOH A O   
915  O O   . HOH F .  ? 0.0717 0.0529  0.1084 0.0071  -0.0395 0.0039  3005 HOH A O   
916  O O   . HOH F .  ? 0.0903 0.0445  0.0953 -0.0113 -0.0150 0.0084  3006 HOH A O   
917  O O   . HOH F .  ? 0.0453 0.0549  0.0630 -0.0005 0.0003  0.0168  3007 HOH A O   
918  O O   . HOH F .  ? 0.0376 0.0388  0.0445 -0.0049 -0.0011 0.0112  3008 HOH A O   
919  O O   . HOH F .  ? 0.0299 0.0321  0.0438 0.0020  -0.0038 0.0041  3009 HOH A O   
920  O O   . HOH F .  ? 0.0553 0.0688  0.0876 -0.0029 -0.0155 -0.0090 3010 HOH A O   
921  O O   . HOH F .  ? 0.0396 0.0558  0.0795 -0.0086 0.0047  0.0126  3011 HOH A O   
922  O O   . HOH F .  ? 0.0332 0.0660  0.0246 -0.0021 -0.0052 -0.0021 3013 HOH A O   
923  O O   . HOH F .  ? 0.0464 0.0560  0.0494 -0.0001 0.0131  -0.0035 3014 HOH A O   
924  O O   . HOH F .  ? 0.0563 0.0494  0.0425 -0.0082 0.0152  -0.0012 3015 HOH A O   
925  O O   . HOH F .  ? 0.1354 0.0378  0.1547 0.0024  0.0164  -0.0189 3016 HOH A O   
926  O O   A HOH F .  ? 0.0509 0.0509  0.0509 0.0000  0.0000  0.0000  3017 HOH A O   
927  O O   B HOH F .  ? 0.0611 0.0611  0.0611 0.0000  0.0000  0.0000  3017 HOH A O   
928  O O   . HOH F .  ? 0.0858 0.0499  0.0330 0.0171  -0.0115 -0.0074 3018 HOH A O   
929  O O   . HOH F .  ? 0.1506 0.0680  0.0531 0.0282  -0.0229 0.0002  3019 HOH A O   
930  O O   . HOH F .  ? 0.0386 0.0376  0.0429 0.0101  0.0015  -0.0041 3020 HOH A O   
931  O O   . HOH F .  ? 0.0691 0.0860  0.0945 -0.0139 0.0254  -0.0109 3021 HOH A O   
932  O O   . HOH F .  ? 0.0487 0.0542  0.0253 -0.0122 -0.0039 0.0001  3022 HOH A O   
933  O O   A HOH F .  ? 0.1054 0.1054  0.1054 0.0000  0.0000  0.0000  3023 HOH A O   
934  O O   B HOH F .  ? 0.0348 0.0348  0.0348 0.0000  0.0000  0.0000  3023 HOH A O   
935  O O   A HOH F .  ? 0.0572 0.0572  0.0572 0.0000  0.0000  0.0000  3024 HOH A O   
936  O O   B HOH F .  ? 0.1282 0.1282  0.1282 0.0000  0.0000  0.0000  3024 HOH A O   
937  O O   . HOH F .  ? 0.0647 0.1027  0.0655 -0.0088 0.0150  -0.0032 3025 HOH A O   
938  O O   . HOH F .  ? 0.0679 0.0435  0.0657 0.0104  0.0281  -0.0041 3027 HOH A O   
939  O O   . HOH F .  ? 0.3338 0.5081  0.5019 0.0644  0.2927  -0.1511 3028 HOH A O   
940  O O   . HOH F .  ? 0.0972 0.2200  0.1179 0.0330  -0.0002 -0.0186 3030 HOH A O   
941  O O   . HOH F .  ? 0.2700 0.4719  0.2435 -0.2465 0.0396  -0.0676 3031 HOH A O   
942  O O   A HOH F .  ? 0.0636 0.0636  0.0636 0.0000  0.0000  0.0000  3032 HOH A O   
943  O O   B HOH F .  ? 0.1862 0.1862  0.1862 0.0000  0.0000  0.0000  3032 HOH A O   
944  O O   A HOH F .  ? 0.1810 0.1810  0.1810 0.0000  0.0000  0.0000  3033 HOH A O   
945  O O   B HOH F .  ? 0.0744 0.0744  0.0744 0.0000  0.0000  0.0000  3033 HOH A O   
946  O O   . HOH F .  ? 0.1399 0.1835  0.1411 -0.0040 -0.0132 -0.0805 3035 HOH A O   
947  O O   . HOH F .  ? 0.1814 0.1404  0.1545 -0.0035 -0.0051 -0.0242 3036 HOH A O   
948  O O   A HOH F .  ? 0.1107 0.1107  0.1107 0.0000  0.0000  0.0000  3038 HOH A O   
949  O O   B HOH F .  ? 0.0645 0.0645  0.0645 0.0000  0.0000  0.0000  3038 HOH A O   
950  O O   . HOH F .  ? 0.0482 0.0585  0.0631 0.0150  -0.0103 -0.0245 3039 HOH A O   
951  O O   . HOH F .  ? 0.0961 0.1610  0.2099 0.0655  -0.0750 -0.0790 3040 HOH A O   
952  O O   A HOH F .  ? 0.0613 0.0613  0.0613 0.0000  0.0000  0.0000  3041 HOH A O   
953  O O   B HOH F .  ? 0.1975 0.1975  0.1975 0.0000  0.0000  0.0000  3041 HOH A O   
954  O O   C HOH F .  ? 0.2668 0.2668  0.2668 0.0000  0.0000  0.0000  3041 HOH A O   
955  O O   A HOH F .  ? 0.0843 0.0843  0.0843 0.0000  0.0000  0.0000  3042 HOH A O   
956  O O   B HOH F .  ? 0.0996 0.0996  0.0996 0.0000  0.0000  0.0000  3042 HOH A O   
957  O O   . HOH F .  ? 0.1151 0.1140  0.1044 -0.0144 0.0191  0.0216  3043 HOH A O   
958  O O   A HOH F .  ? 0.0543 0.0543  0.0543 0.0000  0.0000  0.0000  3045 HOH A O   
959  O O   B HOH F .  ? 0.1494 0.1494  0.1494 0.0000  0.0000  0.0000  3045 HOH A O   
960  O O   A HOH F .  ? 0.0424 0.0424  0.0424 0.0000  0.0000  0.0000  3047 HOH A O   
961  O O   B HOH F .  ? 0.1459 0.1459  0.1459 0.0000  0.0000  0.0000  3047 HOH A O   
962  O O   A HOH F .  ? 0.0846 0.0846  0.0846 0.0000  0.0000  0.0000  3048 HOH A O   
963  O O   B HOH F .  ? 0.1035 0.1035  0.1035 0.0000  0.0000  0.0000  3048 HOH A O   
964  O O   . HOH F .  ? 0.0698 0.1026  0.0948 0.0027  -0.0090 -0.0008 3051 HOH A O   
965  O O   A HOH F .  ? 0.0691 0.0691  0.0691 0.0000  0.0000  0.0000  3052 HOH A O   
966  O O   B HOH F .  ? 0.2287 0.2287  0.2287 0.0000  0.0000  0.0000  3052 HOH A O   
967  O O   . HOH F .  ? 0.2794 0.1078  0.2861 0.0555  0.0092  0.0475  3053 HOH A O   
968  O O   . HOH F .  ? 0.4035 0.1239  0.2496 -0.0084 -0.0186 -0.0046 3054 HOH A O   
969  O O   . HOH F .  ? 0.2476 0.0982  0.3752 0.0117  0.1576  -0.0772 3055 HOH A O   
970  O O   . HOH F .  ? 0.1187 0.2487  0.0535 -0.0341 -0.0121 -0.0016 3057 HOH A O   
971  O O   . HOH F .  ? 0.0683 0.1160  0.2468 -0.0164 0.0545  -0.0507 3058 HOH A O   
972  O O   . HOH F .  ? 0.1470 0.3412  0.2211 0.0784  0.0432  -0.0715 3059 HOH A O   
973  O O   . HOH F .  ? 0.3075 0.4233  0.2117 0.1573  0.0957  0.0770  3060 HOH A O   
974  O O   . HOH F .  ? 0.0751 0.2543  0.0596 -0.0679 -0.0289 0.0667  3063 HOH A O   
975  O O   A HOH F .  ? 0.1262 0.1262  0.1262 0.0000  0.0000  0.0000  3066 HOH A O   
976  O O   B HOH F .  ? 0.2541 0.2541  0.2541 0.0000  0.0000  0.0000  3066 HOH A O   
977  O O   A HOH F .  ? 0.1021 0.1021  0.1021 0.0000  0.0000  0.0000  3068 HOH A O   
978  O O   . HOH F .  ? 0.2619 0.1426  0.1054 -0.1220 0.0591  -0.0553 3069 HOH A O   
979  O O   . HOH F .  ? 0.0670 0.1994  0.3061 -0.0353 0.0252  -0.1473 3071 HOH A O   
980  O O   . HOH F .  ? 0.1883 0.0823  0.0985 -0.0464 -0.0344 -0.0086 3072 HOH A O   
981  O O   A HOH F .  ? 0.1139 0.3041  0.1641 0.0596  0.0358  0.0537  3073 HOH A O   
982  O O   . HOH F .  ? 0.3035 0.2801  0.5200 0.0228  0.2425  -0.0458 3074 HOH A O   
983  O O   . HOH F .  ? 0.1575 0.2565  0.5313 0.0035  -0.0030 0.0993  3075 HOH A O   
984  O O   . HOH F .  ? 0.3087 0.3778  0.5372 -0.1066 0.1898  -0.0230 3076 HOH A O   
985  O O   . HOH F .  ? 0.1310 0.1446  0.3045 -0.0373 0.0203  -0.0101 3079 HOH A O   
986  O O   B HOH F .  ? 0.0540 0.0540  0.0540 0.0000  0.0000  0.0000  3081 HOH A O   
987  O O   A HOH F .  ? 0.1273 0.1273  0.1273 0.0000  0.0000  0.0000  3082 HOH A O   
988  O O   B HOH F .  ? 0.2975 0.2975  0.2975 0.0000  0.0000  0.0000  3082 HOH A O   
989  O O   A HOH F .  ? 0.0943 0.0943  0.0943 0.0000  0.0000  0.0000  3083 HOH A O   
990  O O   A HOH F .  ? 0.1436 0.1436  0.1436 0.0000  0.0000  0.0000  3084 HOH A O   
991  O O   B HOH F .  ? 0.1386 0.1386  0.1386 0.0000  0.0000  0.0000  3084 HOH A O   
992  O O   . HOH F .  ? 1.4246 0.2152  1.3499 0.3334  -1.3498 -0.4264 3085 HOH A O   
993  O O   . HOH F .  ? 0.3022 0.3150  0.1707 0.0433  0.1260  0.0383  3086 HOH A O   
994  O O   . HOH F .  ? 0.3896 0.1938  0.2249 -0.0687 0.1150  0.0639  3087 HOH A O   
995  O O   . HOH F .  ? 0.2783 0.2540  0.5711 0.0541  -0.2146 -0.2524 3088 HOH A O   
996  O O   . HOH F .  ? 0.0931 0.2613  0.6384 -0.0184 0.1091  -0.1366 3090 HOH A O   
997  O O   . HOH F .  ? 0.1195 0.2064  0.2031 0.0606  -0.0280 0.0052  3091 HOH A O   
998  O O   . HOH F .  ? 0.6093 1.4128  0.1407 0.6710  0.0580  0.1644  3092 HOH A O   
999  O O   . HOH F .  ? 0.4325 0.4673  0.2622 0.3275  0.0546  -0.0386 3093 HOH A O   
1000 O O   . HOH F .  ? 0.5747 0.2441  0.1916 0.1191  0.0265  0.0256  3094 HOH A O   
1001 O O   . HOH F .  ? 0.4944 0.5431  0.2592 0.2204  -0.0188 0.1404  3095 HOH A O   
1002 O O   . HOH F .  ? 0.5996 0.3894  0.1910 0.0466  -0.0674 -0.1487 3096 HOH A O   
1003 O O   . HOH F .  ? 0.2904 1.0018  0.4863 -0.1824 -0.0165 -0.0845 3098 HOH A O   
1004 O O   . HOH F .  ? 0.4185 0.2517  0.3065 -0.0830 -0.0425 0.0075  3099 HOH A O   
1005 O O   . HOH F .  ? 0.5419 0.4436  0.4256 -0.2303 0.0300  0.0307  3101 HOH A O   
1006 O O   A HOH F .  ? 0.2451 0.2451  0.2451 0.0000  0.0000  0.0000  3102 HOH A O   
1007 O O   B HOH F .  ? 0.1593 0.1593  0.1593 0.0000  0.0000  0.0000  3102 HOH A O   
1008 O O   B HOH F .  ? 0.2245 0.2245  0.2245 0.0000  0.0000  0.0000  3103 HOH A O   
1009 O O   A HOH F .  ? 0.2072 0.3796  0.3040 -0.1668 -0.0688 -0.0092 3106 HOH A O   
1010 O O   A HOH F .  ? 0.1771 0.1771  0.1771 0.0000  0.0000  0.0000  3107 HOH A O   
1011 O O   B HOH F .  ? 0.1729 0.1729  0.1729 0.0000  0.0000  0.0000  3107 HOH A O   
1012 O O   . HOH F .  ? 0.8457 0.4209  0.1032 0.3768  -0.0536 0.0246  3108 HOH A O   
1013 O O   . HOH F .  ? 0.4782 1.6736  0.3657 0.0556  0.0375  -0.5912 3109 HOH A O   
1014 O O   . HOH F .  ? 0.7999 0.5681  0.4618 0.2383  0.1072  -0.3364 3110 HOH A O   
1015 O O   D HOH F .  ? 0.1643 0.1643  0.1643 0.0000  0.0000  0.0000  3111 HOH A O   
1016 O O   B HOH F .  ? 0.1166 0.1166  0.1166 0.0000  0.0000  0.0000  3112 HOH A O   
1017 O O   . HOH F .  ? 0.7130 0.6000  0.9053 0.3609  -0.3772 0.1485  3113 HOH A O   
1018 O O   . HOH F .  ? 0.8504 1.0357  0.7653 0.0438  0.0821  0.1868  3114 HOH A O   
1019 O O   A HOH F .  ? 0.4405 0.4405  0.4405 0.0000  0.0000  0.0000  3115 HOH A O   
1020 O O   . HOH F .  ? 0.9698 0.2451  0.2681 -0.0087 -0.1007 0.0101  3116 HOH A O   
1021 O O   . HOH F .  ? 1.0841 1.2037  0.3530 0.8166  0.2299  0.3221  3117 HOH A O   
1022 O O   . HOH F .  ? 0.4772 0.6414  0.5029 0.0737  -0.0844 0.3161  3118 HOH A O   
1023 O O   . HOH F .  ? 0.7061 1.4444  0.6811 -0.5582 0.4268  -0.6858 3119 HOH A O   
1024 O O   . HOH F .  ? 0.6054 0.3960  0.6718 0.2593  -0.0624 0.1655  3120 HOH A O   
1025 O O   . HOH F .  ? 1.1530 1.3789  0.9133 0.6400  -0.5933 -0.8858 3121 HOH A O   
1026 O O   . HOH F .  ? 1.4993 0.6377  0.1961 0.7046  -0.2217 0.0076  3123 HOH A O   
# 
